data_8A5E
#
_entry.id   8A5E
#
loop_
_entity.id
_entity.type
_entity.pdbx_description
1 polymer 'Iron hydrogenase HydA1'
2 polymer 'Iron hydrogenase HydB'
3 polymer 'Iron hydrogenase HydC'
4 non-polymer 'IRON/SULFUR CLUSTER'
5 non-polymer 'FE2/S2 (INORGANIC) CLUSTER'
6 non-polymer '2 IRON/2 SULFUR/5 CARBONYL/2 WATER INORGANIC CLUSTER'
7 non-polymer 'ZINC ION'
8 non-polymer 'FLAVIN MONONUCLEOTIDE'
9 non-polymer '1,4-DIHYDRONICOTINAMIDE ADENINE DINUCLEOTIDE'
#
loop_
_entity_poly.entity_id
_entity_poly.type
_entity_poly.pdbx_seq_one_letter_code
_entity_poly.pdbx_strand_id
1 'polypeptide(L)'
;MKEITFKINGQEMIVPEGTTILEAARMNNIDIPTLCYLKDINEIGACRMCLVEIAGARALQAACVYPVANGIEVLTNSPK
VREARRVNLELILSNHNRECTTCIRSENCELQTLATDLGVSDIPFEGEKSGKLIDDLSTSVVRDESKCILCKRCVSVCRD
VQSVAVLGTVGRGFTSQVQPVFNKSLADVGCINCGQCIINCPVGALKEKSDIQRVWDAIADPSKTVIVQTAPAVRAALGE
EFGYPMGTSVTGKMAAALRRLGFDKVFDTDFGADVCIMEEGTELIGRVTNGGVLPMITSCSPGWIKFIETYYPEAIPHLS
SCKSPQNITGALLKNHYAQTNNIDPKDMVVVSIMPCTAKKYEVQREELCTDGNADVDISITTRELARMIKEARILFNKLP
DEDFDDYYGESTGAAVIFGATGGVMEAAVRTVADVLNKKDIQEIDYQIVRGVDGIKKASVEVTPDLTVNLVVAHGGANIR
EVMEQLKAGELADTHFIELMACPGGCVNGGGQPIVSAKDKMDIDIRTERAKALYDEDANVLTYRKSHQNPSVIRLYEEYL
EEPNSPKAHHILHTKYSAKPKLV
;
A,D
2 'polypeptide(L)'
;MAYKRSQILICGGTGCTSSGSMVLVKELKKELVKHDILDEVEVVTTGCFGLCELGPVVIVYPEGTFYSRVEAADIPEMVE
EHLVKGRPLDRLIYNEKGDGHHPLSINELGFFKKQRRIALANCGVINPENIDEYIGFDGYLALEKVLLTMSPVDVINEVK
ASGLRGRGGGGFPTGLKWQFAHDAVSEDGIKYVACNADEGDPGAFMDRSVLEGDPHAVIEAMAIAGYAVGASKGYVYVRA
EYPIAVNRLQIAIDQAKEYGILGENIFETDFSFDLEIRLGAGAFVCGEETALMNSIEGKRGEPRPRPPFPANKGLFGKPT
VLNNVETYANIPKIILNGAEWFASVGTEKSKGTKVFALGGKINNTGLLEIPMGTTLREIIYEIGGGIPNGKAFKAAQTGG
PSGGCLPESLLDTEIDYDNLIAAGSMMGSGGLIVMDEDNCMVDVARFFLDFTQDESCGKCPPCRIGTKRMLEILERICDG
KGVEGDIERLEELAVGIKSSALCGLGQTAPNPVLSTIRFFRDEYEAHIRDKKCPAGVCKHLLDFKINADTCKGCGICAKK
CPADAISGEKKKPYNIDTSKCIKCGACIEACPFGSISKA
;
B
3 'polypeptide(L)'
;MAELIPVENLDVVKAIVAEHREVPGCLMQILQETQLKYGYLPLELQGTIADELGIPLTEVYGVATFYSQFTLKPKGKYKI
GICLGTACYVRGSQAIIDKVNSVLGTQVGDTTEDGKWSVDATRCVGACGLAPVMMINEEVFGRLTVDEIPGILEKY
;
C
#
# COMPACT_ATOMS: atom_id res chain seq x y z
N MET A 1 25.57 -26.35 7.39
CA MET A 1 24.46 -25.41 7.54
C MET A 1 24.42 -24.87 8.97
N LYS A 2 24.75 -23.60 9.12
CA LYS A 2 24.73 -22.96 10.43
C LYS A 2 23.29 -22.74 10.90
N GLU A 3 23.04 -23.08 12.17
CA GLU A 3 21.71 -22.98 12.75
C GLU A 3 21.67 -21.78 13.70
N ILE A 4 20.84 -20.79 13.38
CA ILE A 4 20.70 -19.58 14.17
C ILE A 4 19.48 -19.74 15.07
N THR A 5 19.70 -19.57 16.38
CA THR A 5 18.63 -19.56 17.36
C THR A 5 18.21 -18.11 17.56
N PHE A 6 16.90 -17.86 17.66
CA PHE A 6 16.52 -16.49 17.97
C PHE A 6 15.14 -16.46 18.60
N LYS A 7 14.88 -15.38 19.32
CA LYS A 7 13.60 -15.09 19.93
C LYS A 7 12.93 -13.95 19.18
N ILE A 8 11.64 -14.10 18.90
CA ILE A 8 10.80 -13.04 18.37
C ILE A 8 9.60 -12.86 19.30
N ASN A 9 9.50 -11.68 19.91
CA ASN A 9 8.36 -11.31 20.75
C ASN A 9 8.13 -12.30 21.88
N GLY A 10 9.17 -13.06 22.23
CA GLY A 10 9.07 -14.06 23.28
C GLY A 10 8.91 -15.48 22.81
N GLN A 11 9.24 -15.79 21.56
CA GLN A 11 9.16 -17.14 21.03
C GLN A 11 10.49 -17.48 20.36
N GLU A 12 11.17 -18.49 20.89
CA GLU A 12 12.49 -18.85 20.37
C GLU A 12 12.40 -20.04 19.43
N MET A 13 13.19 -20.01 18.37
CA MET A 13 13.10 -21.00 17.30
C MET A 13 14.34 -20.92 16.41
N ILE A 14 14.52 -21.94 15.59
CA ILE A 14 15.76 -22.22 14.86
C ILE A 14 15.53 -21.94 13.39
N VAL A 15 16.46 -21.20 12.76
CA VAL A 15 16.40 -20.96 11.33
C VAL A 15 17.76 -21.24 10.71
N PRO A 16 17.80 -21.47 9.40
CA PRO A 16 19.07 -21.36 8.69
C PRO A 16 19.53 -19.91 8.62
N GLU A 17 20.82 -19.73 8.33
CA GLU A 17 21.39 -18.40 8.22
C GLU A 17 20.74 -17.64 7.08
N GLY A 18 20.38 -16.38 7.34
CA GLY A 18 19.79 -15.53 6.33
C GLY A 18 18.28 -15.40 6.38
N THR A 19 17.64 -15.92 7.43
CA THR A 19 16.18 -15.87 7.52
C THR A 19 15.73 -14.52 8.04
N THR A 20 14.87 -13.84 7.27
CA THR A 20 14.33 -12.57 7.70
C THR A 20 13.30 -12.77 8.81
N ILE A 21 13.09 -11.70 9.58
CA ILE A 21 12.17 -11.77 10.71
C ILE A 21 10.73 -11.87 10.22
N LEU A 22 10.45 -11.33 9.04
CA LEU A 22 9.07 -11.36 8.52
C LEU A 22 8.62 -12.78 8.24
N GLU A 23 9.48 -13.60 7.64
CA GLU A 23 9.12 -15.00 7.37
C GLU A 23 8.85 -15.74 8.68
N ALA A 24 9.72 -15.54 9.68
CA ALA A 24 9.53 -16.21 10.96
C ALA A 24 8.24 -15.78 11.63
N ALA A 25 7.92 -14.48 11.57
CA ALA A 25 6.69 -14.00 12.17
C ALA A 25 5.47 -14.56 11.45
N ARG A 26 5.51 -14.61 10.11
CA ARG A 26 4.37 -15.14 9.36
C ARG A 26 4.17 -16.62 9.64
N MET A 27 5.26 -17.40 9.70
CA MET A 27 5.14 -18.83 9.95
C MET A 27 4.95 -19.14 11.43
N ASN A 28 4.96 -18.12 12.29
CA ASN A 28 4.66 -18.30 13.70
C ASN A 28 3.46 -17.47 14.14
N ASN A 29 2.56 -17.14 13.20
CA ASN A 29 1.30 -16.46 13.47
C ASN A 29 1.54 -15.04 14.00
N ILE A 30 2.26 -14.25 13.20
CA ILE A 30 2.36 -12.81 13.35
C ILE A 30 2.39 -12.19 11.96
N ASP A 31 1.54 -11.19 11.73
CA ASP A 31 1.45 -10.55 10.42
C ASP A 31 1.90 -9.10 10.51
N ILE A 32 2.60 -8.63 9.48
CA ILE A 32 3.15 -7.28 9.43
C ILE A 32 2.81 -6.65 8.08
N PRO A 33 2.39 -5.38 8.04
CA PRO A 33 2.04 -4.76 6.75
C PRO A 33 3.22 -4.71 5.79
N THR A 34 2.92 -4.79 4.50
CA THR A 34 3.93 -4.95 3.45
C THR A 34 3.39 -4.39 2.15
N LEU A 35 4.24 -3.70 1.37
CA LEU A 35 3.86 -3.20 0.06
C LEU A 35 4.82 -3.59 -1.06
N CYS A 36 6.13 -3.57 -0.81
CA CYS A 36 7.12 -3.71 -1.87
C CYS A 36 7.86 -5.04 -1.84
N TYR A 37 7.41 -5.99 -1.03
CA TYR A 37 8.13 -7.25 -0.84
C TYR A 37 7.41 -8.38 -1.55
N LEU A 38 8.13 -9.05 -2.44
CA LEU A 38 7.68 -10.26 -3.11
C LEU A 38 8.72 -11.35 -2.92
N LYS A 39 8.28 -12.60 -2.94
CA LYS A 39 9.17 -13.72 -2.68
C LYS A 39 10.16 -13.87 -3.84
N ASP A 40 11.45 -13.78 -3.52
CA ASP A 40 12.56 -13.97 -4.44
C ASP A 40 12.50 -13.04 -5.65
N ILE A 41 11.78 -11.92 -5.56
CA ILE A 41 11.69 -10.99 -6.67
C ILE A 41 12.11 -9.59 -6.21
N ASN A 42 11.50 -9.09 -5.15
CA ASN A 42 11.69 -7.72 -4.70
C ASN A 42 12.01 -7.72 -3.20
N GLU A 43 13.29 -7.59 -2.87
CA GLU A 43 13.75 -7.38 -1.50
C GLU A 43 14.73 -6.20 -1.55
N ILE A 44 14.18 -4.99 -1.46
CA ILE A 44 14.98 -3.78 -1.65
C ILE A 44 14.82 -2.89 -0.42
N GLY A 45 13.72 -3.04 0.31
CA GLY A 45 13.48 -2.20 1.47
C GLY A 45 13.13 -0.77 1.12
N ALA A 46 12.25 -0.57 0.14
CA ALA A 46 11.96 0.77 -0.36
C ALA A 46 10.65 1.36 0.16
N CYS A 47 9.64 0.53 0.41
CA CYS A 47 8.35 1.09 0.83
C CYS A 47 8.42 1.75 2.20
N ARG A 48 9.19 1.19 3.13
CA ARG A 48 9.34 1.71 4.48
C ARG A 48 7.99 1.73 5.21
N MET A 49 7.44 0.52 5.37
CA MET A 49 6.13 0.34 6.00
C MET A 49 6.08 -0.82 7.00
N CYS A 50 7.00 -1.78 6.95
CA CYS A 50 7.00 -2.91 7.86
C CYS A 50 7.90 -2.67 9.05
N LEU A 51 7.98 -1.42 9.52
CA LEU A 51 8.89 -1.08 10.60
C LEU A 51 8.52 -1.79 11.90
N VAL A 52 9.51 -2.39 12.54
CA VAL A 52 9.31 -3.11 13.79
C VAL A 52 10.36 -2.63 14.79
N GLU A 53 9.90 -2.29 16.00
CA GLU A 53 10.80 -1.80 17.03
C GLU A 53 11.73 -2.91 17.50
N ILE A 54 13.01 -2.58 17.65
CA ILE A 54 14.01 -3.51 18.13
C ILE A 54 14.68 -2.88 19.36
N ALA A 55 14.73 -3.62 20.45
CA ALA A 55 15.33 -3.10 21.68
C ALA A 55 16.82 -2.86 21.50
N GLY A 56 17.28 -1.68 21.92
CA GLY A 56 18.66 -1.31 21.80
C GLY A 56 19.04 -0.69 20.47
N ALA A 57 18.10 -0.55 19.54
CA ALA A 57 18.37 0.02 18.23
C ALA A 57 18.21 1.53 18.26
N ARG A 58 18.88 2.20 17.32
CA ARG A 58 18.77 3.65 17.22
C ARG A 58 17.36 4.08 16.82
N ALA A 59 16.80 3.46 15.79
CA ALA A 59 15.48 3.79 15.31
C ALA A 59 14.77 2.51 14.88
N LEU A 60 13.58 2.68 14.31
CA LEU A 60 12.83 1.52 13.83
C LEU A 60 13.51 0.92 12.60
N GLN A 61 13.50 -0.41 12.54
CA GLN A 61 14.15 -1.14 11.47
C GLN A 61 13.11 -1.78 10.56
N ALA A 62 13.50 -2.01 9.30
CA ALA A 62 12.61 -2.66 8.36
C ALA A 62 12.65 -4.17 8.54
N ALA A 63 11.48 -4.77 8.73
CA ALA A 63 11.40 -6.19 9.04
C ALA A 63 11.67 -7.09 7.84
N CYS A 64 11.21 -6.70 6.66
CA CYS A 64 11.21 -7.63 5.52
C CYS A 64 12.63 -7.93 5.05
N VAL A 65 13.58 -7.03 5.32
CA VAL A 65 14.94 -7.19 4.80
C VAL A 65 15.92 -7.20 5.99
N TYR A 66 15.46 -7.68 7.14
CA TYR A 66 16.31 -7.69 8.32
C TYR A 66 16.76 -9.12 8.61
N PRO A 67 18.03 -9.45 8.42
CA PRO A 67 18.53 -10.76 8.85
C PRO A 67 18.58 -10.84 10.36
N VAL A 68 18.14 -11.99 10.91
CA VAL A 68 18.02 -12.13 12.35
C VAL A 68 19.30 -12.68 12.94
N ALA A 69 19.63 -12.22 14.15
CA ALA A 69 20.80 -12.67 14.87
C ALA A 69 20.38 -13.26 16.21
N ASN A 70 21.35 -13.87 16.89
CA ASN A 70 21.08 -14.60 18.13
C ASN A 70 20.80 -13.63 19.28
N GLY A 71 19.71 -13.90 20.01
CA GLY A 71 19.45 -13.24 21.27
C GLY A 71 18.89 -11.84 21.19
N ILE A 72 18.17 -11.49 20.13
CA ILE A 72 17.59 -10.16 20.03
C ILE A 72 16.25 -10.13 20.77
N GLU A 73 15.76 -8.91 21.02
CA GLU A 73 14.47 -8.69 21.66
C GLU A 73 13.65 -7.77 20.77
N VAL A 74 12.44 -8.23 20.41
CA VAL A 74 11.62 -7.56 19.40
C VAL A 74 10.24 -7.30 19.98
N LEU A 75 9.75 -6.08 19.77
CA LEU A 75 8.39 -5.69 20.08
C LEU A 75 7.75 -5.14 18.82
N THR A 76 6.47 -5.44 18.61
CA THR A 76 5.80 -5.10 17.36
C THR A 76 4.60 -4.18 17.54
N ASN A 77 4.24 -3.84 18.76
CA ASN A 77 3.03 -3.04 19.00
C ASN A 77 3.28 -1.96 20.04
N SER A 78 4.43 -1.30 19.97
CA SER A 78 4.62 -0.08 20.72
C SER A 78 3.92 1.08 20.02
N PRO A 79 3.44 2.07 20.78
CA PRO A 79 2.73 3.20 20.14
C PRO A 79 3.58 3.94 19.12
N LYS A 80 4.90 3.96 19.29
CA LYS A 80 5.78 4.59 18.31
C LYS A 80 5.64 3.91 16.95
N VAL A 81 5.57 2.58 16.93
CA VAL A 81 5.48 1.85 15.68
C VAL A 81 4.17 2.18 14.96
N ARG A 82 3.06 2.19 15.70
CA ARG A 82 1.77 2.50 15.10
C ARG A 82 1.76 3.93 14.56
N GLU A 83 2.29 4.88 15.33
CA GLU A 83 2.32 6.26 14.86
C GLU A 83 3.18 6.41 13.61
N ALA A 84 4.34 5.76 13.58
CA ALA A 84 5.20 5.84 12.41
C ALA A 84 4.53 5.23 11.18
N ARG A 85 3.88 4.08 11.34
CA ARG A 85 3.18 3.47 10.22
C ARG A 85 2.06 4.37 9.70
N ARG A 86 1.29 4.96 10.61
CA ARG A 86 0.21 5.84 10.19
C ARG A 86 0.73 7.07 9.45
N VAL A 87 1.81 7.66 9.96
CA VAL A 87 2.39 8.83 9.31
C VAL A 87 2.91 8.47 7.92
N ASN A 88 3.59 7.32 7.81
CA ASN A 88 4.11 6.89 6.52
C ASN A 88 2.99 6.62 5.51
N LEU A 89 1.91 5.98 5.95
CA LEU A 89 0.78 5.75 5.04
C LEU A 89 0.14 7.06 4.60
N GLU A 90 -0.01 8.02 5.52
CA GLU A 90 -0.57 9.30 5.14
C GLU A 90 0.37 10.07 4.23
N LEU A 91 1.67 9.81 4.32
CA LEU A 91 2.63 10.44 3.42
C LEU A 91 2.57 9.82 2.03
N ILE A 92 2.48 8.50 1.95
CA ILE A 92 2.38 7.83 0.65
C ILE A 92 1.07 8.17 -0.04
N LEU A 93 -0.01 8.31 0.74
CA LEU A 93 -1.33 8.57 0.17
C LEU A 93 -1.49 10.01 -0.31
N SER A 94 -0.51 10.88 -0.04
CA SER A 94 -0.64 12.28 -0.42
C SER A 94 -0.34 12.52 -1.90
N ASN A 95 0.34 11.58 -2.55
CA ASN A 95 0.66 11.69 -3.97
C ASN A 95 -0.23 10.82 -4.84
N HIS A 96 -0.77 9.74 -4.29
CA HIS A 96 -1.70 8.86 -4.99
C HIS A 96 -2.93 9.63 -5.46
N ASN A 97 -3.44 9.26 -6.63
CA ASN A 97 -4.77 9.71 -7.04
C ASN A 97 -5.82 8.86 -6.34
N ARG A 98 -6.78 9.54 -5.69
CA ARG A 98 -7.71 8.88 -4.77
C ARG A 98 -9.14 8.80 -5.30
N GLU A 99 -9.31 8.51 -6.59
CA GLU A 99 -10.64 8.20 -7.13
C GLU A 99 -10.85 6.69 -7.19
N CYS A 100 -11.17 6.11 -6.02
CA CYS A 100 -11.36 4.68 -5.88
C CYS A 100 -12.64 4.17 -6.54
N THR A 101 -13.64 5.05 -6.73
CA THR A 101 -14.88 4.61 -7.36
C THR A 101 -14.69 4.42 -8.86
N THR A 102 -13.69 5.08 -9.45
CA THR A 102 -13.45 5.03 -10.89
C THR A 102 -12.13 4.32 -11.18
N CYS A 103 -11.63 3.57 -10.20
CA CYS A 103 -10.40 2.82 -10.37
C CYS A 103 -10.72 1.38 -10.75
N ILE A 104 -9.99 0.89 -11.75
CA ILE A 104 -10.29 -0.43 -12.32
C ILE A 104 -10.04 -1.55 -11.31
N ARG A 105 -9.02 -1.40 -10.46
CA ARG A 105 -8.71 -2.47 -9.51
C ARG A 105 -9.65 -2.42 -8.31
N SER A 106 -9.65 -1.32 -7.57
CA SER A 106 -10.61 -1.06 -6.51
C SER A 106 -10.65 -2.15 -5.45
N GLU A 107 -11.58 -3.10 -5.60
CA GLU A 107 -11.94 -4.00 -4.50
C GLU A 107 -10.74 -4.82 -4.01
N ASN A 108 -9.75 -5.04 -4.86
CA ASN A 108 -8.57 -5.82 -4.48
C ASN A 108 -7.29 -5.02 -4.60
N CYS A 109 -7.29 -3.76 -4.18
CA CYS A 109 -6.09 -2.94 -4.15
C CYS A 109 -5.40 -3.06 -2.80
N GLU A 110 -4.08 -3.25 -2.80
CA GLU A 110 -3.34 -3.37 -1.55
C GLU A 110 -3.35 -2.06 -0.75
N LEU A 111 -3.23 -0.93 -1.44
CA LEU A 111 -3.21 0.35 -0.75
C LEU A 111 -4.53 0.62 -0.02
N GLN A 112 -5.65 0.31 -0.66
CA GLN A 112 -6.94 0.49 -0.01
C GLN A 112 -7.08 -0.41 1.21
N THR A 113 -6.62 -1.66 1.09
CA THR A 113 -6.68 -2.58 2.23
C THR A 113 -5.84 -2.07 3.40
N LEU A 114 -4.63 -1.57 3.12
CA LEU A 114 -3.80 -1.05 4.19
C LEU A 114 -4.38 0.22 4.79
N ALA A 115 -4.99 1.08 3.97
CA ALA A 115 -5.62 2.27 4.49
C ALA A 115 -6.80 1.93 5.39
N THR A 116 -7.57 0.90 5.02
CA THR A 116 -8.70 0.48 5.86
C THR A 116 -8.24 -0.18 7.14
N ASP A 117 -7.21 -1.02 7.07
CA ASP A 117 -6.78 -1.77 8.25
C ASP A 117 -6.22 -0.85 9.33
N LEU A 118 -5.30 0.04 8.95
CA LEU A 118 -4.62 0.90 9.92
C LEU A 118 -5.47 2.09 10.36
N GLY A 119 -6.59 2.34 9.70
CA GLY A 119 -7.47 3.42 10.12
C GLY A 119 -6.95 4.82 9.82
N VAL A 120 -6.82 5.16 8.54
CA VAL A 120 -6.37 6.49 8.15
C VAL A 120 -7.57 7.44 8.22
N SER A 121 -7.64 8.23 9.29
CA SER A 121 -8.77 9.12 9.53
C SER A 121 -8.73 10.37 8.63
N ASP A 122 -7.62 11.08 8.63
CA ASP A 122 -7.52 12.35 7.91
C ASP A 122 -6.21 12.43 7.13
N ILE A 123 -6.21 13.21 6.07
CA ILE A 123 -5.01 13.46 5.28
C ILE A 123 -4.58 14.90 5.50
N PRO A 124 -3.57 15.16 6.34
CA PRO A 124 -3.20 16.55 6.62
C PRO A 124 -2.30 17.15 5.56
N PHE A 125 -1.56 16.32 4.82
CA PHE A 125 -0.49 16.82 3.96
C PHE A 125 -1.00 16.99 2.53
N GLU A 126 -1.14 18.24 2.09
CA GLU A 126 -1.55 18.53 0.73
C GLU A 126 -0.33 18.95 -0.08
N GLY A 127 -0.56 19.37 -1.32
CA GLY A 127 0.53 19.85 -2.15
C GLY A 127 0.23 19.62 -3.62
N GLU A 128 1.31 19.46 -4.38
CA GLU A 128 1.23 19.23 -5.82
C GLU A 128 1.83 17.85 -6.10
N LYS A 129 1.15 17.08 -6.94
CA LYS A 129 1.58 15.71 -7.23
C LYS A 129 2.42 15.67 -8.49
N SER A 130 3.07 14.53 -8.70
CA SER A 130 3.84 14.31 -9.92
C SER A 130 2.89 14.19 -11.12
N GLY A 131 3.34 14.71 -12.26
CA GLY A 131 2.53 14.80 -13.46
C GLY A 131 1.86 13.52 -13.90
N LYS A 132 0.73 13.66 -14.61
CA LYS A 132 0.00 12.50 -15.09
C LYS A 132 0.27 12.29 -16.58
N LEU A 133 0.49 11.03 -16.97
CA LEU A 133 0.77 10.66 -18.35
C LEU A 133 0.21 9.27 -18.59
N ILE A 134 -0.98 9.20 -19.19
CA ILE A 134 -1.62 7.93 -19.50
C ILE A 134 -1.15 7.49 -20.89
N ASP A 135 -0.57 6.29 -20.95
CA ASP A 135 -0.04 5.76 -22.21
C ASP A 135 -1.08 4.87 -22.89
N ASP A 136 -2.11 5.53 -23.41
CA ASP A 136 -3.21 4.83 -24.08
C ASP A 136 -2.93 4.78 -25.58
N LEU A 137 -1.84 4.09 -25.92
CA LEU A 137 -1.46 3.94 -27.32
C LEU A 137 -1.09 2.52 -27.71
N SER A 138 -0.66 1.67 -26.77
CA SER A 138 -0.28 0.30 -27.09
C SER A 138 -1.52 -0.56 -27.32
N THR A 139 -1.30 -1.82 -27.67
CA THR A 139 -2.39 -2.73 -27.97
C THR A 139 -2.81 -3.60 -26.78
N SER A 140 -1.88 -3.92 -25.89
CA SER A 140 -2.19 -4.85 -24.81
C SER A 140 -1.95 -4.27 -23.42
N VAL A 141 -0.95 -3.42 -23.24
CA VAL A 141 -0.58 -2.90 -21.93
C VAL A 141 -0.79 -1.39 -21.92
N VAL A 142 -1.42 -0.89 -20.87
CA VAL A 142 -1.69 0.54 -20.70
C VAL A 142 -1.18 0.96 -19.33
N ARG A 143 -0.61 2.16 -19.26
CA ARG A 143 -0.02 2.68 -18.03
C ARG A 143 -0.70 3.98 -17.62
N ASP A 144 -0.99 4.11 -16.33
CA ASP A 144 -1.51 5.34 -15.75
C ASP A 144 -0.50 5.76 -14.68
N GLU A 145 0.25 6.83 -14.94
CA GLU A 145 1.34 7.23 -14.06
C GLU A 145 0.86 7.89 -12.77
N SER A 146 -0.41 8.30 -12.69
CA SER A 146 -0.90 8.96 -11.49
C SER A 146 -1.15 8.00 -10.35
N LYS A 147 -1.11 6.68 -10.61
CA LYS A 147 -1.39 5.69 -9.58
C LYS A 147 -0.14 4.97 -9.07
N CYS A 148 1.03 5.28 -9.62
CA CYS A 148 2.24 4.56 -9.23
C CYS A 148 2.76 5.05 -7.89
N ILE A 149 3.26 4.11 -7.07
CA ILE A 149 3.85 4.43 -5.78
C ILE A 149 5.34 4.13 -5.75
N LEU A 150 5.94 3.85 -6.90
CA LEU A 150 7.39 3.62 -7.02
C LEU A 150 7.86 2.52 -6.07
N CYS A 151 7.14 1.41 -6.08
CA CYS A 151 7.54 0.22 -5.33
C CYS A 151 8.53 -0.64 -6.10
N LYS A 152 8.64 -0.46 -7.41
CA LYS A 152 9.68 -1.07 -8.25
C LYS A 152 9.49 -2.58 -8.41
N ARG A 153 8.26 -3.08 -8.27
CA ARG A 153 8.03 -4.50 -8.51
C ARG A 153 8.05 -4.83 -9.99
N CYS A 154 7.45 -3.98 -10.83
CA CYS A 154 7.37 -4.26 -12.25
C CYS A 154 8.75 -4.31 -12.89
N VAL A 155 9.67 -3.46 -12.43
CA VAL A 155 11.02 -3.48 -12.97
C VAL A 155 11.68 -4.83 -12.72
N SER A 156 11.57 -5.36 -11.51
CA SER A 156 12.21 -6.63 -11.20
C SER A 156 11.50 -7.78 -11.90
N VAL A 157 10.18 -7.70 -12.06
CA VAL A 157 9.46 -8.75 -12.77
C VAL A 157 9.87 -8.78 -14.24
N CYS A 158 10.00 -7.62 -14.87
CA CYS A 158 10.37 -7.55 -16.28
C CYS A 158 11.86 -7.80 -16.52
N ARG A 159 12.71 -7.62 -15.51
CA ARG A 159 14.13 -7.78 -15.71
C ARG A 159 14.63 -9.17 -15.30
N ASP A 160 14.16 -9.69 -14.17
CA ASP A 160 14.70 -10.91 -13.59
C ASP A 160 13.93 -12.15 -14.04
N VAL A 161 12.61 -12.03 -14.19
CA VAL A 161 11.80 -13.19 -14.56
C VAL A 161 11.70 -13.31 -16.07
N GLN A 162 11.13 -12.30 -16.73
CA GLN A 162 10.97 -12.33 -18.17
C GLN A 162 12.27 -12.12 -18.94
N SER A 163 13.27 -11.53 -18.30
CA SER A 163 14.59 -11.31 -18.91
C SER A 163 14.48 -10.49 -20.20
N VAL A 164 13.57 -9.52 -20.20
CA VAL A 164 13.37 -8.62 -21.34
C VAL A 164 13.97 -7.24 -21.04
N ALA A 165 13.70 -6.70 -19.85
CA ALA A 165 14.32 -5.46 -19.35
C ALA A 165 14.03 -4.27 -20.26
N VAL A 166 12.76 -3.89 -20.33
CA VAL A 166 12.33 -2.69 -21.05
C VAL A 166 11.79 -1.63 -20.09
N LEU A 167 12.11 -1.72 -18.80
CA LEU A 167 11.63 -0.78 -17.80
C LEU A 167 12.80 -0.36 -16.91
N GLY A 168 12.84 0.92 -16.55
CA GLY A 168 13.88 1.44 -15.68
C GLY A 168 13.39 2.63 -14.90
N THR A 169 14.29 3.19 -14.09
CA THR A 169 14.00 4.34 -13.25
C THR A 169 14.75 5.55 -13.80
N VAL A 170 14.07 6.69 -13.90
CA VAL A 170 14.65 7.91 -14.44
C VAL A 170 14.43 9.06 -13.46
N GLY A 171 15.46 9.87 -13.27
CA GLY A 171 15.35 11.07 -12.48
C GLY A 171 15.77 10.89 -11.03
N ARG A 172 15.46 11.91 -10.24
CA ARG A 172 15.75 11.92 -8.81
C ARG A 172 14.77 12.83 -8.09
N GLY A 173 14.18 12.33 -7.00
CA GLY A 173 13.23 13.11 -6.23
C GLY A 173 11.82 13.01 -6.77
N PHE A 174 11.08 14.12 -6.73
CA PHE A 174 9.76 14.17 -7.34
C PHE A 174 9.80 14.05 -8.86
N THR A 175 10.96 14.20 -9.48
CA THR A 175 11.10 13.99 -10.91
C THR A 175 11.42 12.54 -11.27
N SER A 176 11.49 11.65 -10.28
CA SER A 176 11.82 10.25 -10.53
C SER A 176 10.56 9.48 -10.91
N GLN A 177 10.66 8.64 -11.93
CA GLN A 177 9.56 7.84 -12.42
C GLN A 177 10.08 6.50 -12.93
N VAL A 178 9.14 5.58 -13.17
CA VAL A 178 9.43 4.31 -13.82
C VAL A 178 8.98 4.45 -15.27
N GLN A 179 9.88 4.19 -16.21
CA GLN A 179 9.69 4.57 -17.60
C GLN A 179 10.47 3.63 -18.50
N PRO A 180 10.05 3.48 -19.76
CA PRO A 180 10.89 2.84 -20.77
C PRO A 180 11.93 3.82 -21.30
N VAL A 181 12.94 3.27 -21.96
CA VAL A 181 14.03 4.07 -22.49
C VAL A 181 13.54 4.88 -23.69
N PHE A 182 14.28 5.94 -24.01
CA PHE A 182 14.07 6.83 -25.16
C PHE A 182 12.90 7.79 -24.96
N ASN A 183 12.23 7.73 -23.80
CA ASN A 183 10.98 8.46 -23.57
C ASN A 183 9.94 8.12 -24.62
N LYS A 184 9.89 6.83 -25.00
CA LYS A 184 8.95 6.31 -25.97
C LYS A 184 7.83 5.56 -25.24
N SER A 185 6.98 4.91 -26.02
CA SER A 185 5.92 4.07 -25.46
C SER A 185 6.29 2.59 -25.62
N LEU A 186 5.47 1.74 -25.01
CA LEU A 186 5.74 0.30 -25.08
C LEU A 186 5.57 -0.23 -26.51
N ALA A 187 4.68 0.37 -27.28
CA ALA A 187 4.48 -0.07 -28.67
C ALA A 187 5.68 0.22 -29.55
N ASP A 188 6.61 1.07 -29.09
CA ASP A 188 7.80 1.40 -29.87
C ASP A 188 9.06 0.73 -29.33
N VAL A 189 8.95 -0.09 -28.28
CA VAL A 189 10.11 -0.76 -27.71
C VAL A 189 9.87 -2.26 -27.85
N GLY A 190 10.91 -3.06 -27.68
CA GLY A 190 10.81 -4.49 -27.91
C GLY A 190 10.08 -5.27 -26.83
N CYS A 191 8.85 -4.85 -26.51
CA CYS A 191 8.03 -5.58 -25.57
C CYS A 191 7.42 -6.81 -26.24
N ILE A 192 7.09 -7.82 -25.43
CA ILE A 192 6.50 -9.06 -25.94
C ILE A 192 5.09 -9.28 -25.44
N ASN A 193 4.50 -8.30 -24.74
CA ASN A 193 3.08 -8.32 -24.38
C ASN A 193 2.73 -9.53 -23.52
N CYS A 194 3.68 -10.00 -22.71
CA CYS A 194 3.41 -11.16 -21.86
C CYS A 194 2.33 -10.83 -20.83
N GLY A 195 2.48 -9.73 -20.11
CA GLY A 195 1.48 -9.30 -19.15
C GLY A 195 1.78 -9.60 -17.70
N GLN A 196 2.97 -10.11 -17.38
CA GLN A 196 3.31 -10.42 -16.00
C GLN A 196 3.34 -9.16 -15.13
N CYS A 197 3.86 -8.06 -15.67
CA CYS A 197 3.90 -6.81 -14.90
C CYS A 197 2.51 -6.34 -14.51
N ILE A 198 1.49 -6.67 -15.31
CA ILE A 198 0.13 -6.30 -14.95
C ILE A 198 -0.35 -7.07 -13.71
N ILE A 199 -0.13 -8.39 -13.68
CA ILE A 199 -0.61 -9.19 -12.56
C ILE A 199 0.28 -9.04 -11.33
N ASN A 200 1.47 -8.46 -11.47
CA ASN A 200 2.35 -8.28 -10.32
C ASN A 200 2.40 -6.83 -9.84
N CYS A 201 1.44 -5.99 -10.20
CA CYS A 201 1.39 -4.62 -9.70
C CYS A 201 0.52 -4.57 -8.45
N PRO A 202 0.89 -3.83 -7.41
CA PRO A 202 0.12 -3.83 -6.16
C PRO A 202 -0.97 -2.78 -6.06
N VAL A 203 -1.04 -1.79 -6.96
CA VAL A 203 -2.03 -0.74 -6.88
C VAL A 203 -2.89 -0.63 -8.12
N GLY A 204 -2.39 -1.00 -9.29
CA GLY A 204 -3.20 -0.90 -10.50
C GLY A 204 -2.87 0.28 -11.38
N ALA A 205 -1.58 0.60 -11.52
CA ALA A 205 -1.15 1.55 -12.53
C ALA A 205 -0.99 0.91 -13.90
N LEU A 206 -0.81 -0.41 -13.94
CA LEU A 206 -0.70 -1.17 -15.18
C LEU A 206 -2.00 -1.92 -15.42
N LYS A 207 -2.59 -1.73 -16.59
CA LYS A 207 -3.84 -2.39 -16.93
C LYS A 207 -3.75 -2.93 -18.35
N GLU A 208 -4.78 -3.67 -18.75
CA GLU A 208 -4.88 -4.17 -20.11
C GLU A 208 -5.87 -3.34 -20.91
N LYS A 209 -5.71 -3.39 -22.24
CA LYS A 209 -6.60 -2.65 -23.12
C LYS A 209 -8.01 -3.20 -23.04
N SER A 210 -9.01 -2.31 -23.10
CA SER A 210 -10.40 -2.70 -22.95
C SER A 210 -11.06 -2.77 -24.31
N ASP A 211 -11.57 -3.96 -24.67
CA ASP A 211 -12.32 -4.17 -25.90
C ASP A 211 -13.76 -4.57 -25.62
N ILE A 212 -14.29 -4.28 -24.43
CA ILE A 212 -15.65 -4.67 -24.09
C ILE A 212 -16.67 -3.90 -24.93
N GLN A 213 -16.39 -2.63 -25.24
CA GLN A 213 -17.34 -1.83 -26.01
C GLN A 213 -17.49 -2.39 -27.43
N ARG A 214 -16.39 -2.87 -28.02
CA ARG A 214 -16.48 -3.50 -29.33
C ARG A 214 -17.36 -4.75 -29.30
N VAL A 215 -17.24 -5.56 -28.25
CA VAL A 215 -18.07 -6.75 -28.13
C VAL A 215 -19.54 -6.37 -27.98
N TRP A 216 -19.81 -5.36 -27.13
CA TRP A 216 -21.19 -4.92 -26.94
C TRP A 216 -21.79 -4.37 -28.23
N ASP A 217 -21.00 -3.62 -29.01
CA ASP A 217 -21.50 -3.11 -30.29
C ASP A 217 -21.70 -4.23 -31.30
N ALA A 218 -20.82 -5.23 -31.29
CA ALA A 218 -20.96 -6.37 -32.19
C ALA A 218 -22.24 -7.16 -31.90
N ILE A 219 -22.56 -7.36 -30.62
CA ILE A 219 -23.77 -8.09 -30.28
C ILE A 219 -25.03 -7.34 -30.69
N ALA A 220 -25.02 -6.01 -30.64
CA ALA A 220 -26.23 -5.23 -30.91
C ALA A 220 -26.57 -5.15 -32.38
N ASP A 221 -25.71 -5.63 -33.28
CA ASP A 221 -25.97 -5.56 -34.71
C ASP A 221 -26.87 -6.72 -35.12
N PRO A 222 -28.10 -6.47 -35.59
CA PRO A 222 -28.99 -7.57 -35.96
C PRO A 222 -28.55 -8.35 -37.19
N SER A 223 -27.69 -7.78 -38.03
CA SER A 223 -27.29 -8.45 -39.26
C SER A 223 -25.99 -9.24 -39.12
N LYS A 224 -25.41 -9.30 -37.94
CA LYS A 224 -24.14 -9.99 -37.71
C LYS A 224 -24.36 -11.20 -36.82
N THR A 225 -23.79 -12.33 -37.22
CA THR A 225 -23.81 -13.56 -36.43
C THR A 225 -22.50 -13.67 -35.64
N VAL A 226 -22.64 -13.91 -34.34
CA VAL A 226 -21.51 -13.85 -33.41
C VAL A 226 -21.23 -15.25 -32.88
N ILE A 227 -19.95 -15.64 -32.92
CA ILE A 227 -19.50 -16.93 -32.46
C ILE A 227 -18.38 -16.71 -31.45
N VAL A 228 -18.54 -17.23 -30.25
CA VAL A 228 -17.53 -17.10 -29.20
C VAL A 228 -16.87 -18.46 -29.01
N GLN A 229 -15.55 -18.43 -28.83
CA GLN A 229 -14.78 -19.64 -28.57
C GLN A 229 -14.06 -19.49 -27.25
N THR A 230 -13.90 -20.62 -26.55
CA THR A 230 -13.41 -20.63 -25.18
C THR A 230 -12.08 -21.37 -25.11
N ALA A 231 -11.19 -20.87 -24.24
CA ALA A 231 -9.89 -21.46 -24.02
C ALA A 231 -9.99 -22.61 -23.02
N PRO A 232 -9.01 -23.52 -23.01
CA PRO A 232 -9.05 -24.63 -22.05
C PRO A 232 -8.60 -24.27 -20.64
N ALA A 233 -7.88 -23.16 -20.45
CA ALA A 233 -7.36 -22.80 -19.15
C ALA A 233 -8.17 -21.70 -18.47
N VAL A 234 -9.17 -21.14 -19.15
CA VAL A 234 -9.98 -20.09 -18.52
C VAL A 234 -10.89 -20.68 -17.45
N ARG A 235 -11.36 -21.92 -17.66
CA ARG A 235 -12.30 -22.54 -16.74
C ARG A 235 -11.61 -23.16 -15.52
N ALA A 236 -10.29 -23.16 -15.48
CA ALA A 236 -9.58 -23.62 -14.29
C ALA A 236 -9.28 -22.48 -13.31
N ALA A 237 -9.57 -21.24 -13.68
CA ALA A 237 -9.28 -20.11 -12.81
C ALA A 237 -10.35 -19.03 -12.80
N LEU A 238 -11.47 -19.20 -13.50
CA LEU A 238 -12.51 -18.17 -13.51
C LEU A 238 -13.33 -18.18 -12.22
N GLY A 239 -13.60 -19.36 -11.66
CA GLY A 239 -14.42 -19.43 -10.46
C GLY A 239 -13.85 -18.63 -9.30
N GLU A 240 -12.53 -18.45 -9.28
CA GLU A 240 -11.89 -17.68 -8.22
C GLU A 240 -12.43 -16.26 -8.15
N GLU A 241 -12.98 -15.75 -9.26
CA GLU A 241 -13.49 -14.39 -9.27
C GLU A 241 -14.90 -14.30 -8.69
N PHE A 242 -15.59 -15.42 -8.53
CA PHE A 242 -16.97 -15.42 -8.04
C PHE A 242 -17.07 -16.10 -6.68
N GLY A 243 -15.99 -16.12 -5.91
CA GLY A 243 -16.01 -16.65 -4.56
C GLY A 243 -15.77 -18.13 -4.44
N TYR A 244 -15.66 -18.84 -5.55
CA TYR A 244 -15.40 -20.27 -5.49
C TYR A 244 -14.01 -20.53 -4.92
N PRO A 245 -13.81 -21.68 -4.26
CA PRO A 245 -12.51 -21.94 -3.64
C PRO A 245 -11.43 -22.20 -4.67
N MET A 246 -10.24 -22.53 -4.16
CA MET A 246 -9.08 -22.62 -5.02
C MET A 246 -9.15 -23.88 -5.86
N GLY A 247 -9.00 -23.73 -7.17
CA GLY A 247 -8.92 -24.87 -8.07
C GLY A 247 -10.20 -25.57 -8.40
N THR A 248 -11.27 -24.84 -8.71
CA THR A 248 -12.57 -25.43 -9.01
C THR A 248 -12.94 -25.16 -10.47
N SER A 249 -13.42 -26.19 -11.16
CA SER A 249 -13.81 -26.06 -12.56
C SER A 249 -15.27 -25.63 -12.65
N VAL A 250 -15.56 -24.69 -13.57
CA VAL A 250 -16.88 -24.09 -13.69
C VAL A 250 -17.42 -24.26 -15.11
N THR A 251 -17.08 -25.38 -15.76
CA THR A 251 -17.38 -25.56 -17.17
C THR A 251 -18.86 -25.35 -17.49
N GLY A 252 -19.74 -26.05 -16.77
CA GLY A 252 -21.17 -25.92 -17.06
C GLY A 252 -21.70 -24.53 -16.78
N LYS A 253 -21.29 -23.93 -15.66
CA LYS A 253 -21.72 -22.58 -15.34
C LYS A 253 -21.17 -21.58 -16.35
N MET A 254 -19.94 -21.80 -16.82
CA MET A 254 -19.39 -20.94 -17.88
C MET A 254 -20.21 -21.04 -19.15
N ALA A 255 -20.58 -22.26 -19.54
CA ALA A 255 -21.39 -22.42 -20.75
C ALA A 255 -22.74 -21.73 -20.60
N ALA A 256 -23.38 -21.88 -19.45
CA ALA A 256 -24.66 -21.24 -19.21
C ALA A 256 -24.53 -19.72 -19.24
N ALA A 257 -23.50 -19.18 -18.57
CA ALA A 257 -23.29 -17.74 -18.55
C ALA A 257 -23.06 -17.20 -19.96
N LEU A 258 -22.19 -17.87 -20.73
CA LEU A 258 -21.93 -17.43 -22.10
C LEU A 258 -23.20 -17.48 -22.94
N ARG A 259 -24.03 -18.51 -22.77
CA ARG A 259 -25.29 -18.57 -23.50
C ARG A 259 -26.24 -17.45 -23.07
N ARG A 260 -26.13 -16.98 -21.83
CA ARG A 260 -27.05 -15.95 -21.36
C ARG A 260 -26.69 -14.54 -21.79
N LEU A 261 -25.45 -14.29 -22.26
CA LEU A 261 -25.10 -12.96 -22.76
C LEU A 261 -25.78 -12.64 -24.09
N GLY A 262 -26.11 -13.65 -24.88
CA GLY A 262 -26.70 -13.43 -26.19
C GLY A 262 -25.86 -13.87 -27.36
N PHE A 263 -24.76 -14.59 -27.13
CA PHE A 263 -23.93 -15.06 -28.22
C PHE A 263 -24.70 -16.05 -29.08
N ASP A 264 -24.55 -15.92 -30.40
CA ASP A 264 -25.27 -16.82 -31.31
C ASP A 264 -24.72 -18.23 -31.24
N LYS A 265 -23.39 -18.39 -31.20
CA LYS A 265 -22.80 -19.70 -31.08
C LYS A 265 -21.70 -19.70 -30.02
N VAL A 266 -21.58 -20.83 -29.31
CA VAL A 266 -20.58 -21.03 -28.28
C VAL A 266 -19.80 -22.30 -28.60
N PHE A 267 -18.47 -22.20 -28.63
CA PHE A 267 -17.64 -23.33 -29.04
C PHE A 267 -16.39 -23.37 -28.16
N ASP A 268 -15.75 -24.54 -28.17
CA ASP A 268 -14.49 -24.74 -27.44
C ASP A 268 -13.36 -24.93 -28.43
N THR A 269 -12.15 -24.52 -28.01
CA THR A 269 -10.99 -24.48 -28.89
C THR A 269 -10.34 -25.84 -29.05
N ASP A 270 -10.76 -26.84 -28.27
CA ASP A 270 -10.08 -28.15 -28.30
C ASP A 270 -10.18 -28.82 -29.67
N PHE A 271 -11.18 -28.45 -30.47
CA PHE A 271 -11.24 -28.96 -31.84
C PHE A 271 -10.01 -28.52 -32.63
N GLY A 272 -9.74 -27.21 -32.63
CA GLY A 272 -8.53 -26.71 -33.25
C GLY A 272 -7.27 -27.25 -32.60
N ALA A 273 -7.34 -27.53 -31.29
CA ALA A 273 -6.20 -28.13 -30.60
C ALA A 273 -5.87 -29.50 -31.18
N ASP A 274 -6.90 -30.35 -31.37
CA ASP A 274 -6.67 -31.67 -31.93
C ASP A 274 -6.18 -31.57 -33.38
N VAL A 275 -6.76 -30.64 -34.14
CA VAL A 275 -6.30 -30.43 -35.51
C VAL A 275 -4.82 -30.06 -35.52
N CYS A 276 -4.43 -29.15 -34.63
CA CYS A 276 -3.04 -28.73 -34.55
C CYS A 276 -2.12 -29.89 -34.17
N ILE A 277 -2.57 -30.72 -33.23
CA ILE A 277 -1.76 -31.88 -32.84
C ILE A 277 -1.55 -32.80 -34.03
N MET A 278 -2.60 -33.08 -34.80
CA MET A 278 -2.46 -33.95 -35.96
C MET A 278 -1.50 -33.35 -36.98
N GLU A 279 -1.65 -32.06 -37.28
CA GLU A 279 -0.77 -31.43 -38.26
C GLU A 279 0.68 -31.44 -37.79
N GLU A 280 0.91 -31.12 -36.51
CA GLU A 280 2.29 -31.10 -36.01
C GLU A 280 2.92 -32.47 -36.02
N GLY A 281 2.17 -33.52 -35.67
CA GLY A 281 2.70 -34.86 -35.84
C GLY A 281 3.03 -35.17 -37.29
N THR A 282 2.19 -34.70 -38.22
CA THR A 282 2.46 -34.93 -39.63
C THR A 282 3.74 -34.25 -40.07
N GLU A 283 3.97 -33.00 -39.64
CA GLU A 283 5.24 -32.36 -39.99
C GLU A 283 6.41 -33.03 -39.31
N LEU A 284 6.22 -33.53 -38.08
CA LEU A 284 7.27 -34.34 -37.46
C LEU A 284 7.69 -35.48 -38.37
N ILE A 285 6.71 -36.25 -38.83
CA ILE A 285 7.03 -37.43 -39.64
C ILE A 285 7.66 -37.01 -40.97
N GLY A 286 7.12 -35.95 -41.59
CA GLY A 286 7.66 -35.48 -42.85
C GLY A 286 9.11 -35.03 -42.74
N ARG A 287 9.42 -34.25 -41.71
CA ARG A 287 10.79 -33.78 -41.52
C ARG A 287 11.74 -34.90 -41.11
N VAL A 288 11.27 -35.87 -40.30
CA VAL A 288 12.14 -36.96 -39.91
C VAL A 288 12.46 -37.85 -41.11
N THR A 289 11.45 -38.13 -41.94
CA THR A 289 11.65 -39.01 -43.09
C THR A 289 12.31 -38.30 -44.27
N ASN A 290 12.47 -36.99 -44.22
CA ASN A 290 13.09 -36.23 -45.30
C ASN A 290 14.27 -35.39 -44.83
N GLY A 291 14.67 -35.50 -43.57
CA GLY A 291 15.82 -34.77 -43.07
C GLY A 291 15.65 -33.26 -43.08
N GLY A 292 14.51 -32.78 -42.61
CA GLY A 292 14.24 -31.36 -42.59
C GLY A 292 15.01 -30.64 -41.50
N VAL A 293 14.62 -29.38 -41.28
CA VAL A 293 15.29 -28.55 -40.29
C VAL A 293 14.83 -28.96 -38.89
N LEU A 294 15.76 -29.45 -38.09
CA LEU A 294 15.53 -29.91 -36.73
C LEU A 294 16.51 -29.24 -35.79
N PRO A 295 16.17 -29.11 -34.49
CA PRO A 295 14.95 -29.55 -33.79
C PRO A 295 13.70 -28.72 -34.12
N MET A 296 12.54 -29.38 -34.06
CA MET A 296 11.28 -28.68 -34.23
C MET A 296 10.94 -27.86 -32.99
N ILE A 297 10.32 -26.70 -33.21
CA ILE A 297 9.81 -25.87 -32.14
C ILE A 297 8.37 -25.49 -32.47
N THR A 298 7.60 -25.19 -31.42
CA THR A 298 6.17 -24.97 -31.57
C THR A 298 5.90 -23.58 -32.15
N SER A 299 4.62 -23.27 -32.38
CA SER A 299 4.21 -21.96 -32.87
C SER A 299 2.91 -21.54 -32.20
N CYS A 300 2.71 -21.95 -30.95
CA CYS A 300 1.40 -21.78 -30.32
C CYS A 300 1.25 -20.42 -29.64
N SER A 301 2.19 -20.05 -28.78
CA SER A 301 1.96 -18.87 -27.94
C SER A 301 2.59 -17.64 -28.57
N PRO A 302 1.80 -16.56 -28.77
CA PRO A 302 2.34 -15.38 -29.43
C PRO A 302 3.49 -14.71 -28.70
N GLY A 303 3.60 -14.90 -27.39
CA GLY A 303 4.65 -14.22 -26.64
C GLY A 303 6.03 -14.58 -27.14
N TRP A 304 6.35 -15.87 -27.19
CA TRP A 304 7.72 -16.22 -27.56
C TRP A 304 7.93 -16.20 -29.06
N ILE A 305 6.86 -16.22 -29.87
CA ILE A 305 7.07 -15.99 -31.30
C ILE A 305 7.44 -14.54 -31.56
N LYS A 306 6.84 -13.61 -30.81
CA LYS A 306 7.29 -12.22 -30.86
C LYS A 306 8.70 -12.10 -30.31
N PHE A 307 9.02 -12.88 -29.27
CA PHE A 307 10.38 -12.91 -28.74
C PHE A 307 11.39 -13.32 -29.82
N ILE A 308 11.05 -14.34 -30.61
CA ILE A 308 11.90 -14.77 -31.72
C ILE A 308 12.00 -13.67 -32.77
N GLU A 309 10.86 -13.11 -33.18
CA GLU A 309 10.87 -12.10 -34.24
C GLU A 309 11.65 -10.86 -33.83
N THR A 310 11.78 -10.61 -32.52
CA THR A 310 12.49 -9.42 -32.06
C THR A 310 13.96 -9.68 -31.76
N TYR A 311 14.27 -10.74 -31.00
CA TYR A 311 15.60 -10.95 -30.46
C TYR A 311 16.45 -11.92 -31.26
N TYR A 312 15.90 -13.06 -31.67
CA TYR A 312 16.65 -14.13 -32.33
C TYR A 312 15.98 -14.49 -33.65
N PRO A 313 16.35 -13.81 -34.74
CA PRO A 313 15.68 -14.07 -36.03
C PRO A 313 16.24 -15.26 -36.80
N GLU A 314 17.52 -15.59 -36.63
CA GLU A 314 18.12 -16.66 -37.41
C GLU A 314 17.47 -18.02 -37.17
N ALA A 315 16.56 -18.12 -36.21
CA ALA A 315 15.85 -19.36 -35.90
C ALA A 315 14.45 -19.42 -36.50
N ILE A 316 14.08 -18.47 -37.35
CA ILE A 316 12.78 -18.54 -38.04
C ILE A 316 12.66 -19.82 -38.86
N PRO A 317 13.71 -20.27 -39.57
CA PRO A 317 13.60 -21.58 -40.25
C PRO A 317 13.22 -22.72 -39.33
N HIS A 318 13.67 -22.70 -38.07
CA HIS A 318 13.40 -23.78 -37.13
C HIS A 318 11.93 -23.87 -36.76
N LEU A 319 11.13 -22.85 -37.06
CA LEU A 319 9.75 -22.77 -36.59
C LEU A 319 8.84 -23.69 -37.37
N SER A 320 7.76 -24.12 -36.71
CA SER A 320 6.70 -24.86 -37.38
C SER A 320 5.81 -23.91 -38.16
N SER A 321 5.28 -24.40 -39.29
CA SER A 321 4.46 -23.57 -40.15
C SER A 321 2.99 -23.56 -39.76
N CYS A 322 2.57 -24.40 -38.82
CA CYS A 322 1.17 -24.49 -38.47
C CYS A 322 0.75 -23.29 -37.63
N LYS A 323 -0.48 -22.83 -37.84
CA LYS A 323 -1.02 -21.72 -37.09
C LYS A 323 -1.33 -22.12 -35.65
N SER A 324 -1.70 -21.13 -34.84
CA SER A 324 -2.14 -21.39 -33.48
C SER A 324 -3.54 -21.99 -33.49
N PRO A 325 -3.90 -22.74 -32.44
CA PRO A 325 -5.24 -23.35 -32.40
C PRO A 325 -6.37 -22.34 -32.52
N GLN A 326 -6.22 -21.15 -31.94
CA GLN A 326 -7.24 -20.12 -32.08
C GLN A 326 -7.42 -19.73 -33.54
N ASN A 327 -6.31 -19.53 -34.25
CA ASN A 327 -6.39 -19.14 -35.66
C ASN A 327 -6.95 -20.27 -36.51
N ILE A 328 -6.58 -21.52 -36.19
CA ILE A 328 -7.11 -22.67 -36.92
C ILE A 328 -8.63 -22.73 -36.77
N THR A 329 -9.12 -22.62 -35.53
CA THR A 329 -10.56 -22.65 -35.30
C THR A 329 -11.27 -21.48 -35.96
N GLY A 330 -10.69 -20.28 -35.89
CA GLY A 330 -11.31 -19.13 -36.52
C GLY A 330 -11.41 -19.28 -38.03
N ALA A 331 -10.32 -19.69 -38.68
CA ALA A 331 -10.34 -19.86 -40.13
C ALA A 331 -11.28 -20.99 -40.53
N LEU A 332 -11.29 -22.09 -39.77
CA LEU A 332 -12.19 -23.19 -40.09
C LEU A 332 -13.65 -22.77 -39.98
N LEU A 333 -14.00 -22.00 -38.94
CA LEU A 333 -15.37 -21.49 -38.87
C LEU A 333 -15.66 -20.48 -39.96
N LYS A 334 -14.65 -19.72 -40.39
CA LYS A 334 -14.85 -18.73 -41.45
C LYS A 334 -15.03 -19.38 -42.81
N ASN A 335 -14.51 -20.58 -43.03
CA ASN A 335 -14.59 -21.23 -44.33
C ASN A 335 -15.54 -22.41 -44.36
N HIS A 336 -15.26 -23.46 -43.57
CA HIS A 336 -16.04 -24.69 -43.68
C HIS A 336 -17.45 -24.53 -43.09
N TYR A 337 -17.56 -23.92 -41.91
CA TYR A 337 -18.86 -23.70 -41.31
C TYR A 337 -19.70 -22.74 -42.16
N ALA A 338 -19.06 -21.69 -42.70
CA ALA A 338 -19.77 -20.76 -43.57
C ALA A 338 -20.28 -21.45 -44.84
N GLN A 339 -19.46 -22.32 -45.44
CA GLN A 339 -19.91 -23.07 -46.61
C GLN A 339 -21.05 -24.02 -46.26
N THR A 340 -20.95 -24.68 -45.09
CA THR A 340 -21.98 -25.65 -44.71
C THR A 340 -23.32 -24.99 -44.43
N ASN A 341 -23.32 -23.90 -43.66
CA ASN A 341 -24.57 -23.26 -43.24
C ASN A 341 -25.00 -22.12 -44.16
N ASN A 342 -24.27 -21.88 -45.25
CA ASN A 342 -24.60 -20.82 -46.21
C ASN A 342 -24.70 -19.46 -45.52
N ILE A 343 -23.63 -19.06 -44.85
CA ILE A 343 -23.56 -17.78 -44.15
C ILE A 343 -22.39 -17.00 -44.72
N ASP A 344 -22.61 -15.71 -44.99
CA ASP A 344 -21.57 -14.89 -45.58
C ASP A 344 -20.40 -14.75 -44.61
N PRO A 345 -19.18 -15.08 -45.03
CA PRO A 345 -18.03 -14.93 -44.12
C PRO A 345 -17.78 -13.50 -43.66
N LYS A 346 -18.14 -12.50 -44.47
CA LYS A 346 -17.94 -11.12 -44.07
C LYS A 346 -19.06 -10.60 -43.19
N ASP A 347 -20.14 -11.36 -43.02
CA ASP A 347 -21.22 -11.00 -42.11
C ASP A 347 -21.16 -11.78 -40.81
N MET A 348 -19.98 -12.22 -40.41
CA MET A 348 -19.78 -12.98 -39.18
C MET A 348 -18.70 -12.32 -38.33
N VAL A 349 -18.86 -12.41 -37.02
CA VAL A 349 -17.86 -11.95 -36.06
C VAL A 349 -17.52 -13.09 -35.13
N VAL A 350 -16.22 -13.31 -34.93
CA VAL A 350 -15.71 -14.38 -34.08
C VAL A 350 -14.92 -13.74 -32.95
N VAL A 351 -15.31 -14.03 -31.72
CA VAL A 351 -14.64 -13.53 -30.52
C VAL A 351 -14.10 -14.71 -29.74
N SER A 352 -12.92 -14.54 -29.15
CA SER A 352 -12.26 -15.59 -28.39
C SER A 352 -12.05 -15.12 -26.95
N ILE A 353 -12.09 -16.06 -26.02
CA ILE A 353 -11.86 -15.75 -24.61
C ILE A 353 -10.65 -16.51 -24.11
N MET A 354 -9.53 -15.81 -23.96
CA MET A 354 -8.26 -16.43 -23.64
C MET A 354 -7.61 -15.76 -22.44
N PRO A 355 -6.74 -16.47 -21.71
CA PRO A 355 -6.02 -15.85 -20.59
C PRO A 355 -4.82 -15.00 -20.99
N CYS A 356 -4.70 -14.63 -22.26
CA CYS A 356 -3.52 -13.88 -22.70
C CYS A 356 -3.87 -12.44 -23.05
N THR A 357 -2.87 -11.57 -22.94
CA THR A 357 -2.94 -10.23 -23.49
C THR A 357 -2.18 -10.10 -24.81
N ALA A 358 -1.26 -11.01 -25.10
CA ALA A 358 -0.56 -11.03 -26.37
C ALA A 358 -1.45 -11.41 -27.53
N LYS A 359 -2.55 -12.14 -27.28
CA LYS A 359 -3.50 -12.47 -28.34
C LYS A 359 -4.12 -11.23 -28.95
N LYS A 360 -4.26 -10.14 -28.20
CA LYS A 360 -4.71 -8.89 -28.78
C LYS A 360 -3.77 -8.41 -29.87
N TYR A 361 -2.47 -8.66 -29.70
CA TYR A 361 -1.51 -8.35 -30.74
C TYR A 361 -1.55 -9.38 -31.87
N GLU A 362 -1.78 -10.66 -31.53
CA GLU A 362 -1.86 -11.69 -32.56
C GLU A 362 -3.01 -11.44 -33.52
N VAL A 363 -4.15 -10.95 -33.01
CA VAL A 363 -5.27 -10.60 -33.88
C VAL A 363 -4.90 -9.48 -34.83
N GLN A 364 -4.11 -8.50 -34.39
CA GLN A 364 -3.76 -7.35 -35.21
C GLN A 364 -2.85 -7.69 -36.39
N ARG A 365 -2.21 -8.85 -36.39
CA ARG A 365 -1.30 -9.19 -37.47
C ARG A 365 -2.06 -9.36 -38.78
N GLU A 366 -1.51 -8.74 -39.84
CA GLU A 366 -2.16 -8.77 -41.15
C GLU A 366 -1.99 -10.09 -41.87
N GLU A 367 -0.89 -10.79 -41.64
CA GLU A 367 -0.57 -12.02 -42.37
C GLU A 367 -1.52 -13.17 -42.05
N LEU A 368 -2.28 -13.08 -40.97
CA LEU A 368 -3.22 -14.13 -40.58
C LEU A 368 -4.61 -13.83 -41.12
N CYS A 369 -4.70 -13.70 -42.44
CA CYS A 369 -5.96 -13.42 -43.12
C CYS A 369 -6.26 -14.52 -44.12
N THR A 370 -7.54 -14.90 -44.20
CA THR A 370 -7.98 -15.95 -45.09
C THR A 370 -8.90 -15.35 -46.15
N ASP A 371 -8.50 -15.47 -47.41
CA ASP A 371 -9.26 -14.94 -48.54
C ASP A 371 -9.55 -13.45 -48.35
N GLY A 372 -8.55 -12.72 -47.85
CA GLY A 372 -8.70 -11.31 -47.59
C GLY A 372 -9.51 -10.95 -46.37
N ASN A 373 -9.88 -11.93 -45.55
CA ASN A 373 -10.70 -11.71 -44.37
C ASN A 373 -9.95 -12.16 -43.13
N ALA A 374 -10.03 -11.35 -42.07
CA ALA A 374 -9.37 -11.70 -40.82
C ALA A 374 -10.04 -12.91 -40.19
N ASP A 375 -9.22 -13.79 -39.60
CA ASP A 375 -9.76 -14.99 -38.97
C ASP A 375 -10.58 -14.65 -37.73
N VAL A 376 -9.94 -14.03 -36.73
CA VAL A 376 -10.62 -13.64 -35.50
C VAL A 376 -10.62 -12.11 -35.43
N ASP A 377 -11.78 -11.56 -35.05
CA ASP A 377 -11.98 -10.11 -35.06
C ASP A 377 -11.66 -9.49 -33.71
N ILE A 378 -12.28 -9.95 -32.62
CA ILE A 378 -12.12 -9.35 -31.31
C ILE A 378 -11.64 -10.42 -30.33
N SER A 379 -10.69 -10.05 -29.47
CA SER A 379 -10.17 -10.94 -28.44
C SER A 379 -10.28 -10.25 -27.08
N ILE A 380 -10.71 -11.01 -26.07
CA ILE A 380 -10.86 -10.49 -24.72
C ILE A 380 -10.21 -11.47 -23.74
N THR A 381 -9.99 -11.01 -22.51
CA THR A 381 -9.34 -11.81 -21.50
C THR A 381 -10.37 -12.40 -20.53
N THR A 382 -9.88 -13.05 -19.48
CA THR A 382 -10.75 -13.62 -18.47
C THR A 382 -11.36 -12.55 -17.57
N ARG A 383 -10.55 -11.54 -17.22
CA ARG A 383 -11.05 -10.47 -16.36
C ARG A 383 -12.18 -9.71 -17.03
N GLU A 384 -12.04 -9.42 -18.33
CA GLU A 384 -13.12 -8.76 -19.05
C GLU A 384 -14.36 -9.65 -19.13
N LEU A 385 -14.18 -10.97 -19.25
CA LEU A 385 -15.33 -11.87 -19.24
C LEU A 385 -16.07 -11.81 -17.90
N ALA A 386 -15.32 -11.83 -16.79
CA ALA A 386 -15.97 -11.74 -15.48
C ALA A 386 -16.65 -10.39 -15.30
N ARG A 387 -16.02 -9.31 -15.78
CA ARG A 387 -16.64 -7.99 -15.69
C ARG A 387 -17.92 -7.93 -16.53
N MET A 388 -17.92 -8.59 -17.69
CA MET A 388 -19.14 -8.65 -18.50
C MET A 388 -20.23 -9.44 -17.79
N ILE A 389 -19.86 -10.52 -17.11
CA ILE A 389 -20.83 -11.28 -16.32
C ILE A 389 -21.43 -10.40 -15.23
N LYS A 390 -20.58 -9.64 -14.53
CA LYS A 390 -21.06 -8.81 -13.44
C LYS A 390 -21.93 -7.66 -13.94
N GLU A 391 -21.59 -7.11 -15.10
CA GLU A 391 -22.39 -6.00 -15.65
C GLU A 391 -23.73 -6.50 -16.19
N ALA A 392 -23.71 -7.63 -16.91
CA ALA A 392 -24.98 -8.27 -17.29
C ALA A 392 -25.71 -8.80 -16.07
N ARG A 393 -24.97 -9.08 -14.99
CA ARG A 393 -25.52 -9.34 -13.67
C ARG A 393 -26.44 -10.56 -13.67
N ILE A 394 -25.82 -11.70 -13.92
CA ILE A 394 -26.45 -13.00 -13.74
C ILE A 394 -25.76 -13.70 -12.57
N LEU A 395 -26.56 -14.28 -11.67
CA LEU A 395 -26.02 -14.84 -10.42
C LEU A 395 -25.23 -16.10 -10.75
N PHE A 396 -23.91 -15.95 -10.93
CA PHE A 396 -23.07 -17.05 -11.38
C PHE A 396 -23.03 -18.20 -10.38
N ASN A 397 -23.47 -17.99 -9.15
CA ASN A 397 -23.43 -19.02 -8.13
C ASN A 397 -24.55 -20.05 -8.26
N LYS A 398 -25.59 -19.76 -9.05
CA LYS A 398 -26.76 -20.64 -9.12
C LYS A 398 -27.14 -20.99 -10.56
N LEU A 399 -26.23 -20.90 -11.51
CA LEU A 399 -26.57 -21.38 -12.83
C LEU A 399 -26.65 -22.91 -12.85
N PRO A 400 -27.55 -23.47 -13.64
CA PRO A 400 -27.56 -24.92 -13.86
C PRO A 400 -26.49 -25.30 -14.88
N ASP A 401 -26.03 -26.55 -14.78
CA ASP A 401 -24.97 -27.04 -15.65
C ASP A 401 -25.49 -27.25 -17.06
N GLU A 402 -24.63 -26.95 -18.03
CA GLU A 402 -24.94 -27.12 -19.45
C GLU A 402 -23.71 -27.63 -20.18
N ASP A 403 -23.87 -27.86 -21.47
CA ASP A 403 -22.82 -28.39 -22.33
C ASP A 403 -22.52 -27.44 -23.47
N PHE A 404 -21.44 -27.73 -24.19
CA PHE A 404 -21.06 -26.92 -25.34
C PHE A 404 -21.94 -27.25 -26.54
N ASP A 405 -21.70 -26.54 -27.64
CA ASP A 405 -22.50 -26.74 -28.85
C ASP A 405 -21.73 -27.57 -29.87
N ASP A 406 -22.48 -28.39 -30.61
CA ASP A 406 -21.90 -29.26 -31.62
C ASP A 406 -21.78 -28.51 -32.95
N TYR A 407 -20.82 -28.91 -33.79
CA TYR A 407 -19.92 -30.03 -33.53
C TYR A 407 -18.58 -29.58 -32.98
N TYR A 408 -18.31 -28.27 -33.04
CA TYR A 408 -17.04 -27.72 -32.62
C TYR A 408 -16.88 -27.62 -31.11
N GLY A 409 -17.78 -28.20 -30.34
CA GLY A 409 -17.68 -28.15 -28.90
C GLY A 409 -17.10 -29.41 -28.28
N GLU A 410 -16.89 -30.44 -29.10
CA GLU A 410 -16.32 -31.69 -28.60
C GLU A 410 -14.88 -31.46 -28.14
N SER A 411 -14.51 -32.16 -27.07
CA SER A 411 -13.20 -31.99 -26.47
C SER A 411 -12.63 -33.35 -26.09
N THR A 412 -11.30 -33.40 -26.02
CA THR A 412 -10.57 -34.58 -25.59
C THR A 412 -9.55 -34.17 -24.55
N GLY A 413 -9.13 -35.15 -23.74
CA GLY A 413 -8.19 -34.87 -22.67
C GLY A 413 -6.84 -34.38 -23.15
N ALA A 414 -6.34 -34.94 -24.26
CA ALA A 414 -5.08 -34.46 -24.82
C ALA A 414 -5.16 -33.01 -25.25
N ALA A 415 -6.36 -32.52 -25.59
CA ALA A 415 -6.56 -31.12 -25.89
C ALA A 415 -6.93 -30.29 -24.67
N VAL A 416 -7.29 -30.93 -23.56
CA VAL A 416 -7.60 -30.19 -22.34
C VAL A 416 -6.32 -29.90 -21.56
N ILE A 417 -5.35 -30.83 -21.61
CA ILE A 417 -4.12 -30.69 -20.83
C ILE A 417 -3.18 -29.62 -21.36
N PHE A 418 -3.58 -28.87 -22.39
CA PHE A 418 -2.69 -27.85 -22.95
C PHE A 418 -2.34 -26.77 -21.93
N GLY A 419 -3.31 -26.37 -21.10
CA GLY A 419 -3.12 -25.24 -20.21
C GLY A 419 -1.86 -25.31 -19.37
N ALA A 420 -1.65 -26.39 -18.62
CA ALA A 420 -0.44 -26.53 -17.85
C ALA A 420 0.74 -26.86 -18.78
N THR A 421 1.95 -26.64 -18.28
CA THR A 421 3.16 -26.95 -19.02
C THR A 421 3.27 -28.46 -19.19
N GLY A 422 3.85 -28.91 -20.30
CA GLY A 422 4.02 -30.31 -20.57
C GLY A 422 2.81 -31.01 -21.16
N GLY A 423 1.70 -30.29 -21.38
CA GLY A 423 0.53 -30.91 -21.97
C GLY A 423 0.62 -31.08 -23.48
N VAL A 424 1.13 -30.06 -24.19
CA VAL A 424 1.29 -30.18 -25.63
C VAL A 424 2.27 -31.30 -25.96
N MET A 425 3.37 -31.38 -25.20
CA MET A 425 4.36 -32.42 -25.43
C MET A 425 3.75 -33.80 -25.21
N GLU A 426 2.98 -33.95 -24.13
CA GLU A 426 2.36 -35.23 -23.82
C GLU A 426 1.38 -35.63 -24.92
N ALA A 427 0.53 -34.70 -25.35
CA ALA A 427 -0.45 -35.01 -26.39
C ALA A 427 0.22 -35.38 -27.70
N ALA A 428 1.24 -34.61 -28.10
CA ALA A 428 1.92 -34.89 -29.36
C ALA A 428 2.62 -36.23 -29.31
N VAL A 429 3.30 -36.54 -28.20
CA VAL A 429 3.97 -37.82 -28.07
C VAL A 429 2.96 -38.95 -28.11
N ARG A 430 1.83 -38.79 -27.42
CA ARG A 430 0.79 -39.81 -27.42
C ARG A 430 0.30 -40.10 -28.83
N THR A 431 -0.08 -39.04 -29.57
CA THR A 431 -0.62 -39.24 -30.91
C THR A 431 0.42 -39.83 -31.86
N VAL A 432 1.66 -39.33 -31.80
CA VAL A 432 2.67 -39.82 -32.74
C VAL A 432 3.04 -41.26 -32.42
N ALA A 433 3.12 -41.63 -31.14
CA ALA A 433 3.40 -43.02 -30.79
C ALA A 433 2.28 -43.94 -31.23
N ASP A 434 1.03 -43.53 -31.02
CA ASP A 434 -0.09 -44.35 -31.46
C ASP A 434 -0.10 -44.52 -32.97
N VAL A 435 0.22 -43.47 -33.71
CA VAL A 435 0.18 -43.55 -35.17
C VAL A 435 1.32 -44.42 -35.69
N LEU A 436 2.52 -44.24 -35.16
CA LEU A 436 3.70 -44.88 -35.74
C LEU A 436 3.95 -46.29 -35.24
N ASN A 437 3.74 -46.57 -33.94
CA ASN A 437 4.14 -47.85 -33.38
C ASN A 437 3.05 -48.52 -32.56
N LYS A 438 1.83 -47.98 -32.51
CA LYS A 438 0.75 -48.53 -31.70
C LYS A 438 1.17 -48.65 -30.24
N LYS A 439 1.97 -47.70 -29.77
CA LYS A 439 2.48 -47.67 -28.42
C LYS A 439 1.56 -46.82 -27.56
N ASP A 440 1.11 -47.36 -26.44
CA ASP A 440 0.16 -46.68 -25.56
C ASP A 440 0.95 -46.04 -24.42
N ILE A 441 1.31 -44.77 -24.59
CA ILE A 441 1.97 -43.99 -23.55
C ILE A 441 0.91 -43.19 -22.80
N GLN A 442 1.09 -43.06 -21.49
CA GLN A 442 0.14 -42.35 -20.64
C GLN A 442 0.76 -41.16 -19.92
N GLU A 443 1.97 -41.29 -19.41
CA GLU A 443 2.67 -40.21 -18.74
C GLU A 443 4.10 -40.14 -19.23
N ILE A 444 4.73 -38.99 -19.05
CA ILE A 444 6.11 -38.75 -19.47
C ILE A 444 6.94 -38.44 -18.24
N ASP A 445 8.03 -39.18 -18.08
CA ASP A 445 8.95 -38.97 -16.96
C ASP A 445 9.86 -37.79 -17.28
N TYR A 446 9.81 -36.76 -16.46
CA TYR A 446 10.59 -35.55 -16.68
C TYR A 446 11.79 -35.50 -15.74
N GLN A 447 12.95 -35.21 -16.30
CA GLN A 447 14.18 -35.06 -15.52
C GLN A 447 14.51 -33.57 -15.41
N ILE A 448 14.66 -33.09 -14.18
CA ILE A 448 14.91 -31.67 -13.96
C ILE A 448 16.42 -31.42 -14.00
N VAL A 449 16.83 -30.42 -14.77
CA VAL A 449 18.23 -30.02 -14.84
C VAL A 449 18.61 -29.37 -13.52
N ARG A 450 19.76 -29.78 -12.97
CA ARG A 450 20.19 -29.28 -11.67
C ARG A 450 20.54 -27.80 -11.73
N GLY A 451 20.03 -27.04 -10.77
CA GLY A 451 20.35 -25.64 -10.62
C GLY A 451 19.41 -24.68 -11.31
N VAL A 452 18.61 -25.14 -12.26
CA VAL A 452 17.71 -24.30 -13.02
C VAL A 452 16.30 -24.87 -12.91
N ASP A 453 15.34 -24.01 -12.56
CA ASP A 453 13.94 -24.40 -12.51
C ASP A 453 13.20 -23.85 -13.72
N GLY A 454 12.46 -24.72 -14.40
CA GLY A 454 11.69 -24.36 -15.57
C GLY A 454 12.06 -25.12 -16.82
N ILE A 455 13.21 -25.77 -16.86
CA ILE A 455 13.63 -26.54 -18.01
C ILE A 455 13.52 -28.03 -17.69
N LYS A 456 12.91 -28.78 -18.60
CA LYS A 456 12.65 -30.20 -18.41
C LYS A 456 13.21 -30.98 -19.58
N LYS A 457 13.98 -32.03 -19.29
CA LYS A 457 14.61 -32.86 -20.31
C LYS A 457 14.17 -34.31 -20.13
N ALA A 458 13.90 -34.98 -21.24
CA ALA A 458 13.44 -36.36 -21.21
C ALA A 458 13.81 -37.03 -22.54
N SER A 459 13.50 -38.33 -22.61
CA SER A 459 13.76 -39.11 -23.83
C SER A 459 12.78 -40.27 -23.86
N VAL A 460 11.90 -40.28 -24.85
CA VAL A 460 10.88 -41.31 -25.02
C VAL A 460 11.21 -42.12 -26.26
N GLU A 461 11.30 -43.44 -26.10
CA GLU A 461 11.60 -44.34 -27.20
C GLU A 461 10.28 -44.79 -27.82
N VAL A 462 9.83 -44.08 -28.85
CA VAL A 462 8.54 -44.41 -29.47
C VAL A 462 8.65 -45.72 -30.24
N THR A 463 9.69 -45.88 -31.05
CA THR A 463 9.95 -47.11 -31.78
C THR A 463 11.38 -47.53 -31.52
N PRO A 464 11.69 -48.82 -31.66
CA PRO A 464 13.09 -49.26 -31.51
C PRO A 464 14.03 -48.57 -32.49
N ASP A 465 13.53 -48.11 -33.64
CA ASP A 465 14.34 -47.38 -34.60
C ASP A 465 14.21 -45.87 -34.46
N LEU A 466 13.45 -45.37 -33.47
CA LEU A 466 13.27 -43.92 -33.32
C LEU A 466 12.94 -43.62 -31.86
N THR A 467 13.89 -43.03 -31.16
CA THR A 467 13.68 -42.49 -29.82
C THR A 467 13.50 -40.99 -29.92
N VAL A 468 12.34 -40.50 -29.49
CA VAL A 468 11.98 -39.10 -29.65
C VAL A 468 12.55 -38.30 -28.47
N ASN A 469 13.36 -37.30 -28.78
CA ASN A 469 13.95 -36.44 -27.76
C ASN A 469 13.09 -35.21 -27.53
N LEU A 470 12.93 -34.85 -26.26
CA LEU A 470 11.90 -33.90 -25.85
C LEU A 470 12.53 -32.83 -24.97
N VAL A 471 12.10 -31.57 -25.15
CA VAL A 471 12.52 -30.47 -24.30
C VAL A 471 11.31 -29.59 -24.02
N VAL A 472 11.11 -29.21 -22.76
CA VAL A 472 10.01 -28.36 -22.34
C VAL A 472 10.59 -27.21 -21.53
N ALA A 473 10.12 -25.99 -21.80
CA ALA A 473 10.61 -24.82 -21.07
C ALA A 473 9.52 -23.77 -20.96
N HIS A 474 9.46 -23.13 -19.78
CA HIS A 474 8.55 -22.03 -19.52
C HIS A 474 9.28 -20.95 -18.76
N GLY A 475 8.88 -19.70 -18.97
CA GLY A 475 9.55 -18.58 -18.35
C GLY A 475 10.56 -17.92 -19.27
N GLY A 476 10.70 -16.59 -19.18
CA GLY A 476 11.59 -15.88 -20.08
C GLY A 476 13.05 -16.26 -19.91
N ALA A 477 13.51 -16.41 -18.66
CA ALA A 477 14.91 -16.77 -18.43
C ALA A 477 15.22 -18.15 -18.97
N ASN A 478 14.30 -19.10 -18.80
CA ASN A 478 14.51 -20.45 -19.32
C ASN A 478 14.53 -20.46 -20.85
N ILE A 479 13.65 -19.68 -21.48
CA ILE A 479 13.68 -19.56 -22.93
C ILE A 479 15.00 -18.97 -23.39
N ARG A 480 15.48 -17.93 -22.72
CA ARG A 480 16.77 -17.35 -23.08
C ARG A 480 17.89 -18.37 -22.94
N GLU A 481 17.89 -19.14 -21.85
CA GLU A 481 18.94 -20.11 -21.62
C GLU A 481 18.93 -21.21 -22.68
N VAL A 482 17.73 -21.72 -23.01
CA VAL A 482 17.67 -22.78 -24.00
C VAL A 482 18.03 -22.24 -25.39
N MET A 483 17.71 -20.98 -25.66
CA MET A 483 18.13 -20.39 -26.94
C MET A 483 19.65 -20.24 -27.02
N GLU A 484 20.28 -19.84 -25.91
CA GLU A 484 21.74 -19.80 -25.88
C GLU A 484 22.33 -21.19 -26.09
N GLN A 485 21.74 -22.21 -25.45
CA GLN A 485 22.21 -23.57 -25.59
C GLN A 485 22.05 -24.07 -27.03
N LEU A 486 20.97 -23.68 -27.70
CA LEU A 486 20.76 -24.07 -29.09
C LEU A 486 21.75 -23.36 -30.01
N LYS A 487 21.94 -22.05 -29.82
CA LYS A 487 22.85 -21.31 -30.70
C LYS A 487 24.30 -21.73 -30.48
N ALA A 488 24.64 -22.22 -29.28
CA ALA A 488 25.99 -22.70 -29.02
C ALA A 488 26.25 -24.07 -29.62
N GLY A 489 25.23 -24.73 -30.15
CA GLY A 489 25.41 -26.04 -30.76
C GLY A 489 25.28 -27.22 -29.81
N GLU A 490 24.66 -27.03 -28.65
CA GLU A 490 24.50 -28.10 -27.68
C GLU A 490 23.16 -28.83 -27.80
N LEU A 491 22.34 -28.48 -28.79
CA LEU A 491 21.02 -29.06 -28.96
C LEU A 491 20.89 -29.74 -30.34
N ALA A 492 21.92 -30.47 -30.75
CA ALA A 492 21.93 -31.07 -32.08
C ALA A 492 21.02 -32.29 -32.17
N ASP A 493 20.87 -33.04 -31.08
CA ASP A 493 20.13 -34.30 -31.13
C ASP A 493 18.68 -34.17 -30.67
N THR A 494 18.21 -32.96 -30.39
CA THR A 494 16.85 -32.77 -29.90
C THR A 494 15.86 -32.86 -31.05
N HIS A 495 14.65 -33.34 -30.75
CA HIS A 495 13.59 -33.46 -31.74
C HIS A 495 12.46 -32.45 -31.50
N PHE A 496 11.87 -32.41 -30.31
CA PHE A 496 10.89 -31.39 -29.95
C PHE A 496 11.43 -30.41 -28.91
N ILE A 497 11.08 -29.14 -29.08
CA ILE A 497 11.24 -28.11 -28.08
C ILE A 497 9.91 -27.39 -27.94
N GLU A 498 9.41 -27.28 -26.72
CA GLU A 498 8.23 -26.49 -26.42
C GLU A 498 8.66 -25.32 -25.55
N LEU A 499 8.21 -24.12 -25.90
CA LEU A 499 8.54 -22.92 -25.14
C LEU A 499 7.25 -22.14 -24.85
N MET A 500 7.05 -21.82 -23.58
CA MET A 500 6.00 -20.89 -23.17
C MET A 500 6.64 -19.68 -22.50
N ALA A 501 6.09 -18.50 -22.75
CA ALA A 501 6.67 -17.28 -22.19
C ALA A 501 6.34 -17.16 -20.70
N CYS A 502 5.05 -17.20 -20.35
CA CYS A 502 4.64 -17.04 -18.96
C CYS A 502 5.10 -18.24 -18.13
N PRO A 503 5.59 -18.00 -16.91
CA PRO A 503 6.09 -19.10 -16.09
C PRO A 503 4.95 -19.98 -15.59
N GLY A 504 5.12 -21.29 -15.77
CA GLY A 504 4.14 -22.26 -15.33
C GLY A 504 3.02 -22.55 -16.30
N GLY A 505 3.11 -22.06 -17.53
CA GLY A 505 2.07 -22.31 -18.52
C GLY A 505 1.03 -21.21 -18.54
N CYS A 506 0.06 -21.38 -19.44
CA CYS A 506 -0.98 -20.38 -19.62
C CYS A 506 -1.93 -20.28 -18.44
N VAL A 507 -1.84 -21.21 -17.48
CA VAL A 507 -2.63 -21.09 -16.25
C VAL A 507 -2.16 -19.92 -15.40
N ASN A 508 -0.97 -19.39 -15.69
CA ASN A 508 -0.42 -18.22 -15.00
C ASN A 508 -0.23 -17.06 -15.98
N GLY A 509 -1.19 -16.87 -16.88
CA GLY A 509 -1.09 -15.84 -17.89
C GLY A 509 -1.45 -14.47 -17.38
N GLY A 510 -1.20 -13.47 -18.23
CA GLY A 510 -1.44 -12.10 -17.84
C GLY A 510 -2.90 -11.69 -17.87
N GLY A 511 -3.76 -12.54 -18.41
CA GLY A 511 -5.19 -12.28 -18.42
C GLY A 511 -5.96 -12.90 -17.28
N GLN A 512 -5.29 -13.62 -16.39
CA GLN A 512 -5.95 -14.25 -15.25
C GLN A 512 -6.18 -13.22 -14.15
N PRO A 513 -7.12 -13.48 -13.25
CA PRO A 513 -7.37 -12.53 -12.16
C PRO A 513 -6.15 -12.34 -11.27
N ILE A 514 -6.03 -11.13 -10.73
CA ILE A 514 -4.85 -10.76 -9.95
C ILE A 514 -5.02 -11.27 -8.53
N VAL A 515 -3.99 -11.94 -8.02
CA VAL A 515 -3.94 -12.39 -6.64
C VAL A 515 -2.77 -11.70 -5.93
N SER A 516 -3.05 -11.14 -4.77
CA SER A 516 -2.06 -10.39 -4.02
C SER A 516 -1.07 -11.34 -3.35
N ALA A 517 -0.06 -10.76 -2.71
CA ALA A 517 0.97 -11.57 -2.08
C ALA A 517 0.44 -12.38 -0.91
N LYS A 518 -0.69 -11.94 -0.33
CA LYS A 518 -1.30 -12.67 0.78
C LYS A 518 -1.57 -14.12 0.39
N ASP A 519 -2.48 -14.33 -0.56
CA ASP A 519 -2.77 -15.67 -1.03
C ASP A 519 -1.66 -16.25 -1.89
N LYS A 520 -0.74 -15.41 -2.38
CA LYS A 520 0.35 -15.90 -3.22
C LYS A 520 1.43 -16.59 -2.39
N MET A 521 1.56 -16.21 -1.11
CA MET A 521 2.51 -16.87 -0.23
C MET A 521 1.92 -18.11 0.45
N ASP A 522 0.62 -18.35 0.28
CA ASP A 522 -0.03 -19.49 0.90
C ASP A 522 0.08 -20.75 0.04
N ILE A 523 -0.45 -20.69 -1.18
CA ILE A 523 -0.59 -21.85 -2.05
C ILE A 523 0.05 -21.54 -3.39
N ASP A 524 0.77 -22.51 -3.95
CA ASP A 524 1.33 -22.38 -5.29
C ASP A 524 0.21 -22.40 -6.31
N ILE A 525 -0.04 -21.27 -6.96
CA ILE A 525 -1.21 -21.12 -7.82
C ILE A 525 -1.05 -21.94 -9.10
N ARG A 526 0.14 -21.97 -9.69
CA ARG A 526 0.35 -22.75 -10.90
C ARG A 526 0.12 -24.23 -10.65
N THR A 527 0.66 -24.74 -9.54
CA THR A 527 0.53 -26.16 -9.24
C THR A 527 -0.93 -26.56 -9.04
N GLU A 528 -1.70 -25.73 -8.31
CA GLU A 528 -3.09 -26.07 -8.07
C GLU A 528 -3.95 -25.96 -9.32
N ARG A 529 -3.69 -24.95 -10.18
CA ARG A 529 -4.43 -24.88 -11.43
C ARG A 529 -4.10 -26.06 -12.34
N ALA A 530 -2.84 -26.46 -12.39
CA ALA A 530 -2.48 -27.64 -13.16
C ALA A 530 -3.13 -28.89 -12.59
N LYS A 531 -3.24 -28.97 -11.26
CA LYS A 531 -3.92 -30.09 -10.63
C LYS A 531 -5.39 -30.13 -11.04
N ALA A 532 -6.05 -28.98 -11.06
CA ALA A 532 -7.45 -28.94 -11.49
C ALA A 532 -7.60 -29.39 -12.95
N LEU A 533 -6.71 -28.90 -13.82
CA LEU A 533 -6.78 -29.30 -15.23
C LEU A 533 -6.54 -30.79 -15.39
N TYR A 534 -5.56 -31.36 -14.68
CA TYR A 534 -5.30 -32.78 -14.78
C TYR A 534 -6.43 -33.61 -14.20
N ASP A 535 -7.07 -33.14 -13.13
CA ASP A 535 -8.23 -33.84 -12.58
C ASP A 535 -9.38 -33.85 -13.58
N GLU A 536 -9.62 -32.72 -14.26
CA GLU A 536 -10.63 -32.73 -15.31
C GLU A 536 -10.24 -33.64 -16.46
N ASP A 537 -8.93 -33.74 -16.74
CA ASP A 537 -8.45 -34.66 -17.76
C ASP A 537 -8.75 -36.12 -17.39
N ALA A 538 -8.54 -36.48 -16.12
CA ALA A 538 -8.69 -37.87 -15.71
C ALA A 538 -10.14 -38.33 -15.68
N ASN A 539 -11.09 -37.41 -15.78
CA ASN A 539 -12.51 -37.77 -15.75
C ASN A 539 -13.18 -37.67 -17.12
N VAL A 540 -12.41 -37.60 -18.20
CA VAL A 540 -12.98 -37.64 -19.54
C VAL A 540 -13.14 -39.09 -19.95
N LEU A 541 -14.36 -39.61 -19.82
CA LEU A 541 -14.63 -41.03 -19.99
C LEU A 541 -15.03 -41.40 -21.42
N THR A 542 -15.02 -40.43 -22.34
CA THR A 542 -15.39 -40.69 -23.73
C THR A 542 -14.19 -40.99 -24.61
N TYR A 543 -13.25 -40.07 -24.74
CA TYR A 543 -12.05 -40.28 -25.55
C TYR A 543 -10.90 -39.51 -24.92
N ARG A 544 -9.73 -40.12 -24.86
CA ARG A 544 -8.55 -39.51 -24.29
C ARG A 544 -7.44 -39.25 -25.30
N LYS A 545 -7.71 -39.45 -26.60
CA LYS A 545 -6.70 -39.29 -27.63
C LYS A 545 -7.18 -38.30 -28.67
N SER A 546 -6.23 -37.75 -29.43
CA SER A 546 -6.55 -36.71 -30.39
C SER A 546 -7.13 -37.30 -31.67
N HIS A 547 -6.46 -38.29 -32.25
CA HIS A 547 -6.89 -38.91 -33.50
C HIS A 547 -8.14 -39.76 -33.35
N GLN A 548 -8.59 -40.01 -32.12
CA GLN A 548 -9.79 -40.80 -31.88
C GLN A 548 -11.05 -39.96 -31.86
N ASN A 549 -10.94 -38.63 -31.95
CA ASN A 549 -12.12 -37.78 -31.91
C ASN A 549 -12.95 -37.97 -33.17
N PRO A 550 -14.25 -38.24 -33.05
CA PRO A 550 -15.08 -38.39 -34.25
C PRO A 550 -15.14 -37.13 -35.11
N SER A 551 -15.13 -35.95 -34.50
CA SER A 551 -15.27 -34.72 -35.28
C SER A 551 -14.07 -34.50 -36.20
N VAL A 552 -12.86 -34.74 -35.69
CA VAL A 552 -11.68 -34.50 -36.50
C VAL A 552 -11.56 -35.51 -37.63
N ILE A 553 -11.89 -36.78 -37.38
CA ILE A 553 -11.83 -37.77 -38.45
C ILE A 553 -12.91 -37.51 -39.49
N ARG A 554 -14.10 -37.08 -39.05
CA ARG A 554 -15.13 -36.69 -40.00
C ARG A 554 -14.68 -35.51 -40.87
N LEU A 555 -14.07 -34.50 -40.23
CA LEU A 555 -13.56 -33.35 -40.98
C LEU A 555 -12.51 -33.77 -42.00
N TYR A 556 -11.59 -34.65 -41.59
CA TYR A 556 -10.50 -35.03 -42.48
C TYR A 556 -10.99 -35.94 -43.60
N GLU A 557 -12.03 -36.73 -43.34
CA GLU A 557 -12.54 -37.63 -44.38
C GLU A 557 -13.59 -36.95 -45.25
N GLU A 558 -14.02 -35.74 -44.90
CA GLU A 558 -14.97 -35.04 -45.74
C GLU A 558 -14.38 -33.82 -46.43
N TYR A 559 -13.51 -33.07 -45.74
CA TYR A 559 -13.08 -31.78 -46.25
C TYR A 559 -11.57 -31.70 -46.50
N LEU A 560 -10.77 -32.12 -45.53
CA LEU A 560 -9.33 -31.90 -45.56
C LEU A 560 -8.54 -33.08 -46.11
N GLU A 561 -9.20 -34.11 -46.62
CA GLU A 561 -8.53 -35.25 -47.24
C GLU A 561 -7.55 -35.93 -46.30
N GLU A 562 -6.30 -35.53 -46.36
CA GLU A 562 -5.23 -36.10 -45.54
C GLU A 562 -4.45 -34.97 -44.90
N PRO A 563 -3.73 -35.24 -43.81
CA PRO A 563 -2.93 -34.19 -43.18
C PRO A 563 -1.87 -33.64 -44.13
N ASN A 564 -1.59 -32.35 -43.97
CA ASN A 564 -0.64 -31.62 -44.82
C ASN A 564 -1.01 -31.73 -46.30
N SER A 565 -2.30 -31.66 -46.60
CA SER A 565 -2.76 -31.60 -47.97
C SER A 565 -2.58 -30.18 -48.52
N PRO A 566 -2.64 -30.01 -49.84
CA PRO A 566 -2.55 -28.64 -50.39
C PRO A 566 -3.59 -27.70 -49.81
N LYS A 567 -4.81 -28.17 -49.56
CA LYS A 567 -5.81 -27.34 -48.89
C LYS A 567 -5.38 -27.00 -47.47
N ALA A 568 -4.82 -27.98 -46.75
CA ALA A 568 -4.31 -27.70 -45.40
C ALA A 568 -3.17 -26.71 -45.43
N HIS A 569 -2.23 -26.86 -46.37
CA HIS A 569 -1.14 -25.90 -46.49
C HIS A 569 -1.66 -24.52 -46.85
N HIS A 570 -2.76 -24.44 -47.60
CA HIS A 570 -3.29 -23.14 -48.01
C HIS A 570 -4.04 -22.46 -46.87
N ILE A 571 -4.74 -23.22 -46.04
CA ILE A 571 -5.63 -22.61 -45.05
C ILE A 571 -4.99 -22.54 -43.67
N LEU A 572 -4.37 -23.61 -43.20
CA LEU A 572 -3.94 -23.71 -41.81
C LEU A 572 -2.47 -23.40 -41.58
N HIS A 573 -1.76 -22.85 -42.58
CA HIS A 573 -0.34 -22.57 -42.44
C HIS A 573 -0.05 -21.12 -42.75
N THR A 574 1.06 -20.61 -42.20
CA THR A 574 1.45 -19.22 -42.37
C THR A 574 2.96 -19.10 -42.21
N LYS A 575 3.49 -17.94 -42.57
CA LYS A 575 4.92 -17.67 -42.51
C LYS A 575 5.21 -16.58 -41.50
N TYR A 576 6.48 -16.51 -41.07
CA TYR A 576 6.93 -15.54 -40.09
C TYR A 576 8.13 -14.75 -40.63
N SER A 577 8.25 -13.51 -40.16
CA SER A 577 9.31 -12.62 -40.57
C SER A 577 9.84 -11.86 -39.36
N ALA A 578 11.09 -11.41 -39.47
CA ALA A 578 11.72 -10.68 -38.38
C ALA A 578 11.12 -9.29 -38.22
N LYS A 579 11.27 -8.73 -37.02
CA LYS A 579 10.74 -7.42 -36.70
C LYS A 579 11.81 -6.54 -36.07
N PRO A 580 11.75 -5.23 -36.29
CA PRO A 580 12.76 -4.34 -35.72
C PRO A 580 12.50 -4.06 -34.25
N LYS A 581 13.58 -4.00 -33.48
CA LYS A 581 13.53 -3.64 -32.07
C LYS A 581 14.11 -2.25 -31.88
N LEU A 582 13.48 -1.47 -30.99
CA LEU A 582 13.97 -0.13 -30.63
C LEU A 582 14.04 -0.08 -29.11
N VAL A 583 15.14 -0.58 -28.56
CA VAL A 583 15.35 -0.57 -27.12
C VAL A 583 16.45 0.41 -26.79
N VAL B 153 47.55 -7.25 14.47
CA VAL B 153 46.73 -7.27 15.67
C VAL B 153 47.22 -6.21 16.66
N ASP B 154 48.54 -6.08 16.80
CA ASP B 154 49.09 -5.04 17.65
C ASP B 154 48.74 -3.64 17.13
N VAL B 155 48.72 -3.47 15.81
CA VAL B 155 48.28 -2.19 15.24
C VAL B 155 46.83 -1.90 15.61
N ILE B 156 45.98 -2.91 15.52
CA ILE B 156 44.57 -2.74 15.88
C ILE B 156 44.44 -2.35 17.35
N ASN B 157 45.18 -3.04 18.22
CA ASN B 157 45.13 -2.73 19.65
C ASN B 157 45.63 -1.32 19.93
N GLU B 158 46.71 -0.91 19.26
CA GLU B 158 47.23 0.45 19.47
C GLU B 158 46.22 1.49 19.01
N VAL B 159 45.59 1.28 17.85
CA VAL B 159 44.60 2.23 17.36
C VAL B 159 43.40 2.29 18.31
N LYS B 160 42.95 1.14 18.79
CA LYS B 160 41.83 1.12 19.73
C LYS B 160 42.18 1.83 21.03
N ALA B 161 43.39 1.62 21.55
CA ALA B 161 43.82 2.28 22.77
C ALA B 161 44.02 3.78 22.58
N SER B 162 44.32 4.23 21.35
CA SER B 162 44.48 5.64 21.08
C SER B 162 43.19 6.42 21.23
N GLY B 163 42.04 5.75 21.27
CA GLY B 163 40.77 6.44 21.41
C GLY B 163 40.35 7.20 20.17
N LEU B 164 40.89 6.83 19.00
CA LEU B 164 40.56 7.51 17.77
C LEU B 164 39.16 7.11 17.30
N ARG B 165 38.30 8.10 17.14
CA ARG B 165 36.93 7.89 16.68
C ARG B 165 36.70 8.70 15.41
N GLY B 166 35.99 8.10 14.45
CA GLY B 166 35.77 8.72 13.17
C GLY B 166 35.12 10.08 13.24
N ARG B 167 35.71 11.07 12.59
CA ARG B 167 35.22 12.44 12.60
C ARG B 167 34.23 12.71 11.48
N GLY B 168 33.75 11.68 10.80
CA GLY B 168 32.77 11.86 9.75
C GLY B 168 31.43 12.38 10.24
N GLY B 169 31.12 12.15 11.52
CA GLY B 169 29.88 12.60 12.12
C GLY B 169 29.16 11.56 12.93
N GLY B 170 29.28 10.27 12.58
CA GLY B 170 28.61 9.23 13.34
C GLY B 170 29.30 8.85 14.64
N GLY B 171 30.57 9.23 14.79
CA GLY B 171 31.29 8.95 16.02
C GLY B 171 31.50 7.47 16.30
N PHE B 172 31.81 6.68 15.27
CA PHE B 172 32.08 5.27 15.54
C PHE B 172 33.58 5.03 15.61
N PRO B 173 34.03 4.32 16.65
CA PRO B 173 35.48 4.06 16.79
C PRO B 173 36.00 3.30 15.58
N THR B 174 37.19 3.71 15.12
CA THR B 174 37.80 3.06 13.97
C THR B 174 38.43 1.73 14.35
N GLY B 175 38.82 1.57 15.63
CA GLY B 175 39.35 0.30 16.08
C GLY B 175 38.34 -0.83 16.00
N LEU B 176 37.11 -0.59 16.44
CA LEU B 176 36.06 -1.59 16.32
C LEU B 176 35.74 -1.88 14.86
N LYS B 177 35.72 -0.84 14.02
CA LYS B 177 35.48 -1.04 12.59
C LYS B 177 36.55 -1.92 11.97
N TRP B 178 37.82 -1.69 12.31
CA TRP B 178 38.90 -2.54 11.82
C TRP B 178 38.80 -3.96 12.36
N GLN B 179 38.44 -4.13 13.63
CA GLN B 179 38.30 -5.47 14.19
C GLN B 179 37.19 -6.25 13.50
N PHE B 180 36.04 -5.61 13.27
CA PHE B 180 34.92 -6.30 12.64
C PHE B 180 35.21 -6.61 11.18
N ALA B 181 36.12 -5.88 10.55
CA ALA B 181 36.57 -6.25 9.21
C ALA B 181 37.60 -7.36 9.23
N HIS B 182 38.45 -7.38 10.26
CA HIS B 182 39.50 -8.40 10.34
C HIS B 182 38.93 -9.77 10.66
N ASP B 183 38.02 -9.85 11.63
CA ASP B 183 37.52 -11.15 12.07
C ASP B 183 36.58 -11.80 11.05
N ALA B 184 36.12 -11.04 10.05
CA ALA B 184 35.24 -11.61 9.04
C ALA B 184 36.01 -12.57 8.13
N VAL B 185 35.28 -13.54 7.57
CA VAL B 185 35.85 -14.56 6.71
C VAL B 185 35.17 -14.49 5.35
N SER B 186 35.96 -14.42 4.29
CA SER B 186 35.46 -14.39 2.93
C SER B 186 35.69 -15.72 2.23
N GLU B 187 34.97 -15.92 1.12
CA GLU B 187 35.01 -17.20 0.42
C GLU B 187 36.38 -17.46 -0.20
N ASP B 188 36.91 -16.48 -0.93
CA ASP B 188 38.18 -16.64 -1.64
C ASP B 188 39.36 -16.01 -0.93
N GLY B 189 39.16 -15.54 0.31
CA GLY B 189 40.25 -14.90 1.03
C GLY B 189 40.72 -13.60 0.44
N ILE B 190 39.81 -12.80 -0.12
CA ILE B 190 40.14 -11.52 -0.73
C ILE B 190 39.43 -10.42 0.06
N LYS B 191 40.19 -9.39 0.45
CA LYS B 191 39.66 -8.27 1.20
C LYS B 191 40.09 -6.98 0.51
N TYR B 192 39.33 -5.91 0.77
CA TYR B 192 39.51 -4.66 0.07
C TYR B 192 39.60 -3.51 1.08
N VAL B 193 40.09 -2.37 0.60
CA VAL B 193 40.04 -1.12 1.34
C VAL B 193 39.51 -0.03 0.41
N ALA B 194 38.44 0.64 0.85
CA ALA B 194 37.85 1.74 0.12
C ALA B 194 37.83 2.98 1.02
N CYS B 195 37.92 4.15 0.41
CA CYS B 195 38.06 5.40 1.15
C CYS B 195 37.19 6.48 0.54
N ASN B 196 36.72 7.39 1.40
CA ASN B 196 35.79 8.45 1.01
C ASN B 196 36.54 9.77 0.99
N ALA B 197 36.50 10.45 -0.15
CA ALA B 197 36.96 11.83 -0.27
C ALA B 197 35.88 12.74 -0.83
N ASP B 198 34.64 12.25 -0.92
CA ASP B 198 33.53 12.99 -1.52
C ASP B 198 32.90 13.89 -0.46
N GLU B 199 33.51 15.06 -0.28
CA GLU B 199 32.91 16.09 0.57
C GLU B 199 31.75 16.75 -0.18
N GLY B 200 30.63 16.90 0.51
CA GLY B 200 29.45 17.48 -0.11
C GLY B 200 28.86 18.64 0.66
N ASP B 201 29.21 18.77 1.93
CA ASP B 201 28.60 19.80 2.76
C ASP B 201 29.13 21.17 2.35
N PRO B 202 28.25 22.14 2.08
CA PRO B 202 28.72 23.47 1.69
C PRO B 202 29.49 24.16 2.80
N GLY B 203 30.47 24.97 2.40
CA GLY B 203 31.28 25.72 3.34
C GLY B 203 32.41 24.96 3.98
N ALA B 204 32.61 23.69 3.61
CA ALA B 204 33.68 22.87 4.17
C ALA B 204 34.52 22.31 3.02
N PHE B 205 35.84 22.56 3.09
CA PHE B 205 36.72 22.09 2.03
C PHE B 205 38.06 21.57 2.55
N MET B 206 38.10 21.01 3.77
CA MET B 206 39.34 20.41 4.26
C MET B 206 39.67 19.09 3.57
N ASP B 207 38.66 18.39 3.08
CA ASP B 207 38.90 17.09 2.45
C ASP B 207 39.72 17.23 1.17
N ARG B 208 39.46 18.28 0.38
CA ARG B 208 40.31 18.53 -0.78
C ARG B 208 41.65 19.13 -0.37
N SER B 209 41.68 19.90 0.72
CA SER B 209 42.92 20.54 1.14
C SER B 209 43.95 19.51 1.58
N VAL B 210 43.52 18.48 2.31
CA VAL B 210 44.48 17.47 2.76
C VAL B 210 45.07 16.71 1.58
N LEU B 211 44.27 16.44 0.54
CA LEU B 211 44.80 15.81 -0.65
C LEU B 211 45.77 16.72 -1.39
N GLU B 212 45.42 18.00 -1.55
CA GLU B 212 46.26 18.91 -2.33
C GLU B 212 47.47 19.40 -1.55
N GLY B 213 47.55 19.12 -0.25
CA GLY B 213 48.67 19.57 0.54
C GLY B 213 49.69 18.49 0.82
N ASP B 214 49.23 17.29 1.18
CA ASP B 214 50.12 16.20 1.51
C ASP B 214 49.47 14.85 1.22
N PRO B 215 49.52 14.37 -0.03
CA PRO B 215 48.89 13.08 -0.35
C PRO B 215 49.71 11.86 0.08
N HIS B 216 50.99 12.06 0.45
CA HIS B 216 51.80 10.92 0.89
C HIS B 216 51.30 10.34 2.19
N ALA B 217 50.97 11.20 3.16
CA ALA B 217 50.39 10.74 4.41
C ALA B 217 49.01 10.11 4.20
N VAL B 218 48.32 10.48 3.13
CA VAL B 218 47.03 9.87 2.82
C VAL B 218 47.22 8.43 2.36
N ILE B 219 48.24 8.20 1.50
CA ILE B 219 48.41 6.89 0.89
C ILE B 219 49.20 5.95 1.78
N GLU B 220 49.99 6.46 2.72
CA GLU B 220 50.66 5.55 3.66
C GLU B 220 49.64 4.89 4.59
N ALA B 221 48.64 5.64 5.04
CA ALA B 221 47.58 5.08 5.86
C ALA B 221 46.77 4.04 5.10
N MET B 222 46.70 4.18 3.77
CA MET B 222 46.10 3.16 2.93
C MET B 222 46.76 1.82 3.14
N ALA B 223 48.10 1.77 3.03
CA ALA B 223 48.81 0.52 3.22
C ALA B 223 48.79 0.06 4.67
N ILE B 224 48.78 1.01 5.62
CA ILE B 224 48.65 0.63 7.03
C ILE B 224 47.34 -0.11 7.26
N ALA B 225 46.23 0.43 6.76
CA ALA B 225 44.94 -0.24 6.91
C ALA B 225 44.93 -1.59 6.18
N GLY B 226 45.49 -1.62 4.97
CA GLY B 226 45.52 -2.87 4.22
C GLY B 226 46.30 -3.97 4.92
N TYR B 227 47.44 -3.62 5.52
CA TYR B 227 48.20 -4.59 6.30
C TYR B 227 47.47 -4.97 7.59
N ALA B 228 46.78 -4.01 8.21
CA ALA B 228 46.07 -4.30 9.45
C ALA B 228 44.94 -5.29 9.23
N VAL B 229 44.18 -5.14 8.13
CA VAL B 229 43.03 -6.00 7.90
C VAL B 229 43.29 -7.07 6.85
N GLY B 230 44.48 -7.11 6.25
CA GLY B 230 44.80 -8.15 5.30
C GLY B 230 44.24 -7.95 3.90
N ALA B 231 44.08 -6.70 3.47
CA ALA B 231 43.57 -6.39 2.14
C ALA B 231 44.74 -6.17 1.19
N SER B 232 44.63 -6.71 -0.02
CA SER B 232 45.71 -6.65 -1.00
C SER B 232 45.52 -5.57 -2.06
N LYS B 233 44.33 -4.98 -2.17
CA LYS B 233 44.08 -3.89 -3.11
C LYS B 233 43.20 -2.84 -2.45
N GLY B 234 43.39 -1.59 -2.86
CA GLY B 234 42.66 -0.48 -2.28
C GLY B 234 42.11 0.45 -3.34
N TYR B 235 41.09 1.20 -2.95
CA TYR B 235 40.40 2.13 -3.84
C TYR B 235 40.26 3.49 -3.15
N VAL B 236 40.23 4.54 -3.97
CA VAL B 236 39.98 5.90 -3.52
C VAL B 236 38.85 6.50 -4.35
N TYR B 237 37.98 7.26 -3.71
CA TYR B 237 36.85 7.91 -4.36
C TYR B 237 36.98 9.42 -4.17
N VAL B 238 37.53 10.09 -5.18
CA VAL B 238 37.73 11.54 -5.13
C VAL B 238 36.97 12.18 -6.29
N ARG B 239 36.37 13.33 -6.01
CA ARG B 239 35.59 14.04 -7.02
C ARG B 239 36.47 14.48 -8.18
N ALA B 240 35.94 14.33 -9.40
CA ALA B 240 36.70 14.69 -10.59
C ALA B 240 36.75 16.19 -10.84
N GLU B 241 35.89 16.97 -10.18
CA GLU B 241 35.86 18.41 -10.35
C GLU B 241 36.95 19.13 -9.56
N TYR B 242 37.87 18.38 -8.95
CA TYR B 242 39.04 18.96 -8.28
C TYR B 242 40.28 18.53 -9.05
N PRO B 243 40.55 19.13 -10.21
CA PRO B 243 41.66 18.64 -11.05
C PRO B 243 43.01 18.72 -10.37
N ILE B 244 43.28 19.76 -9.59
CA ILE B 244 44.58 19.89 -8.95
C ILE B 244 44.80 18.77 -7.93
N ALA B 245 43.79 18.45 -7.12
CA ALA B 245 43.93 17.39 -6.13
C ALA B 245 44.13 16.04 -6.80
N VAL B 246 43.36 15.76 -7.86
CA VAL B 246 43.49 14.49 -8.56
C VAL B 246 44.88 14.36 -9.20
N ASN B 247 45.34 15.43 -9.85
CA ASN B 247 46.67 15.41 -10.45
C ASN B 247 47.75 15.22 -9.39
N ARG B 248 47.65 15.91 -8.26
CA ARG B 248 48.65 15.76 -7.21
C ARG B 248 48.66 14.36 -6.63
N LEU B 249 47.48 13.77 -6.39
CA LEU B 249 47.46 12.43 -5.82
C LEU B 249 47.94 11.39 -6.82
N GLN B 250 47.66 11.57 -8.12
CA GLN B 250 48.16 10.61 -9.10
C GLN B 250 49.67 10.74 -9.28
N ILE B 251 50.21 11.95 -9.22
CA ILE B 251 51.67 12.09 -9.23
C ILE B 251 52.27 11.46 -7.99
N ALA B 252 51.62 11.60 -6.84
CA ALA B 252 52.10 10.99 -5.62
C ALA B 252 52.12 9.46 -5.70
N ILE B 253 51.04 8.85 -6.21
CA ILE B 253 51.00 7.40 -6.33
C ILE B 253 52.00 6.92 -7.37
N ASP B 254 52.20 7.70 -8.44
CA ASP B 254 53.20 7.35 -9.43
C ASP B 254 54.60 7.34 -8.82
N GLN B 255 54.93 8.36 -8.03
CA GLN B 255 56.22 8.40 -7.35
C GLN B 255 56.36 7.26 -6.36
N ALA B 256 55.30 6.95 -5.61
CA ALA B 256 55.36 5.87 -4.63
C ALA B 256 55.60 4.54 -5.30
N LYS B 257 54.91 4.26 -6.41
CA LYS B 257 55.11 3.00 -7.11
C LYS B 257 56.41 2.97 -7.89
N GLU B 258 56.97 4.14 -8.23
CA GLU B 258 58.29 4.18 -8.84
C GLU B 258 59.37 3.84 -7.83
N TYR B 259 59.26 4.39 -6.62
CA TYR B 259 60.21 4.05 -5.56
C TYR B 259 60.06 2.61 -5.08
N GLY B 260 58.91 1.98 -5.34
CA GLY B 260 58.66 0.62 -4.91
C GLY B 260 57.76 0.48 -3.70
N ILE B 261 57.21 1.59 -3.18
CA ILE B 261 56.34 1.49 -2.01
C ILE B 261 55.06 0.73 -2.34
N LEU B 262 54.47 1.00 -3.50
CA LEU B 262 53.21 0.39 -3.90
C LEU B 262 53.46 -0.61 -5.03
N GLY B 263 52.90 -1.80 -4.88
CA GLY B 263 53.08 -2.85 -5.87
C GLY B 263 53.27 -4.21 -5.24
N GLU B 264 54.37 -4.88 -5.57
CA GLU B 264 54.69 -6.18 -5.03
C GLU B 264 56.01 -6.10 -4.27
N ASN B 265 56.11 -6.89 -3.19
CA ASN B 265 57.29 -6.92 -2.32
C ASN B 265 57.58 -5.53 -1.76
N ILE B 266 56.62 -5.04 -0.99
CA ILE B 266 56.71 -3.71 -0.40
C ILE B 266 57.81 -3.72 0.66
N PHE B 267 58.87 -2.95 0.42
CA PHE B 267 60.02 -2.86 1.32
C PHE B 267 60.61 -4.24 1.61
N GLU B 268 60.71 -5.06 0.56
CA GLU B 268 61.28 -6.41 0.67
C GLU B 268 60.55 -7.26 1.68
N THR B 269 59.23 -7.13 1.73
CA THR B 269 58.37 -7.93 2.60
C THR B 269 57.42 -8.77 1.75
N ASP B 270 56.53 -9.50 2.43
CA ASP B 270 55.58 -10.38 1.78
C ASP B 270 54.23 -9.71 1.54
N PHE B 271 54.10 -8.43 1.85
CA PHE B 271 52.86 -7.70 1.69
C PHE B 271 52.88 -6.96 0.36
N SER B 272 51.83 -7.17 -0.45
CA SER B 272 51.68 -6.50 -1.74
C SER B 272 50.35 -5.76 -1.77
N PHE B 273 50.38 -4.51 -2.21
CA PHE B 273 49.21 -3.64 -2.13
C PHE B 273 49.17 -2.78 -3.39
N ASP B 274 47.98 -2.67 -3.98
CA ASP B 274 47.80 -1.91 -5.22
C ASP B 274 46.61 -0.97 -5.09
N LEU B 275 46.72 0.17 -5.77
CA LEU B 275 45.71 1.22 -5.69
C LEU B 275 45.22 1.61 -7.08
N GLU B 276 43.90 1.78 -7.20
CA GLU B 276 43.28 2.27 -8.42
C GLU B 276 42.41 3.45 -8.07
N ILE B 277 42.56 4.54 -8.82
CA ILE B 277 41.83 5.77 -8.54
C ILE B 277 40.50 5.74 -9.28
N ARG B 278 39.41 5.89 -8.52
CA ARG B 278 38.07 5.97 -9.08
C ARG B 278 37.65 7.44 -9.15
N LEU B 279 37.17 7.86 -10.30
CA LEU B 279 36.80 9.25 -10.56
C LEU B 279 35.29 9.40 -10.38
N GLY B 280 34.89 9.95 -9.23
CA GLY B 280 33.49 10.24 -8.99
C GLY B 280 32.98 11.37 -9.85
N ALA B 281 31.66 11.58 -9.81
CA ALA B 281 31.02 12.60 -10.63
C ALA B 281 30.43 13.69 -9.75
N GLY B 282 30.70 13.63 -8.45
CA GLY B 282 30.30 14.69 -7.55
C GLY B 282 28.82 14.79 -7.26
N ALA B 283 28.26 13.78 -6.60
CA ALA B 283 26.88 13.81 -6.15
C ALA B 283 26.83 13.72 -4.63
N PHE B 284 26.05 14.60 -4.00
CA PHE B 284 25.93 14.58 -2.55
C PHE B 284 25.36 13.26 -2.05
N VAL B 285 24.30 12.77 -2.67
CA VAL B 285 23.73 11.50 -2.24
C VAL B 285 24.70 10.35 -2.50
N CYS B 286 25.52 10.48 -3.54
CA CYS B 286 26.57 9.49 -3.78
C CYS B 286 27.64 9.53 -2.70
N GLY B 287 27.77 10.64 -1.98
CA GLY B 287 28.66 10.71 -0.84
C GLY B 287 28.22 9.85 0.33
N GLU B 288 27.00 9.31 0.28
CA GLU B 288 26.53 8.43 1.32
C GLU B 288 27.37 7.15 1.33
N GLU B 289 27.26 6.40 2.43
CA GLU B 289 28.28 5.42 2.76
C GLU B 289 27.91 4.02 2.25
N THR B 290 26.72 3.88 1.66
CA THR B 290 26.45 2.73 0.80
C THR B 290 26.25 3.15 -0.65
N ALA B 291 25.83 4.41 -0.87
CA ALA B 291 25.70 4.92 -2.23
C ALA B 291 27.06 5.02 -2.92
N LEU B 292 28.11 5.34 -2.17
CA LEU B 292 29.46 5.28 -2.71
C LEU B 292 29.82 3.87 -3.16
N MET B 293 29.45 2.87 -2.35
CA MET B 293 29.69 1.48 -2.73
C MET B 293 28.98 1.13 -4.03
N ASN B 294 27.71 1.51 -4.13
CA ASN B 294 26.96 1.25 -5.37
C ASN B 294 27.55 1.99 -6.56
N SER B 295 28.00 3.24 -6.36
CA SER B 295 28.61 3.99 -7.45
C SER B 295 29.88 3.33 -7.94
N ILE B 296 30.73 2.87 -7.00
CA ILE B 296 31.94 2.14 -7.40
C ILE B 296 31.57 0.85 -8.13
N GLU B 297 30.50 0.18 -7.68
CA GLU B 297 30.04 -1.02 -8.37
C GLU B 297 29.52 -0.73 -9.78
N GLY B 298 29.19 0.52 -10.08
CA GLY B 298 28.72 0.88 -11.41
C GLY B 298 27.23 1.02 -11.55
N LYS B 299 26.46 0.90 -10.46
CA LYS B 299 25.02 1.01 -10.49
C LYS B 299 24.59 2.44 -10.10
N ARG B 300 23.30 2.61 -9.90
CA ARG B 300 22.77 3.88 -9.42
C ARG B 300 23.23 4.14 -8.00
N GLY B 301 23.31 5.43 -7.64
CA GLY B 301 23.76 5.81 -6.31
C GLY B 301 22.69 5.72 -5.25
N GLU B 302 21.88 4.66 -5.30
CA GLU B 302 20.84 4.44 -4.30
C GLU B 302 21.40 3.60 -3.15
N PRO B 303 21.23 4.05 -1.91
CA PRO B 303 21.81 3.32 -0.78
C PRO B 303 21.11 2.01 -0.50
N ARG B 304 21.83 1.11 0.19
CA ARG B 304 21.35 -0.22 0.55
C ARG B 304 21.02 -0.27 2.03
N PRO B 305 20.08 -1.12 2.46
CA PRO B 305 19.83 -1.26 3.90
C PRO B 305 20.96 -1.99 4.59
N ARG B 306 21.10 -1.71 5.89
CA ARG B 306 22.11 -2.36 6.72
C ARG B 306 21.47 -2.81 8.03
N PRO B 307 21.87 -3.98 8.57
CA PRO B 307 22.87 -4.93 8.05
C PRO B 307 22.37 -5.71 6.83
N PRO B 308 23.26 -6.38 6.09
CA PRO B 308 24.71 -6.56 6.26
C PRO B 308 25.53 -5.27 6.16
N PHE B 309 26.28 -5.00 7.22
CA PHE B 309 27.12 -3.81 7.27
C PHE B 309 28.28 -3.95 6.29
N PRO B 310 28.86 -2.83 5.84
CA PRO B 310 29.99 -2.93 4.90
C PRO B 310 31.24 -3.55 5.50
N ALA B 311 31.32 -3.68 6.83
CA ALA B 311 32.45 -4.37 7.44
C ALA B 311 32.42 -5.87 7.18
N ASN B 312 31.28 -6.42 6.82
CA ASN B 312 31.13 -7.84 6.53
C ASN B 312 30.89 -8.14 5.05
N LYS B 313 30.29 -7.22 4.32
CA LYS B 313 29.99 -7.43 2.90
C LYS B 313 30.23 -6.10 2.18
N GLY B 314 31.40 -5.96 1.57
CA GLY B 314 31.74 -4.73 0.89
C GLY B 314 31.85 -4.85 -0.61
N LEU B 315 33.05 -4.61 -1.13
CA LEU B 315 33.26 -4.64 -2.56
C LEU B 315 33.15 -6.07 -3.09
N PHE B 316 32.18 -6.30 -3.97
CA PHE B 316 31.92 -7.61 -4.56
C PHE B 316 31.69 -8.67 -3.49
N GLY B 317 31.01 -8.31 -2.41
CA GLY B 317 30.70 -9.26 -1.37
C GLY B 317 31.86 -9.67 -0.49
N LYS B 318 32.91 -8.85 -0.42
CA LYS B 318 34.07 -9.14 0.41
C LYS B 318 34.25 -8.05 1.46
N PRO B 319 34.76 -8.39 2.64
CA PRO B 319 34.92 -7.38 3.69
C PRO B 319 35.84 -6.26 3.25
N THR B 320 35.48 -5.03 3.64
CA THR B 320 36.19 -3.83 3.22
C THR B 320 36.13 -2.80 4.34
N VAL B 321 37.20 -2.01 4.46
CA VAL B 321 37.33 -0.99 5.49
C VAL B 321 37.11 0.37 4.86
N LEU B 322 36.24 1.18 5.47
CA LEU B 322 35.85 2.49 4.94
C LEU B 322 36.09 3.56 6.01
N ASN B 323 36.91 4.56 5.67
CA ASN B 323 37.17 5.71 6.53
C ASN B 323 37.44 6.93 5.67
N ASN B 324 37.25 8.11 6.27
CA ASN B 324 37.52 9.36 5.57
C ASN B 324 39.01 9.68 5.61
N VAL B 325 39.41 10.62 4.74
CA VAL B 325 40.83 10.89 4.54
C VAL B 325 41.45 11.56 5.76
N GLU B 326 40.79 12.59 6.32
CA GLU B 326 41.37 13.31 7.44
C GLU B 326 41.46 12.45 8.69
N THR B 327 40.67 11.39 8.77
CA THR B 327 40.87 10.40 9.83
C THR B 327 42.14 9.61 9.61
N TYR B 328 42.43 9.22 8.37
CA TYR B 328 43.68 8.55 8.05
C TYR B 328 44.89 9.45 8.25
N ALA B 329 44.69 10.77 8.16
CA ALA B 329 45.83 11.69 8.22
C ALA B 329 46.55 11.64 9.56
N ASN B 330 45.88 11.17 10.62
CA ASN B 330 46.46 11.21 11.96
C ASN B 330 47.16 9.93 12.37
N ILE B 331 47.14 8.88 11.53
CA ILE B 331 47.76 7.61 11.93
C ILE B 331 49.29 7.65 11.92
N PRO B 332 49.98 8.46 11.08
CA PRO B 332 51.44 8.51 11.22
C PRO B 332 51.89 8.94 12.60
N LYS B 333 51.21 9.92 13.19
CA LYS B 333 51.50 10.33 14.56
C LYS B 333 51.22 9.23 15.57
N ILE B 334 50.13 8.49 15.39
CA ILE B 334 49.80 7.39 16.30
C ILE B 334 50.90 6.34 16.26
N ILE B 335 51.36 5.98 15.06
CA ILE B 335 52.36 4.92 14.94
C ILE B 335 53.71 5.40 15.45
N LEU B 336 54.13 6.62 15.08
CA LEU B 336 55.47 7.07 15.40
C LEU B 336 55.61 7.46 16.87
N ASN B 337 54.63 8.19 17.40
CA ASN B 337 54.76 8.79 18.73
C ASN B 337 54.05 8.02 19.82
N GLY B 338 53.07 7.20 19.50
CA GLY B 338 52.37 6.42 20.51
C GLY B 338 50.94 6.91 20.71
N ALA B 339 50.13 6.02 21.31
CA ALA B 339 48.71 6.34 21.53
C ALA B 339 48.53 7.38 22.63
N GLU B 340 49.46 7.45 23.59
CA GLU B 340 49.32 8.38 24.70
C GLU B 340 49.34 9.84 24.25
N TRP B 341 50.01 10.15 23.14
CA TRP B 341 49.99 11.51 22.63
C TRP B 341 48.59 11.92 22.18
N PHE B 342 47.89 11.02 21.49
CA PHE B 342 46.50 11.30 21.13
C PHE B 342 45.60 11.30 22.36
N ALA B 343 45.85 10.40 23.31
CA ALA B 343 45.05 10.34 24.52
C ALA B 343 45.28 11.54 25.44
N SER B 344 46.40 12.24 25.28
CA SER B 344 46.71 13.39 26.14
C SER B 344 46.01 14.66 25.69
N VAL B 345 45.42 14.68 24.49
CA VAL B 345 44.75 15.85 23.96
C VAL B 345 43.27 15.55 23.84
N GLY B 346 42.44 16.43 24.38
CA GLY B 346 41.00 16.27 24.32
C GLY B 346 40.41 15.77 25.63
N THR B 347 39.09 15.57 25.59
CA THR B 347 38.35 15.11 26.75
C THR B 347 38.40 13.59 26.84
N GLU B 348 37.66 13.03 27.81
CA GLU B 348 37.64 11.58 27.98
C GLU B 348 36.91 10.89 26.83
N LYS B 349 35.73 11.42 26.46
CA LYS B 349 34.94 10.79 25.41
C LYS B 349 35.62 10.88 24.05
N SER B 350 36.19 12.04 23.73
CA SER B 350 36.82 12.24 22.43
C SER B 350 38.22 12.79 22.65
N LYS B 351 39.19 12.23 21.92
CA LYS B 351 40.60 12.55 22.09
C LYS B 351 41.17 13.14 20.81
N GLY B 352 42.20 13.98 20.96
CA GLY B 352 42.91 14.52 19.83
C GLY B 352 42.51 15.93 19.44
N THR B 353 42.70 16.28 18.18
CA THR B 353 42.33 17.58 17.62
C THR B 353 41.43 17.37 16.41
N LYS B 354 40.81 18.46 15.96
CA LYS B 354 39.89 18.39 14.83
C LYS B 354 40.06 19.62 13.95
N VAL B 355 39.76 19.44 12.66
CA VAL B 355 39.84 20.50 11.66
C VAL B 355 38.49 21.18 11.58
N PHE B 356 38.49 22.51 11.70
CA PHE B 356 37.29 23.32 11.51
C PHE B 356 37.50 24.31 10.39
N ALA B 357 36.62 24.27 9.41
CA ALA B 357 36.62 25.21 8.30
C ALA B 357 35.49 26.21 8.56
N LEU B 358 35.86 27.48 8.74
CA LEU B 358 34.86 28.46 9.15
C LEU B 358 34.62 29.49 8.07
N GLY B 359 33.41 30.05 8.07
CA GLY B 359 33.05 31.03 7.07
C GLY B 359 31.83 31.81 7.48
N GLY B 360 31.32 32.59 6.53
CA GLY B 360 30.17 33.45 6.79
C GLY B 360 30.59 34.88 7.03
N LYS B 361 29.89 35.58 7.92
CA LYS B 361 30.23 36.95 8.29
C LYS B 361 31.26 36.91 9.41
N ILE B 362 32.52 36.79 9.02
CA ILE B 362 33.63 36.74 9.96
C ILE B 362 34.82 37.48 9.35
N ASN B 363 35.60 38.13 10.22
CA ASN B 363 36.72 38.94 9.75
C ASN B 363 37.78 38.09 9.05
N ASN B 364 38.12 36.94 9.64
CA ASN B 364 39.12 36.04 9.08
C ASN B 364 38.48 34.68 8.83
N THR B 365 38.73 34.12 7.65
CA THR B 365 38.18 32.84 7.24
C THR B 365 39.30 31.84 7.01
N GLY B 366 39.02 30.56 7.23
CA GLY B 366 40.00 29.55 6.93
C GLY B 366 39.80 28.30 7.80
N LEU B 367 40.89 27.56 7.94
CA LEU B 367 40.90 26.28 8.65
C LEU B 367 41.65 26.41 9.96
N LEU B 368 41.20 25.65 10.96
CA LEU B 368 41.79 25.66 12.29
C LEU B 368 41.99 24.23 12.75
N GLU B 369 43.10 24.01 13.48
CA GLU B 369 43.42 22.73 14.11
C GLU B 369 43.14 22.92 15.60
N ILE B 370 41.89 22.69 16.01
CA ILE B 370 41.48 23.03 17.37
C ILE B 370 41.53 21.79 18.24
N PRO B 371 41.99 21.90 19.48
CA PRO B 371 41.94 20.77 20.40
C PRO B 371 40.50 20.36 20.70
N MET B 372 40.33 19.07 20.99
CA MET B 372 39.00 18.53 21.22
C MET B 372 38.41 19.13 22.50
N GLY B 373 37.20 19.68 22.38
CA GLY B 373 36.52 20.28 23.51
C GLY B 373 36.62 21.79 23.62
N THR B 374 37.15 22.47 22.62
CA THR B 374 37.24 23.93 22.66
C THR B 374 35.86 24.55 22.54
N THR B 375 35.61 25.58 23.34
CA THR B 375 34.31 26.24 23.35
C THR B 375 34.15 27.11 22.11
N LEU B 376 32.88 27.38 21.77
CA LEU B 376 32.59 28.18 20.59
C LEU B 376 32.95 29.65 20.80
N ARG B 377 32.89 30.13 22.05
CA ARG B 377 33.25 31.51 22.34
C ARG B 377 34.71 31.78 21.96
N GLU B 378 35.60 30.85 22.28
CA GLU B 378 37.00 30.99 21.91
C GLU B 378 37.20 31.00 20.40
N ILE B 379 36.46 30.17 19.67
CA ILE B 379 36.61 30.09 18.22
C ILE B 379 36.13 31.38 17.56
N ILE B 380 34.94 31.87 17.96
CA ILE B 380 34.34 33.00 17.28
C ILE B 380 35.11 34.29 17.57
N TYR B 381 35.50 34.52 18.83
CA TYR B 381 36.01 35.82 19.24
C TYR B 381 37.54 35.88 19.21
N GLU B 382 38.19 35.00 19.97
CA GLU B 382 39.64 35.07 20.11
C GLU B 382 40.34 34.80 18.78
N ILE B 383 39.88 33.82 18.01
CA ILE B 383 40.51 33.43 16.76
C ILE B 383 39.82 34.07 15.57
N GLY B 384 38.48 34.07 15.56
CA GLY B 384 37.74 34.58 14.41
C GLY B 384 37.83 36.08 14.24
N GLY B 385 38.17 36.82 15.29
CA GLY B 385 38.26 38.26 15.20
C GLY B 385 36.98 39.01 15.49
N GLY B 386 35.89 38.31 15.77
CA GLY B 386 34.63 38.97 16.09
C GLY B 386 33.77 39.22 14.87
N ILE B 387 32.56 39.71 15.15
CA ILE B 387 31.60 39.99 14.08
C ILE B 387 32.03 41.23 13.32
N PRO B 388 32.19 41.17 12.00
CA PRO B 388 32.61 42.36 11.25
C PRO B 388 31.52 43.43 11.22
N ASN B 389 31.97 44.67 11.03
CA ASN B 389 31.10 45.83 10.89
C ASN B 389 30.25 46.10 12.13
N GLY B 390 30.64 45.54 13.28
CA GLY B 390 29.93 45.78 14.51
C GLY B 390 28.50 45.30 14.55
N LYS B 391 28.16 44.29 13.75
CA LYS B 391 26.80 43.78 13.75
C LYS B 391 26.56 42.89 14.96
N ALA B 392 25.29 42.59 15.20
CA ALA B 392 24.88 41.79 16.36
C ALA B 392 24.91 40.31 16.01
N PHE B 393 25.65 39.54 16.80
CA PHE B 393 25.74 38.10 16.60
C PHE B 393 24.41 37.42 16.90
N LYS B 394 23.98 36.56 15.97
CA LYS B 394 22.80 35.73 16.18
C LYS B 394 23.17 34.27 16.43
N ALA B 395 23.88 33.63 15.50
CA ALA B 395 24.10 32.20 15.61
C ALA B 395 25.25 31.76 14.72
N ALA B 396 25.72 30.54 14.98
CA ALA B 396 26.67 29.85 14.12
C ALA B 396 26.09 28.48 13.78
N GLN B 397 26.02 28.18 12.49
CA GLN B 397 25.55 26.89 12.01
C GLN B 397 26.73 25.93 11.94
N THR B 398 26.57 24.76 12.58
CA THR B 398 27.59 23.73 12.60
C THR B 398 27.04 22.44 12.00
N GLY B 399 27.94 21.68 11.36
CA GLY B 399 27.55 20.44 10.74
C GLY B 399 26.93 20.58 9.37
N GLY B 400 26.91 21.77 8.81
CA GLY B 400 26.33 22.00 7.51
C GLY B 400 24.82 21.87 7.53
N PRO B 401 24.22 21.65 6.36
CA PRO B 401 22.76 21.49 6.29
C PRO B 401 22.23 20.26 7.02
N SER B 402 23.09 19.29 7.33
CA SER B 402 22.69 18.13 8.11
C SER B 402 22.92 18.31 9.60
N GLY B 403 23.40 19.48 10.02
CA GLY B 403 23.66 19.73 11.43
C GLY B 403 22.61 20.59 12.09
N GLY B 404 23.03 21.70 12.69
CA GLY B 404 22.11 22.58 13.40
C GLY B 404 22.69 23.95 13.54
N CYS B 405 21.98 24.80 14.27
CA CYS B 405 22.39 26.18 14.53
C CYS B 405 22.46 26.43 16.02
N LEU B 406 23.60 26.95 16.48
CA LEU B 406 23.80 27.29 17.89
C LEU B 406 23.71 28.79 18.06
N PRO B 407 22.75 29.30 18.84
CA PRO B 407 22.69 30.74 19.12
C PRO B 407 23.65 31.16 20.22
N GLU B 408 23.58 32.42 20.63
CA GLU B 408 24.45 32.93 21.69
C GLU B 408 24.10 32.39 23.06
N SER B 409 22.92 31.76 23.22
CA SER B 409 22.49 31.28 24.53
C SER B 409 23.31 30.10 25.01
N LEU B 410 24.01 29.41 24.11
CA LEU B 410 24.90 28.31 24.47
C LEU B 410 26.29 28.52 23.91
N LEU B 411 26.77 29.77 23.93
CA LEU B 411 28.06 30.08 23.35
C LEU B 411 29.22 29.48 24.15
N ASP B 412 28.98 29.19 25.44
CA ASP B 412 30.00 28.61 26.31
C ASP B 412 29.98 27.08 26.29
N THR B 413 29.17 26.47 25.44
CA THR B 413 29.03 25.02 25.43
C THR B 413 30.27 24.36 24.86
N GLU B 414 30.77 23.34 25.55
CA GLU B 414 31.91 22.56 25.07
C GLU B 414 31.52 21.85 23.78
N ILE B 415 32.38 21.93 22.77
CA ILE B 415 32.13 21.30 21.48
C ILE B 415 32.69 19.89 21.52
N ASP B 416 31.81 18.90 21.46
CA ASP B 416 32.22 17.50 21.41
C ASP B 416 31.10 16.68 20.79
N TYR B 417 31.31 15.37 20.68
CA TYR B 417 30.33 14.49 20.06
C TYR B 417 29.04 14.45 20.88
N ASP B 418 29.16 14.24 22.20
CA ASP B 418 27.96 14.09 23.02
C ASP B 418 27.25 15.42 23.26
N ASN B 419 28.01 16.49 23.51
CA ASN B 419 27.38 17.77 23.78
C ASN B 419 26.60 18.30 22.58
N LEU B 420 27.17 18.15 21.37
CA LEU B 420 26.46 18.61 20.18
C LEU B 420 25.17 17.84 19.95
N ILE B 421 25.19 16.51 20.11
CA ILE B 421 23.96 15.74 19.89
C ILE B 421 22.97 15.99 21.01
N ALA B 422 23.44 16.40 22.19
CA ALA B 422 22.53 16.83 23.24
C ALA B 422 21.96 18.21 22.94
N ALA B 423 22.67 19.01 22.15
CA ALA B 423 22.23 20.35 21.79
C ALA B 423 21.45 20.39 20.48
N GLY B 424 21.25 19.25 19.82
CA GLY B 424 20.49 19.21 18.60
C GLY B 424 21.29 19.33 17.32
N SER B 425 22.60 19.17 17.38
CA SER B 425 23.45 19.24 16.19
C SER B 425 24.48 18.12 16.28
N MET B 426 25.48 18.17 15.39
CA MET B 426 26.57 17.21 15.42
C MET B 426 27.76 17.81 14.66
N MET B 427 28.83 17.03 14.55
CA MET B 427 30.02 17.51 13.88
C MET B 427 29.78 17.71 12.39
N GLY B 428 29.02 16.81 11.76
CA GLY B 428 28.84 16.87 10.33
C GLY B 428 30.16 16.72 9.60
N SER B 429 30.38 17.57 8.59
CA SER B 429 31.63 17.57 7.86
C SER B 429 32.71 18.42 8.53
N GLY B 430 32.35 19.20 9.55
CA GLY B 430 33.34 20.01 10.25
C GLY B 430 33.32 21.47 9.82
N GLY B 431 32.24 21.90 9.16
CA GLY B 431 32.14 23.26 8.68
C GLY B 431 31.29 24.11 9.61
N LEU B 432 31.75 25.34 9.85
CA LEU B 432 31.06 26.29 10.71
C LEU B 432 30.81 27.56 9.92
N ILE B 433 29.59 28.09 10.03
CA ILE B 433 29.20 29.32 9.34
C ILE B 433 28.58 30.27 10.36
N VAL B 434 29.26 31.38 10.64
CA VAL B 434 28.84 32.35 11.63
C VAL B 434 28.07 33.46 10.93
N MET B 435 26.95 33.89 11.53
CA MET B 435 26.10 34.88 10.88
C MET B 435 25.71 35.96 11.89
N ASP B 436 25.44 37.16 11.37
CA ASP B 436 25.14 38.34 12.16
C ASP B 436 23.67 38.76 11.99
N GLU B 437 23.33 39.92 12.57
CA GLU B 437 21.94 40.31 12.77
C GLU B 437 21.15 40.47 11.47
N ASP B 438 21.81 40.75 10.35
CA ASP B 438 21.11 41.04 9.10
C ASP B 438 20.39 39.82 8.53
N ASN B 439 20.38 38.69 9.22
CA ASN B 439 19.87 37.44 8.68
C ASN B 439 18.44 37.21 9.17
N CYS B 440 17.60 36.69 8.28
CA CYS B 440 16.28 36.22 8.66
C CYS B 440 16.30 34.69 8.76
N MET B 441 15.97 34.17 9.94
CA MET B 441 16.15 32.74 10.20
C MET B 441 15.19 31.88 9.39
N VAL B 442 14.01 32.39 9.04
CA VAL B 442 13.08 31.62 8.21
C VAL B 442 13.70 31.34 6.84
N ASP B 443 14.35 32.36 6.26
CA ASP B 443 14.97 32.18 4.95
C ASP B 443 16.10 31.16 4.97
N VAL B 444 16.96 31.20 6.00
CA VAL B 444 18.05 30.23 6.05
C VAL B 444 17.53 28.83 6.36
N ALA B 445 16.47 28.72 7.17
CA ALA B 445 15.85 27.42 7.36
C ALA B 445 15.31 26.87 6.05
N ARG B 446 14.65 27.72 5.26
CA ARG B 446 14.14 27.31 3.97
C ARG B 446 15.27 26.89 3.03
N PHE B 447 16.39 27.63 3.06
CA PHE B 447 17.53 27.27 2.21
C PHE B 447 18.15 25.94 2.63
N PHE B 448 18.32 25.73 3.94
CA PHE B 448 18.93 24.50 4.42
C PHE B 448 18.01 23.31 4.16
N LEU B 449 16.71 23.54 4.10
CA LEU B 449 15.78 22.47 3.73
C LEU B 449 15.75 22.23 2.22
N ASP B 450 15.85 23.30 1.42
CA ASP B 450 15.87 23.16 -0.02
C ASP B 450 17.13 22.43 -0.49
N PHE B 451 18.26 22.64 0.18
CA PHE B 451 19.48 21.94 -0.21
C PHE B 451 19.31 20.43 -0.10
N THR B 452 18.68 19.97 0.98
CA THR B 452 18.43 18.53 1.11
C THR B 452 17.29 18.07 0.21
N GLN B 453 16.34 18.95 -0.09
CA GLN B 453 15.27 18.59 -1.01
C GLN B 453 15.80 18.34 -2.41
N ASP B 454 16.78 19.12 -2.85
CA ASP B 454 17.30 18.98 -4.21
C ASP B 454 18.26 17.81 -4.34
N GLU B 455 18.67 17.21 -3.23
CA GLU B 455 19.66 16.15 -3.24
C GLU B 455 19.09 14.79 -2.86
N SER B 456 17.78 14.68 -2.65
CA SER B 456 17.18 13.41 -2.27
C SER B 456 17.09 12.48 -3.48
N CYS B 457 17.59 11.26 -3.31
CA CYS B 457 17.57 10.28 -4.40
C CYS B 457 16.15 9.88 -4.77
N GLY B 458 15.26 9.71 -3.80
CA GLY B 458 13.89 9.35 -4.07
C GLY B 458 13.52 7.91 -3.81
N LYS B 459 14.40 7.13 -3.18
CA LYS B 459 14.10 5.72 -2.95
C LYS B 459 13.00 5.54 -1.91
N CYS B 460 13.20 6.06 -0.70
CA CYS B 460 12.23 5.88 0.37
C CYS B 460 11.26 7.06 0.42
N PRO B 461 9.98 6.79 0.65
CA PRO B 461 8.95 7.84 0.54
C PRO B 461 9.15 8.99 1.51
N PRO B 462 9.66 8.77 2.74
CA PRO B 462 9.86 9.95 3.61
C PRO B 462 10.77 11.01 3.03
N CYS B 463 12.03 10.68 2.73
CA CYS B 463 12.97 11.68 2.24
C CYS B 463 12.58 12.24 0.88
N ARG B 464 11.69 11.57 0.14
CA ARG B 464 11.28 12.03 -1.18
C ARG B 464 10.07 12.96 -1.10
N ILE B 465 9.09 12.62 -0.26
CA ILE B 465 7.86 13.40 -0.22
C ILE B 465 7.88 14.42 0.91
N GLY B 466 8.18 13.99 2.14
CA GLY B 466 8.10 14.88 3.28
C GLY B 466 8.99 16.10 3.18
N THR B 467 10.15 15.98 2.55
CA THR B 467 11.02 17.14 2.38
C THR B 467 10.35 18.21 1.54
N LYS B 468 9.62 17.82 0.49
CA LYS B 468 8.92 18.81 -0.31
C LYS B 468 7.68 19.37 0.41
N ARG B 469 7.00 18.55 1.21
CA ARG B 469 5.89 19.06 2.01
C ARG B 469 6.39 20.08 3.04
N MET B 470 7.61 19.88 3.55
CA MET B 470 8.20 20.85 4.46
C MET B 470 8.69 22.09 3.71
N LEU B 471 9.20 21.91 2.50
CA LEU B 471 9.62 23.06 1.71
C LEU B 471 8.43 23.95 1.35
N GLU B 472 7.28 23.35 1.02
CA GLU B 472 6.10 24.13 0.64
C GLU B 472 5.60 25.00 1.79
N ILE B 473 5.56 24.45 3.01
CA ILE B 473 5.05 25.21 4.15
C ILE B 473 5.98 26.37 4.49
N LEU B 474 7.29 26.14 4.44
CA LEU B 474 8.24 27.23 4.66
C LEU B 474 8.17 28.27 3.56
N GLU B 475 7.96 27.85 2.31
CA GLU B 475 7.78 28.80 1.22
C GLU B 475 6.54 29.66 1.44
N ARG B 476 5.44 29.06 1.91
CA ARG B 476 4.24 29.86 2.12
C ARG B 476 4.39 30.79 3.32
N ILE B 477 5.17 30.37 4.33
CA ILE B 477 5.50 31.30 5.42
C ILE B 477 6.32 32.46 4.90
N CYS B 478 7.32 32.18 4.06
CA CYS B 478 8.16 33.24 3.52
C CYS B 478 7.38 34.20 2.63
N ASP B 479 6.39 33.69 1.90
CA ASP B 479 5.59 34.51 1.00
C ASP B 479 4.48 35.27 1.73
N GLY B 480 4.28 35.01 3.01
CA GLY B 480 3.28 35.73 3.78
C GLY B 480 1.86 35.24 3.64
N LYS B 481 1.65 34.08 3.01
CA LYS B 481 0.32 33.49 2.88
C LYS B 481 0.02 32.50 3.99
N GLY B 482 0.96 32.28 4.91
CA GLY B 482 0.78 31.25 5.92
C GLY B 482 -0.29 31.62 6.94
N VAL B 483 -0.78 30.58 7.61
CA VAL B 483 -1.78 30.75 8.66
C VAL B 483 -1.25 30.13 9.95
N GLU B 484 -2.04 30.23 11.01
CA GLU B 484 -1.64 29.65 12.29
C GLU B 484 -1.75 28.14 12.27
N GLY B 485 -1.06 27.49 13.22
CA GLY B 485 -1.06 26.05 13.32
C GLY B 485 0.04 25.34 12.54
N ASP B 486 0.94 26.08 11.90
CA ASP B 486 2.00 25.44 11.14
C ASP B 486 3.11 24.89 12.03
N ILE B 487 3.22 25.37 13.28
CA ILE B 487 4.30 24.94 14.15
C ILE B 487 4.16 23.47 14.52
N GLU B 488 2.96 23.06 14.95
CA GLU B 488 2.75 21.65 15.27
C GLU B 488 2.80 20.77 14.03
N ARG B 489 2.40 21.28 12.86
CA ARG B 489 2.58 20.51 11.63
C ARG B 489 4.06 20.28 11.34
N LEU B 490 4.89 21.30 11.53
CA LEU B 490 6.33 21.13 11.34
C LEU B 490 6.89 20.12 12.34
N GLU B 491 6.43 20.19 13.59
CA GLU B 491 6.86 19.24 14.60
C GLU B 491 6.49 17.80 14.22
N GLU B 492 5.25 17.58 13.78
CA GLU B 492 4.81 16.25 13.40
C GLU B 492 5.60 15.74 12.19
N LEU B 493 5.82 16.60 11.19
CA LEU B 493 6.63 16.20 10.04
C LEU B 493 8.04 15.82 10.45
N ALA B 494 8.68 16.62 11.32
CA ALA B 494 10.05 16.32 11.72
C ALA B 494 10.13 15.01 12.50
N VAL B 495 9.20 14.78 13.44
CA VAL B 495 9.28 13.54 14.21
C VAL B 495 8.95 12.34 13.33
N GLY B 496 8.04 12.48 12.37
CA GLY B 496 7.75 11.37 11.47
C GLY B 496 8.92 11.03 10.56
N ILE B 497 9.55 12.04 9.98
CA ILE B 497 10.66 11.79 9.06
C ILE B 497 11.88 11.29 9.81
N LYS B 498 12.06 11.73 11.06
CA LYS B 498 13.28 11.40 11.80
C LYS B 498 13.44 9.92 12.06
N SER B 499 12.34 9.22 12.35
CA SER B 499 12.42 7.84 12.82
C SER B 499 12.16 6.80 11.74
N SER B 500 11.79 7.21 10.53
CA SER B 500 11.42 6.24 9.50
C SER B 500 12.09 6.52 8.16
N ALA B 501 13.39 6.76 8.16
CA ALA B 501 14.13 7.03 6.93
C ALA B 501 15.20 5.96 6.73
N LEU B 502 15.20 5.34 5.54
CA LEU B 502 16.21 4.34 5.22
C LEU B 502 17.60 4.94 5.19
N CYS B 503 17.74 6.09 4.54
CA CYS B 503 19.02 6.75 4.36
C CYS B 503 19.24 7.76 5.47
N GLY B 504 20.52 7.98 5.81
CA GLY B 504 20.85 8.94 6.84
C GLY B 504 20.72 10.38 6.42
N LEU B 505 20.63 10.65 5.11
CA LEU B 505 20.44 12.01 4.64
C LEU B 505 19.05 12.53 4.99
N GLY B 506 18.04 11.66 4.92
CA GLY B 506 16.68 12.07 5.26
C GLY B 506 16.41 12.10 6.74
N GLN B 507 17.27 11.49 7.55
CA GLN B 507 17.10 11.55 9.00
C GLN B 507 17.45 12.94 9.53
N THR B 508 18.54 13.51 9.06
CA THR B 508 19.01 14.81 9.51
C THR B 508 18.46 15.96 8.68
N ALA B 509 17.58 15.67 7.72
CA ALA B 509 16.98 16.74 6.92
C ALA B 509 16.18 17.72 7.76
N PRO B 510 15.28 17.29 8.67
CA PRO B 510 14.54 18.27 9.48
C PRO B 510 15.31 18.81 10.67
N ASN B 511 16.58 18.47 10.82
CA ASN B 511 17.34 18.89 11.99
C ASN B 511 17.49 20.41 12.10
N PRO B 512 17.87 21.16 11.05
CA PRO B 512 17.95 22.62 11.21
C PRO B 512 16.65 23.26 11.63
N VAL B 513 15.52 22.77 11.12
CA VAL B 513 14.23 23.32 11.53
C VAL B 513 13.96 23.03 13.00
N LEU B 514 14.33 21.82 13.45
CA LEU B 514 14.19 21.50 14.86
C LEU B 514 15.06 22.40 15.74
N SER B 515 16.29 22.67 15.31
CA SER B 515 17.16 23.55 16.08
C SER B 515 16.63 24.97 16.13
N THR B 516 16.08 25.46 15.01
CA THR B 516 15.61 26.83 14.96
C THR B 516 14.28 27.03 15.68
N ILE B 517 13.39 26.04 15.66
CA ILE B 517 12.09 26.20 16.29
C ILE B 517 12.22 26.25 17.82
N ARG B 518 13.22 25.56 18.37
CA ARG B 518 13.36 25.49 19.82
C ARG B 518 13.96 26.77 20.40
N PHE B 519 14.58 27.59 19.55
CA PHE B 519 15.34 28.75 20.02
C PHE B 519 14.82 30.08 19.51
N PHE B 520 14.25 30.12 18.31
CA PHE B 520 13.86 31.39 17.69
C PHE B 520 12.39 31.38 17.29
N ARG B 521 11.52 30.95 18.21
CA ARG B 521 10.10 30.84 17.90
C ARG B 521 9.45 32.20 17.68
N ASP B 522 9.97 33.25 18.33
CA ASP B 522 9.39 34.58 18.19
C ASP B 522 9.47 35.10 16.76
N GLU B 523 10.54 34.78 16.02
CA GLU B 523 10.61 35.15 14.62
C GLU B 523 9.51 34.46 13.80
N TYR B 524 9.27 33.18 14.05
CA TYR B 524 8.17 32.48 13.38
C TYR B 524 6.83 33.13 13.71
N GLU B 525 6.60 33.48 14.99
CA GLU B 525 5.35 34.11 15.35
C GLU B 525 5.21 35.49 14.71
N ALA B 526 6.30 36.24 14.59
CA ALA B 526 6.25 37.54 13.95
C ALA B 526 5.93 37.40 12.46
N HIS B 527 6.53 36.41 11.80
CA HIS B 527 6.26 36.19 10.39
C HIS B 527 4.81 35.74 10.16
N ILE B 528 4.32 34.81 10.99
CA ILE B 528 2.97 34.28 10.81
C ILE B 528 1.93 35.33 11.17
N ARG B 529 2.12 36.02 12.30
CA ARG B 529 1.09 36.91 12.83
C ARG B 529 1.26 38.36 12.34
N ASP B 530 2.39 38.98 12.67
CA ASP B 530 2.59 40.39 12.40
C ASP B 530 2.85 40.70 10.93
N LYS B 531 3.16 39.68 10.13
CA LYS B 531 3.47 39.87 8.70
C LYS B 531 4.59 40.89 8.51
N LYS B 532 5.61 40.80 9.36
CA LYS B 532 6.74 41.73 9.32
C LYS B 532 8.05 40.97 9.37
N CYS B 533 8.99 41.37 8.52
CA CYS B 533 10.31 40.75 8.50
C CYS B 533 11.29 41.65 9.23
N PRO B 534 11.77 41.26 10.41
CA PRO B 534 12.71 42.13 11.15
C PRO B 534 14.00 42.42 10.40
N ALA B 535 14.50 41.47 9.62
CA ALA B 535 15.77 41.62 8.92
C ALA B 535 15.62 42.19 7.52
N GLY B 536 14.39 42.41 7.06
CA GLY B 536 14.19 42.90 5.70
C GLY B 536 14.71 41.98 4.63
N VAL B 537 14.54 40.67 4.80
CA VAL B 537 15.02 39.70 3.83
C VAL B 537 13.87 39.11 3.01
N CYS B 538 12.74 38.83 3.67
CA CYS B 538 11.57 38.31 2.97
C CYS B 538 11.03 39.39 2.03
N LYS B 539 11.10 39.11 0.72
CA LYS B 539 10.80 40.13 -0.28
C LYS B 539 9.34 40.58 -0.22
N HIS B 540 8.42 39.63 -0.03
CA HIS B 540 6.99 39.93 -0.08
C HIS B 540 6.44 40.48 1.22
N LEU B 541 7.25 40.57 2.27
CA LEU B 541 6.78 41.01 3.58
C LEU B 541 7.26 42.40 3.99
N LEU B 542 8.38 42.88 3.44
CA LEU B 542 8.92 44.17 3.81
C LEU B 542 8.24 45.29 3.03
N ASP B 543 8.25 46.48 3.61
CA ASP B 543 7.65 47.67 3.02
C ASP B 543 8.72 48.71 2.75
N PHE B 544 8.67 49.31 1.55
CA PHE B 544 9.60 50.35 1.15
C PHE B 544 9.04 51.71 1.55
N LYS B 545 9.75 52.41 2.43
CA LYS B 545 9.32 53.72 2.88
C LYS B 545 10.44 54.73 2.68
N ILE B 546 10.09 55.87 2.08
CA ILE B 546 11.08 56.91 1.82
C ILE B 546 11.18 57.83 3.03
N ASN B 547 12.35 58.45 3.19
CA ASN B 547 12.59 59.42 4.26
C ASN B 547 12.38 60.81 3.71
N ALA B 548 11.29 61.46 4.12
CA ALA B 548 10.94 62.77 3.59
C ALA B 548 11.98 63.84 3.92
N ASP B 549 12.71 63.68 5.03
CA ASP B 549 13.73 64.65 5.39
C ASP B 549 14.97 64.56 4.50
N THR B 550 15.23 63.38 3.94
CA THR B 550 16.40 63.17 3.09
C THR B 550 16.05 63.08 1.61
N CYS B 551 14.89 62.52 1.27
CA CYS B 551 14.51 62.37 -0.12
C CYS B 551 14.35 63.73 -0.80
N LYS B 552 14.94 63.85 -2.00
CA LYS B 552 14.85 65.07 -2.78
C LYS B 552 13.60 65.12 -3.64
N GLY B 553 12.92 63.99 -3.83
CA GLY B 553 11.78 63.93 -4.72
C GLY B 553 12.13 64.12 -6.18
N CYS B 554 13.28 63.59 -6.61
CA CYS B 554 13.68 63.73 -8.00
C CYS B 554 12.80 62.90 -8.94
N GLY B 555 12.31 61.75 -8.47
CA GLY B 555 11.45 60.91 -9.29
C GLY B 555 12.16 59.84 -10.10
N ILE B 556 13.44 59.58 -9.83
CA ILE B 556 14.15 58.52 -10.56
C ILE B 556 13.53 57.17 -10.26
N CYS B 557 13.21 56.90 -8.98
CA CYS B 557 12.62 55.62 -8.62
C CYS B 557 11.23 55.44 -9.24
N ALA B 558 10.51 56.54 -9.46
CA ALA B 558 9.18 56.45 -10.07
C ALA B 558 9.27 55.92 -11.50
N LYS B 559 10.24 56.40 -12.27
CA LYS B 559 10.40 55.93 -13.64
C LYS B 559 10.90 54.50 -13.69
N LYS B 560 11.70 54.08 -12.72
CA LYS B 560 12.25 52.73 -12.68
C LYS B 560 11.28 51.72 -12.08
N CYS B 561 10.13 52.16 -11.59
CA CYS B 561 9.17 51.24 -11.00
C CYS B 561 8.43 50.49 -12.11
N PRO B 562 8.49 49.15 -12.14
CA PRO B 562 7.83 48.41 -13.22
C PRO B 562 6.33 48.24 -13.03
N ALA B 563 5.84 48.27 -11.80
CA ALA B 563 4.42 48.10 -11.53
C ALA B 563 3.66 49.41 -11.44
N ASP B 564 4.34 50.55 -11.61
CA ASP B 564 3.73 51.88 -11.54
C ASP B 564 3.03 52.09 -10.20
N ALA B 565 3.85 52.02 -9.14
CA ALA B 565 3.37 52.17 -7.78
C ALA B 565 3.90 53.40 -7.07
N ILE B 566 4.79 54.16 -7.68
CA ILE B 566 5.39 55.35 -7.07
C ILE B 566 4.82 56.57 -7.76
N SER B 567 4.23 57.47 -6.98
CA SER B 567 3.64 58.70 -7.49
C SER B 567 4.06 59.87 -6.61
N GLY B 568 4.08 61.06 -7.20
CA GLY B 568 4.46 62.24 -6.47
C GLY B 568 4.75 63.39 -7.42
N GLU B 569 5.15 64.50 -6.82
CA GLU B 569 5.47 65.72 -7.55
C GLU B 569 6.94 66.06 -7.39
N LYS B 570 7.43 66.91 -8.29
CA LYS B 570 8.83 67.32 -8.25
C LYS B 570 9.10 68.16 -7.00
N LYS B 571 10.33 68.02 -6.48
CA LYS B 571 10.82 68.78 -5.33
C LYS B 571 10.10 68.36 -4.06
N LYS B 572 9.13 67.44 -4.18
CA LYS B 572 8.34 66.94 -3.07
C LYS B 572 8.54 65.44 -2.92
N PRO B 573 8.61 64.93 -1.68
CA PRO B 573 8.71 63.48 -1.49
C PRO B 573 7.52 62.76 -2.10
N TYR B 574 7.79 61.59 -2.68
CA TYR B 574 6.78 60.82 -3.40
C TYR B 574 5.98 59.98 -2.42
N ASN B 575 5.15 59.07 -2.95
CA ASN B 575 4.44 58.10 -2.13
C ASN B 575 4.55 56.74 -2.80
N ILE B 576 4.60 55.70 -1.97
CA ILE B 576 4.77 54.33 -2.44
C ILE B 576 3.51 53.54 -2.08
N ASP B 577 2.90 52.91 -3.08
CA ASP B 577 1.73 52.07 -2.87
C ASP B 577 2.20 50.63 -2.72
N THR B 578 2.14 50.12 -1.48
CA THR B 578 2.60 48.76 -1.22
C THR B 578 1.74 47.73 -1.94
N SER B 579 0.42 47.94 -1.96
CA SER B 579 -0.49 46.97 -2.57
C SER B 579 -0.35 46.91 -4.08
N LYS B 580 0.31 47.87 -4.70
CA LYS B 580 0.46 47.90 -6.15
C LYS B 580 1.71 47.17 -6.61
N CYS B 581 2.88 47.54 -6.09
CA CYS B 581 4.13 46.94 -6.52
C CYS B 581 4.26 45.52 -5.99
N ILE B 582 5.10 44.74 -6.67
CA ILE B 582 5.36 43.36 -6.28
C ILE B 582 6.59 43.30 -5.40
N LYS B 583 7.01 44.47 -4.89
CA LYS B 583 8.18 44.58 -4.03
C LYS B 583 9.43 44.01 -4.71
N CYS B 584 9.63 44.39 -5.97
CA CYS B 584 10.78 43.90 -6.72
C CYS B 584 12.09 44.37 -6.10
N GLY B 585 12.14 45.61 -5.63
CA GLY B 585 13.33 46.15 -5.01
C GLY B 585 14.21 47.00 -5.90
N ALA B 586 13.75 47.33 -7.11
CA ALA B 586 14.54 48.18 -8.00
C ALA B 586 14.52 49.64 -7.59
N CYS B 587 13.45 50.10 -6.95
CA CYS B 587 13.35 51.51 -6.55
C CYS B 587 14.39 51.88 -5.52
N ILE B 588 14.64 51.01 -4.53
CA ILE B 588 15.64 51.32 -3.51
C ILE B 588 17.04 51.32 -4.11
N GLU B 589 17.31 50.44 -5.08
CA GLU B 589 18.63 50.42 -5.72
C GLU B 589 18.83 51.60 -6.65
N ALA B 590 17.76 52.09 -7.28
CA ALA B 590 17.86 53.22 -8.20
C ALA B 590 17.94 54.56 -7.48
N CYS B 591 17.73 54.60 -6.17
CA CYS B 591 17.77 55.85 -5.43
C CYS B 591 19.21 56.26 -5.19
N PRO B 592 19.65 57.45 -5.62
CA PRO B 592 21.03 57.86 -5.39
C PRO B 592 21.29 58.38 -3.98
N PHE B 593 20.28 58.92 -3.30
CA PHE B 593 20.46 59.48 -1.96
C PHE B 593 20.26 58.44 -0.86
N GLY B 594 19.81 57.24 -1.19
CA GLY B 594 19.58 56.22 -0.19
C GLY B 594 18.52 56.58 0.83
N SER B 595 17.42 57.17 0.39
CA SER B 595 16.35 57.60 1.29
C SER B 595 15.27 56.54 1.48
N ILE B 596 15.39 55.39 0.82
CA ILE B 596 14.39 54.33 0.91
C ILE B 596 14.86 53.29 1.91
N SER B 597 13.98 52.91 2.83
CA SER B 597 14.30 51.95 3.88
C SER B 597 13.27 50.83 3.88
N LYS B 598 13.68 49.68 4.38
CA LYS B 598 12.83 48.49 4.44
C LYS B 598 12.31 48.31 5.86
N ALA B 599 10.99 48.18 5.99
CA ALA B 599 10.37 47.99 7.29
C ALA B 599 9.51 46.73 7.30
N MET C 1 41.82 23.25 -25.71
CA MET C 1 40.60 22.45 -25.71
C MET C 1 40.43 21.71 -27.04
N ALA C 2 40.32 20.39 -26.96
CA ALA C 2 40.14 19.58 -28.16
C ALA C 2 38.75 19.79 -28.75
N GLU C 3 38.67 19.72 -30.08
CA GLU C 3 37.39 19.87 -30.76
C GLU C 3 36.48 18.69 -30.45
N LEU C 4 35.20 18.98 -30.26
CA LEU C 4 34.24 17.93 -29.96
C LEU C 4 33.86 17.18 -31.24
N ILE C 5 33.88 15.87 -31.16
CA ILE C 5 33.57 15.02 -32.32
C ILE C 5 32.07 15.07 -32.58
N PRO C 6 31.64 15.17 -33.84
CA PRO C 6 30.20 15.10 -34.13
C PRO C 6 29.62 13.75 -33.70
N VAL C 7 28.36 13.78 -33.26
CA VAL C 7 27.72 12.60 -32.69
C VAL C 7 27.43 11.54 -33.74
N GLU C 8 27.50 11.88 -35.03
CA GLU C 8 27.18 10.92 -36.08
C GLU C 8 28.21 9.81 -36.20
N ASN C 9 29.43 10.03 -35.71
CA ASN C 9 30.50 9.04 -35.79
C ASN C 9 30.35 8.06 -34.63
N LEU C 10 30.28 6.77 -34.95
CA LEU C 10 30.12 5.73 -33.95
C LEU C 10 31.36 4.87 -33.77
N ASP C 11 32.52 5.30 -34.25
CA ASP C 11 33.72 4.47 -34.15
C ASP C 11 34.55 4.81 -32.93
N VAL C 12 34.61 6.09 -32.55
CA VAL C 12 35.38 6.49 -31.38
C VAL C 12 34.78 5.88 -30.12
N VAL C 13 33.45 5.90 -30.00
CA VAL C 13 32.79 5.29 -28.85
C VAL C 13 33.03 3.78 -28.83
N LYS C 14 33.04 3.16 -30.01
CA LYS C 14 33.34 1.73 -30.08
C LYS C 14 34.74 1.44 -29.58
N ALA C 15 35.71 2.26 -29.99
CA ALA C 15 37.08 2.08 -29.51
C ALA C 15 37.16 2.26 -28.00
N ILE C 16 36.48 3.28 -27.47
CA ILE C 16 36.53 3.54 -26.03
C ILE C 16 35.93 2.36 -25.26
N VAL C 17 34.76 1.88 -25.68
CA VAL C 17 34.11 0.80 -24.94
C VAL C 17 34.91 -0.49 -25.08
N ALA C 18 35.55 -0.71 -26.23
CA ALA C 18 36.40 -1.89 -26.38
C ALA C 18 37.63 -1.80 -25.48
N GLU C 19 38.22 -0.61 -25.33
CA GLU C 19 39.40 -0.48 -24.51
C GLU C 19 39.08 -0.59 -23.02
N HIS C 20 37.93 -0.05 -22.60
CA HIS C 20 37.59 0.04 -21.19
C HIS C 20 36.49 -0.94 -20.78
N ARG C 21 36.36 -2.07 -21.49
CA ARG C 21 35.29 -3.00 -21.18
C ARG C 21 35.63 -3.89 -19.98
N GLU C 22 36.92 -4.18 -19.76
CA GLU C 22 37.28 -5.17 -18.75
C GLU C 22 37.25 -4.59 -17.34
N VAL C 23 37.20 -3.27 -17.21
CA VAL C 23 37.22 -2.65 -15.88
C VAL C 23 35.86 -2.85 -15.22
N PRO C 24 35.80 -3.43 -14.02
CA PRO C 24 34.52 -3.53 -13.32
C PRO C 24 33.90 -2.17 -13.07
N GLY C 25 32.58 -2.09 -13.24
CA GLY C 25 31.87 -0.85 -13.07
C GLY C 25 32.35 0.27 -13.98
N CYS C 26 32.58 -0.04 -15.25
CA CYS C 26 33.14 0.94 -16.17
C CYS C 26 32.08 1.80 -16.83
N LEU C 27 30.80 1.61 -16.49
CA LEU C 27 29.74 2.40 -17.11
C LEU C 27 29.95 3.89 -16.87
N MET C 28 30.18 4.27 -15.61
CA MET C 28 30.35 5.68 -15.29
C MET C 28 31.60 6.25 -15.95
N GLN C 29 32.69 5.48 -15.99
CA GLN C 29 33.92 5.96 -16.60
C GLN C 29 33.73 6.22 -18.09
N ILE C 30 33.09 5.27 -18.78
CA ILE C 30 32.83 5.45 -20.21
C ILE C 30 31.91 6.63 -20.44
N LEU C 31 30.91 6.81 -19.57
CA LEU C 31 30.00 7.95 -19.73
C LEU C 31 30.73 9.27 -19.55
N GLN C 32 31.63 9.37 -18.56
CA GLN C 32 32.40 10.59 -18.39
C GLN C 32 33.30 10.85 -19.60
N GLU C 33 33.97 9.82 -20.11
CA GLU C 33 34.83 10.03 -21.28
C GLU C 33 34.03 10.48 -22.49
N THR C 34 32.87 9.86 -22.73
CA THR C 34 32.04 10.28 -23.86
C THR C 34 31.50 11.69 -23.68
N GLN C 35 31.11 12.05 -22.44
CA GLN C 35 30.66 13.41 -22.18
C GLN C 35 31.77 14.42 -22.43
N LEU C 36 32.99 14.11 -22.01
CA LEU C 36 34.11 15.01 -22.23
C LEU C 36 34.44 15.14 -23.71
N LYS C 37 34.37 14.03 -24.45
CA LYS C 37 34.82 14.05 -25.84
C LYS C 37 33.74 14.62 -26.76
N TYR C 38 32.58 13.96 -26.83
CA TYR C 38 31.55 14.34 -27.80
C TYR C 38 30.81 15.61 -27.39
N GLY C 39 30.84 15.96 -26.10
CA GLY C 39 30.21 17.16 -25.58
C GLY C 39 28.92 16.89 -24.83
N TYR C 40 28.17 15.85 -25.22
CA TYR C 40 26.93 15.50 -24.56
C TYR C 40 26.57 14.06 -24.93
N LEU C 41 25.51 13.56 -24.29
CA LEU C 41 25.10 12.17 -24.45
C LEU C 41 23.70 12.11 -25.07
N PRO C 42 23.58 12.07 -26.40
CA PRO C 42 22.27 11.88 -27.01
C PRO C 42 21.80 10.44 -26.89
N LEU C 43 20.53 10.18 -27.19
CA LEU C 43 19.97 8.84 -27.01
C LEU C 43 20.55 7.85 -28.01
N GLU C 44 20.89 8.29 -29.22
CA GLU C 44 21.45 7.39 -30.21
C GLU C 44 22.81 6.85 -29.78
N LEU C 45 23.67 7.73 -29.25
CA LEU C 45 24.97 7.28 -28.75
C LEU C 45 24.81 6.37 -27.54
N GLN C 46 23.83 6.67 -26.68
CA GLN C 46 23.56 5.80 -25.54
C GLN C 46 23.13 4.41 -26.00
N GLY C 47 22.26 4.34 -27.00
CA GLY C 47 21.86 3.05 -27.55
C GLY C 47 23.04 2.30 -28.15
N THR C 48 23.90 3.01 -28.87
CA THR C 48 25.09 2.36 -29.43
C THR C 48 25.97 1.79 -28.32
N ILE C 49 26.23 2.58 -27.28
CA ILE C 49 27.09 2.12 -26.18
C ILE C 49 26.48 0.88 -25.52
N ALA C 50 25.17 0.92 -25.27
CA ALA C 50 24.51 -0.27 -24.73
C ALA C 50 24.58 -1.44 -25.70
N ASP C 51 24.70 -1.15 -27.00
CA ASP C 51 24.81 -2.24 -27.97
C ASP C 51 26.15 -2.94 -27.87
N GLU C 52 27.27 -2.19 -27.83
CA GLU C 52 28.53 -2.92 -27.67
C GLU C 52 28.71 -3.51 -26.27
N LEU C 53 28.24 -2.83 -25.23
CA LEU C 53 28.41 -3.39 -23.88
C LEU C 53 27.53 -4.60 -23.60
N GLY C 54 26.57 -4.91 -24.48
CA GLY C 54 25.69 -6.03 -24.24
C GLY C 54 24.81 -5.86 -23.02
N ILE C 55 24.36 -4.64 -22.76
CA ILE C 55 23.56 -4.32 -21.58
C ILE C 55 22.28 -3.65 -22.07
N PRO C 56 21.12 -3.94 -21.47
CA PRO C 56 19.90 -3.22 -21.85
C PRO C 56 20.04 -1.74 -21.57
N LEU C 57 19.34 -0.93 -22.37
CA LEU C 57 19.44 0.52 -22.24
C LEU C 57 18.85 1.04 -20.95
N THR C 58 18.10 0.21 -20.20
CA THR C 58 17.52 0.67 -18.95
C THR C 58 18.62 1.13 -17.98
N GLU C 59 19.65 0.30 -17.79
CA GLU C 59 20.69 0.64 -16.83
C GLU C 59 21.48 1.87 -17.28
N VAL C 60 21.83 1.94 -18.57
CA VAL C 60 22.60 3.08 -19.07
C VAL C 60 21.80 4.37 -18.93
N TYR C 61 20.53 4.34 -19.34
CA TYR C 61 19.70 5.54 -19.24
C TYR C 61 19.48 5.95 -17.79
N GLY C 62 19.30 4.98 -16.89
CA GLY C 62 19.13 5.31 -15.49
C GLY C 62 20.38 5.92 -14.87
N VAL C 63 21.55 5.34 -15.13
CA VAL C 63 22.77 5.86 -14.54
C VAL C 63 23.17 7.20 -15.17
N ALA C 64 22.86 7.42 -16.45
CA ALA C 64 23.17 8.70 -17.06
C ALA C 64 22.20 9.79 -16.63
N THR C 65 20.93 9.44 -16.42
CA THR C 65 19.95 10.41 -15.93
C THR C 65 19.98 10.57 -14.42
N PHE C 66 20.67 9.66 -13.70
CA PHE C 66 20.78 9.80 -12.25
C PHE C 66 21.68 10.97 -11.86
N TYR C 67 22.81 11.14 -12.54
CA TYR C 67 23.75 12.20 -12.25
C TYR C 67 23.39 13.45 -13.06
N SER C 68 23.22 14.57 -12.36
CA SER C 68 22.92 15.83 -13.04
C SER C 68 24.09 16.36 -13.86
N GLN C 69 25.28 15.78 -13.69
CA GLN C 69 26.47 16.20 -14.41
C GLN C 69 26.58 15.56 -15.79
N PHE C 70 25.69 14.64 -16.13
CA PHE C 70 25.62 14.07 -17.47
C PHE C 70 24.54 14.79 -18.26
N THR C 71 24.95 15.48 -19.32
CA THR C 71 24.05 16.33 -20.09
C THR C 71 23.37 15.54 -21.18
N LEU C 72 22.07 15.77 -21.36
CA LEU C 72 21.29 15.15 -22.42
C LEU C 72 21.06 16.10 -23.60
N LYS C 73 21.35 17.38 -23.43
CA LYS C 73 21.17 18.39 -24.46
C LYS C 73 22.47 19.15 -24.67
N PRO C 74 22.69 19.70 -25.86
CA PRO C 74 23.92 20.47 -26.11
C PRO C 74 23.99 21.72 -25.25
N LYS C 75 25.21 22.09 -24.89
CA LYS C 75 25.49 23.24 -24.05
C LYS C 75 26.10 24.36 -24.88
N GLY C 76 26.28 25.52 -24.24
CA GLY C 76 26.86 26.66 -24.90
C GLY C 76 28.37 26.68 -24.83
N LYS C 77 28.95 27.76 -25.35
CA LYS C 77 30.41 27.88 -25.37
C LYS C 77 30.96 28.15 -23.98
N TYR C 78 30.35 29.07 -23.24
CA TYR C 78 30.79 29.43 -21.90
C TYR C 78 29.74 29.04 -20.88
N LYS C 79 30.19 28.44 -19.78
CA LYS C 79 29.31 28.02 -18.70
C LYS C 79 29.50 28.95 -17.51
N ILE C 80 28.39 29.46 -16.97
CA ILE C 80 28.39 30.36 -15.83
C ILE C 80 27.89 29.59 -14.61
N GLY C 81 28.71 29.52 -13.57
CA GLY C 81 28.33 28.83 -12.36
C GLY C 81 28.41 29.71 -11.13
N ILE C 82 27.28 29.92 -10.46
CA ILE C 82 27.22 30.72 -9.25
C ILE C 82 27.25 29.77 -8.06
N CYS C 83 28.23 29.94 -7.18
CA CYS C 83 28.34 29.11 -5.99
C CYS C 83 27.15 29.37 -5.07
N LEU C 84 26.35 28.33 -4.85
CA LEU C 84 25.18 28.41 -3.97
C LEU C 84 25.44 27.74 -2.63
N GLY C 85 26.69 27.70 -2.19
CA GLY C 85 27.02 27.14 -0.91
C GLY C 85 26.58 28.03 0.24
N THR C 86 26.73 27.51 1.46
CA THR C 86 26.28 28.24 2.64
C THR C 86 27.05 29.55 2.80
N ALA C 87 28.36 29.52 2.61
CA ALA C 87 29.16 30.74 2.76
C ALA C 87 28.78 31.77 1.70
N CYS C 88 28.51 31.33 0.47
CA CYS C 88 28.06 32.25 -0.56
C CYS C 88 26.61 32.66 -0.35
N TYR C 89 25.81 31.79 0.27
CA TYR C 89 24.41 32.13 0.52
C TYR C 89 24.28 33.22 1.57
N VAL C 90 25.04 33.12 2.67
CA VAL C 90 24.90 34.09 3.75
C VAL C 90 25.37 35.48 3.32
N ARG C 91 26.30 35.56 2.36
CA ARG C 91 26.81 36.86 1.94
C ARG C 91 25.91 37.53 0.90
N GLY C 92 24.91 36.82 0.37
CA GLY C 92 23.96 37.43 -0.54
C GLY C 92 24.16 37.11 -2.01
N SER C 93 24.41 35.83 -2.32
CA SER C 93 24.53 35.44 -3.72
C SER C 93 23.19 35.42 -4.45
N GLN C 94 22.07 35.52 -3.72
CA GLN C 94 20.77 35.60 -4.39
C GLN C 94 20.65 36.84 -5.26
N ALA C 95 21.12 37.99 -4.76
CA ALA C 95 21.12 39.20 -5.59
C ALA C 95 22.03 39.03 -6.79
N ILE C 96 23.13 38.30 -6.63
CA ILE C 96 24.01 38.01 -7.76
C ILE C 96 23.29 37.18 -8.81
N ILE C 97 22.55 36.16 -8.38
CA ILE C 97 21.79 35.35 -9.33
C ILE C 97 20.71 36.18 -10.01
N ASP C 98 20.06 37.07 -9.26
CA ASP C 98 19.05 37.94 -9.86
C ASP C 98 19.67 38.86 -10.91
N LYS C 99 20.84 39.43 -10.62
CA LYS C 99 21.51 40.28 -11.59
C LYS C 99 21.93 39.47 -12.83
N VAL C 100 22.40 38.25 -12.63
CA VAL C 100 22.74 37.39 -13.76
C VAL C 100 21.52 37.11 -14.62
N ASN C 101 20.38 36.84 -13.99
CA ASN C 101 19.14 36.64 -14.74
C ASN C 101 18.75 37.89 -15.50
N SER C 102 18.87 39.06 -14.88
CA SER C 102 18.49 40.31 -15.52
C SER C 102 19.38 40.61 -16.73
N VAL C 103 20.68 40.41 -16.59
CA VAL C 103 21.61 40.81 -17.65
C VAL C 103 21.65 39.76 -18.76
N LEU C 104 21.76 38.48 -18.39
CA LEU C 104 21.89 37.42 -19.38
C LEU C 104 20.64 37.28 -20.24
N GLY C 105 19.50 37.74 -19.74
CA GLY C 105 18.25 37.59 -20.48
C GLY C 105 17.79 36.15 -20.62
N THR C 106 18.06 35.32 -19.61
CA THR C 106 17.64 33.93 -19.63
C THR C 106 17.52 33.44 -18.20
N GLN C 107 16.74 32.39 -18.01
CA GLN C 107 16.49 31.84 -16.69
C GLN C 107 17.55 30.81 -16.32
N VAL C 108 17.52 30.39 -15.05
CA VAL C 108 18.47 29.40 -14.56
C VAL C 108 18.17 28.05 -15.20
N GLY C 109 19.19 27.41 -15.75
CA GLY C 109 19.03 26.12 -16.39
C GLY C 109 18.62 26.17 -17.85
N ASP C 110 18.65 27.35 -18.48
CA ASP C 110 18.27 27.50 -19.87
C ASP C 110 19.48 27.89 -20.70
N THR C 111 19.48 27.45 -21.96
CA THR C 111 20.56 27.73 -22.89
C THR C 111 20.17 28.92 -23.76
N THR C 112 21.08 29.87 -23.89
CA THR C 112 20.81 31.08 -24.68
C THR C 112 20.68 30.73 -26.16
N GLU C 113 19.98 31.60 -26.88
CA GLU C 113 19.71 31.36 -28.30
C GLU C 113 20.99 31.32 -29.12
N ASP C 114 21.94 32.21 -28.84
CA ASP C 114 23.18 32.27 -29.61
C ASP C 114 24.12 31.11 -29.32
N GLY C 115 23.86 30.32 -28.28
CA GLY C 115 24.76 29.23 -27.95
C GLY C 115 26.07 29.66 -27.35
N LYS C 116 26.15 30.88 -26.83
CA LYS C 116 27.38 31.42 -26.27
C LYS C 116 27.36 31.50 -24.74
N TRP C 117 26.18 31.70 -24.15
CA TRP C 117 26.05 31.88 -22.71
C TRP C 117 25.20 30.76 -22.13
N SER C 118 25.68 30.18 -21.03
CA SER C 118 24.96 29.13 -20.31
C SER C 118 25.13 29.35 -18.82
N VAL C 119 24.04 29.22 -18.07
CA VAL C 119 24.04 29.48 -16.64
C VAL C 119 23.64 28.20 -15.90
N ASP C 120 24.31 27.95 -14.78
CA ASP C 120 24.01 26.80 -13.95
C ASP C 120 24.24 27.17 -12.49
N ALA C 121 23.40 26.62 -11.61
CA ALA C 121 23.47 26.89 -10.18
C ALA C 121 24.25 25.77 -9.50
N THR C 122 25.56 25.80 -9.67
CA THR C 122 26.42 24.83 -9.00
C THR C 122 26.40 25.07 -7.50
N ARG C 123 26.30 23.99 -6.72
CA ARG C 123 26.19 24.14 -5.28
C ARG C 123 27.50 24.60 -4.66
N CYS C 124 28.60 23.90 -4.95
CA CYS C 124 29.89 24.24 -4.38
C CYS C 124 31.02 23.83 -5.30
N VAL C 125 31.91 24.78 -5.59
CA VAL C 125 33.16 24.49 -6.30
C VAL C 125 34.28 24.13 -5.32
N GLY C 126 34.16 24.52 -4.06
CA GLY C 126 35.16 24.23 -3.05
C GLY C 126 35.91 25.45 -2.53
N ALA C 127 35.87 26.57 -3.23
CA ALA C 127 36.53 27.80 -2.79
C ALA C 127 35.53 28.65 -2.01
N CYS C 128 35.00 28.08 -0.93
CA CYS C 128 33.98 28.71 -0.12
C CYS C 128 34.55 29.64 0.94
N GLY C 129 35.81 30.06 0.78
CA GLY C 129 36.40 31.01 1.70
C GLY C 129 36.47 32.41 1.12
N LEU C 130 36.04 32.55 -0.14
CA LEU C 130 36.07 33.82 -0.86
C LEU C 130 34.70 34.14 -1.42
N ALA C 131 33.67 33.99 -0.59
CA ALA C 131 32.31 34.25 -1.03
C ALA C 131 32.11 35.75 -1.30
N PRO C 132 31.30 36.09 -2.31
CA PRO C 132 30.65 35.19 -3.27
C PRO C 132 31.63 34.68 -4.33
N VAL C 133 31.30 33.56 -4.95
CA VAL C 133 32.20 32.88 -5.89
C VAL C 133 31.47 32.70 -7.21
N MET C 134 32.18 32.93 -8.31
CA MET C 134 31.66 32.70 -9.65
C MET C 134 32.68 31.89 -10.43
N MET C 135 32.22 31.02 -11.33
CA MET C 135 33.10 30.22 -12.16
C MET C 135 32.70 30.37 -13.62
N ILE C 136 33.70 30.67 -14.46
CA ILE C 136 33.54 30.74 -15.90
C ILE C 136 34.58 29.81 -16.50
N ASN C 137 34.14 28.64 -16.97
CA ASN C 137 35.02 27.59 -17.49
C ASN C 137 36.08 27.22 -16.46
N GLU C 138 37.30 27.69 -16.63
CA GLU C 138 38.41 27.36 -15.74
C GLU C 138 38.87 28.56 -14.91
N GLU C 139 38.07 29.61 -14.83
CA GLU C 139 38.41 30.80 -14.06
C GLU C 139 37.45 30.97 -12.89
N VAL C 140 38.01 31.29 -11.73
CA VAL C 140 37.24 31.43 -10.49
C VAL C 140 37.42 32.83 -9.96
N PHE C 141 36.32 33.49 -9.63
CA PHE C 141 36.32 34.84 -9.09
C PHE C 141 35.71 34.81 -7.69
N GLY C 142 36.34 35.51 -6.75
CA GLY C 142 35.87 35.53 -5.38
C GLY C 142 35.74 36.96 -4.88
N ARG C 143 34.91 37.10 -3.83
CA ARG C 143 34.62 38.40 -3.21
C ARG C 143 34.07 39.38 -4.24
N LEU C 144 32.88 39.04 -4.73
CA LEU C 144 32.21 39.80 -5.78
C LEU C 144 31.05 40.60 -5.21
N THR C 145 30.73 41.70 -5.89
CA THR C 145 29.57 42.52 -5.58
C THR C 145 28.62 42.51 -6.77
N VAL C 146 27.46 43.17 -6.59
CA VAL C 146 26.46 43.20 -7.65
C VAL C 146 26.98 43.98 -8.85
N ASP C 147 27.66 45.11 -8.61
CA ASP C 147 28.09 45.97 -9.71
C ASP C 147 29.16 45.33 -10.57
N GLU C 148 29.99 44.45 -10.00
CA GLU C 148 31.07 43.84 -10.75
C GLU C 148 30.61 42.76 -11.71
N ILE C 149 29.37 42.29 -11.61
CA ILE C 149 28.90 41.21 -12.48
C ILE C 149 28.90 41.63 -13.96
N PRO C 150 28.31 42.76 -14.35
CA PRO C 150 28.42 43.16 -15.77
C PRO C 150 29.84 43.40 -16.22
N GLY C 151 30.70 43.94 -15.35
CA GLY C 151 32.08 44.15 -15.72
C GLY C 151 32.83 42.86 -16.00
N ILE C 152 32.62 41.85 -15.15
CA ILE C 152 33.25 40.55 -15.38
C ILE C 152 32.65 39.88 -16.62
N LEU C 153 31.34 40.03 -16.83
CA LEU C 153 30.71 39.43 -18.00
C LEU C 153 31.20 40.06 -19.30
N GLU C 154 31.49 41.36 -19.29
CA GLU C 154 32.00 42.03 -20.47
C GLU C 154 33.37 41.51 -20.92
N LYS C 155 34.13 40.88 -20.02
CA LYS C 155 35.41 40.31 -20.41
C LYS C 155 35.26 39.13 -21.35
N TYR C 156 34.09 38.48 -21.37
CA TYR C 156 33.86 37.33 -22.23
C TYR C 156 32.69 37.59 -23.17
N MET D 1 -56.95 -15.84 -2.37
CA MET D 1 -55.71 -15.41 -3.00
C MET D 1 -55.80 -15.61 -4.51
N LYS D 2 -55.89 -14.49 -5.24
CA LYS D 2 -55.97 -14.53 -6.69
C LYS D 2 -54.61 -14.84 -7.29
N GLU D 3 -54.60 -15.60 -8.38
CA GLU D 3 -53.39 -16.00 -9.06
C GLU D 3 -53.21 -15.20 -10.34
N ILE D 4 -52.04 -14.59 -10.49
CA ILE D 4 -51.72 -13.74 -11.64
C ILE D 4 -50.61 -14.42 -12.43
N THR D 5 -50.77 -14.45 -13.75
CA THR D 5 -49.79 -15.05 -14.64
C THR D 5 -48.92 -13.93 -15.23
N PHE D 6 -47.61 -14.15 -15.27
CA PHE D 6 -46.76 -13.15 -15.88
C PHE D 6 -45.52 -13.80 -16.47
N LYS D 7 -44.78 -13.03 -17.25
CA LYS D 7 -43.55 -13.47 -17.88
C LYS D 7 -42.42 -12.51 -17.51
N ILE D 8 -41.28 -13.07 -17.11
CA ILE D 8 -40.04 -12.31 -16.95
C ILE D 8 -39.03 -12.84 -17.96
N ASN D 9 -38.64 -12.00 -18.90
CA ASN D 9 -37.71 -12.37 -19.98
C ASN D 9 -38.17 -13.65 -20.68
N GLY D 10 -39.48 -13.76 -20.89
CA GLY D 10 -40.05 -14.92 -21.56
C GLY D 10 -40.22 -16.16 -20.71
N GLN D 11 -40.07 -16.06 -19.39
CA GLN D 11 -40.27 -17.18 -18.48
C GLN D 11 -41.55 -16.94 -17.70
N GLU D 12 -42.48 -17.88 -17.78
CA GLU D 12 -43.83 -17.69 -17.24
C GLU D 12 -43.94 -18.24 -15.82
N MET D 13 -44.76 -17.55 -15.01
CA MET D 13 -45.03 -18.01 -13.66
C MET D 13 -46.39 -17.54 -13.20
N ILE D 14 -47.09 -18.42 -12.46
CA ILE D 14 -48.26 -18.09 -11.67
C ILE D 14 -47.77 -17.61 -10.30
N VAL D 15 -48.27 -16.47 -9.87
CA VAL D 15 -47.80 -15.85 -8.63
C VAL D 15 -48.99 -15.31 -7.86
N PRO D 16 -48.84 -15.13 -6.54
CA PRO D 16 -49.85 -14.36 -5.80
C PRO D 16 -49.91 -12.94 -6.31
N GLU D 17 -51.10 -12.35 -6.22
CA GLU D 17 -51.33 -11.02 -6.75
C GLU D 17 -50.48 -9.98 -6.01
N GLY D 18 -49.55 -9.37 -6.73
CA GLY D 18 -48.75 -8.30 -6.18
C GLY D 18 -47.26 -8.56 -6.09
N THR D 19 -46.72 -9.53 -6.82
CA THR D 19 -45.29 -9.77 -6.79
C THR D 19 -44.58 -8.80 -7.73
N THR D 20 -43.29 -8.59 -7.50
CA THR D 20 -42.53 -7.64 -8.30
C THR D 20 -41.61 -8.36 -9.28
N ILE D 21 -41.10 -7.58 -10.23
CA ILE D 21 -40.13 -8.12 -11.18
C ILE D 21 -38.82 -8.48 -10.48
N LEU D 22 -38.38 -7.63 -9.54
CA LEU D 22 -37.11 -7.88 -8.86
C LEU D 22 -37.14 -9.17 -8.06
N GLU D 23 -38.25 -9.42 -7.34
CA GLU D 23 -38.36 -10.65 -6.55
C GLU D 23 -38.33 -11.89 -7.44
N ALA D 24 -39.07 -11.84 -8.55
CA ALA D 24 -39.08 -12.97 -9.48
C ALA D 24 -37.70 -13.21 -10.07
N ALA D 25 -37.01 -12.13 -10.45
CA ALA D 25 -35.65 -12.28 -10.96
C ALA D 25 -34.74 -12.88 -9.91
N ARG D 26 -34.86 -12.43 -8.66
CA ARG D 26 -34.07 -13.00 -7.57
C ARG D 26 -34.31 -14.50 -7.43
N MET D 27 -35.57 -14.92 -7.54
CA MET D 27 -35.85 -16.35 -7.42
C MET D 27 -35.72 -17.07 -8.75
N ASN D 28 -35.30 -16.36 -9.81
CA ASN D 28 -35.03 -16.98 -11.10
C ASN D 28 -33.66 -16.61 -11.67
N ASN D 29 -32.66 -16.40 -10.81
CA ASN D 29 -31.26 -16.29 -11.20
C ASN D 29 -31.00 -15.07 -12.08
N ILE D 30 -31.60 -13.95 -11.70
CA ILE D 30 -31.34 -12.64 -12.31
C ILE D 30 -31.30 -11.60 -11.21
N ASP D 31 -30.35 -10.67 -11.29
CA ASP D 31 -30.17 -9.65 -10.26
C ASP D 31 -30.33 -8.27 -10.89
N ILE D 32 -30.86 -7.33 -10.10
CA ILE D 32 -31.13 -5.97 -10.56
C ILE D 32 -30.62 -5.01 -9.50
N PRO D 33 -29.87 -3.96 -9.86
CA PRO D 33 -29.32 -3.06 -8.86
C PRO D 33 -30.40 -2.38 -8.04
N THR D 34 -30.16 -2.28 -6.73
CA THR D 34 -31.05 -1.59 -5.79
C THR D 34 -30.19 -0.83 -4.80
N LEU D 35 -30.65 0.36 -4.41
CA LEU D 35 -30.04 1.13 -3.32
C LEU D 35 -31.04 1.41 -2.19
N CYS D 36 -32.26 1.81 -2.53
CA CYS D 36 -33.28 2.16 -1.57
C CYS D 36 -34.30 1.05 -1.35
N TYR D 37 -33.90 -0.21 -1.43
CA TYR D 37 -34.82 -1.33 -1.28
C TYR D 37 -34.51 -2.12 -0.02
N LEU D 38 -35.48 -2.20 0.89
CA LEU D 38 -35.46 -3.10 2.02
C LEU D 38 -36.77 -3.87 2.04
N LYS D 39 -36.67 -5.18 2.31
CA LYS D 39 -37.87 -6.02 2.34
C LYS D 39 -38.70 -5.68 3.56
N ASP D 40 -39.99 -5.45 3.34
CA ASP D 40 -40.99 -5.16 4.38
C ASP D 40 -40.71 -3.86 5.14
N ILE D 41 -39.69 -3.10 4.74
CA ILE D 41 -39.32 -1.88 5.45
C ILE D 41 -39.42 -0.67 4.52
N ASN D 42 -38.64 -0.69 3.44
CA ASN D 42 -38.55 0.44 2.52
C ASN D 42 -39.00 0.01 1.13
N GLU D 43 -40.19 0.46 0.72
CA GLU D 43 -40.66 0.34 -0.66
C GLU D 43 -41.13 1.73 -1.05
N ILE D 44 -40.20 2.55 -1.54
CA ILE D 44 -40.47 3.97 -1.80
C ILE D 44 -40.26 4.30 -3.25
N GLY D 45 -39.38 3.55 -3.92
CA GLY D 45 -39.06 3.85 -5.31
C GLY D 45 -38.39 5.20 -5.51
N ALA D 46 -37.39 5.53 -4.69
CA ALA D 46 -36.81 6.87 -4.72
C ALA D 46 -35.44 6.90 -5.38
N CYS D 47 -34.62 5.87 -5.16
CA CYS D 47 -33.26 5.89 -5.69
C CYS D 47 -33.23 5.93 -7.21
N ARG D 48 -34.28 5.45 -7.87
CA ARG D 48 -34.44 5.55 -9.32
C ARG D 48 -33.25 4.94 -10.05
N MET D 49 -32.93 3.70 -9.69
CA MET D 49 -31.76 3.02 -10.25
C MET D 49 -32.02 1.56 -10.63
N CYS D 50 -33.19 1.02 -10.33
CA CYS D 50 -33.54 -0.36 -10.69
C CYS D 50 -34.40 -0.41 -11.94
N LEU D 51 -34.17 0.51 -12.88
CA LEU D 51 -35.04 0.63 -14.05
C LEU D 51 -34.92 -0.60 -14.95
N VAL D 52 -36.07 -1.11 -15.37
CA VAL D 52 -36.14 -2.24 -16.29
C VAL D 52 -37.14 -1.90 -17.38
N GLU D 53 -36.71 -2.04 -18.64
CA GLU D 53 -37.54 -1.65 -19.77
C GLU D 53 -38.73 -2.59 -19.89
N ILE D 54 -39.90 -2.03 -20.20
CA ILE D 54 -41.12 -2.78 -20.45
C ILE D 54 -41.62 -2.41 -21.84
N ALA D 55 -41.90 -3.42 -22.66
CA ALA D 55 -42.32 -3.19 -24.02
C ALA D 55 -43.66 -2.48 -24.07
N GLY D 56 -43.76 -1.47 -24.93
CA GLY D 56 -44.98 -0.70 -25.10
C GLY D 56 -45.14 0.48 -24.19
N ALA D 57 -44.23 0.68 -23.23
CA ALA D 57 -44.34 1.79 -22.29
C ALA D 57 -43.65 3.03 -22.85
N ARG D 58 -44.04 4.19 -22.32
CA ARG D 58 -43.44 5.45 -22.76
C ARG D 58 -41.98 5.54 -22.33
N ALA D 59 -41.68 5.17 -21.09
CA ALA D 59 -40.33 5.24 -20.55
C ALA D 59 -40.03 3.97 -19.78
N LEU D 60 -38.92 3.97 -19.06
CA LEU D 60 -38.53 2.82 -18.26
C LEU D 60 -39.30 2.78 -16.95
N GLN D 61 -39.35 1.61 -16.34
CA GLN D 61 -40.06 1.40 -15.08
C GLN D 61 -39.12 0.80 -14.04
N ALA D 62 -39.40 1.12 -12.78
CA ALA D 62 -38.61 0.58 -11.68
C ALA D 62 -39.18 -0.76 -11.25
N ALA D 63 -38.33 -1.79 -11.22
CA ALA D 63 -38.80 -3.16 -11.02
C ALA D 63 -39.18 -3.44 -9.56
N CYS D 64 -38.57 -2.76 -8.60
CA CYS D 64 -38.79 -3.11 -7.19
C CYS D 64 -40.22 -2.82 -6.75
N VAL D 65 -40.94 -1.95 -7.46
CA VAL D 65 -42.25 -1.52 -7.03
C VAL D 65 -43.25 -1.68 -8.18
N TYR D 66 -42.86 -2.41 -9.21
CA TYR D 66 -43.72 -2.59 -10.37
C TYR D 66 -44.46 -3.91 -10.27
N PRO D 67 -45.78 -3.90 -10.09
CA PRO D 67 -46.52 -5.16 -10.06
C PRO D 67 -46.60 -5.77 -11.45
N VAL D 68 -46.28 -7.07 -11.54
CA VAL D 68 -46.29 -7.75 -12.83
C VAL D 68 -47.71 -7.82 -13.38
N ALA D 69 -47.81 -7.66 -14.70
CA ALA D 69 -49.10 -7.66 -15.39
C ALA D 69 -49.19 -8.85 -16.31
N ASN D 70 -50.35 -9.00 -16.95
CA ASN D 70 -50.62 -10.14 -17.81
C ASN D 70 -50.09 -9.89 -19.22
N GLY D 71 -49.09 -10.69 -19.63
CA GLY D 71 -48.63 -10.67 -20.99
C GLY D 71 -47.61 -9.61 -21.34
N ILE D 72 -46.94 -9.02 -20.35
CA ILE D 72 -45.94 -7.99 -20.63
C ILE D 72 -44.65 -8.65 -21.11
N GLU D 73 -43.85 -7.88 -21.85
CA GLU D 73 -42.56 -8.31 -22.33
C GLU D 73 -41.48 -7.50 -21.63
N VAL D 74 -40.45 -8.18 -21.14
CA VAL D 74 -39.44 -7.58 -20.28
C VAL D 74 -38.07 -7.68 -20.93
N LEU D 75 -37.37 -6.56 -20.99
CA LEU D 75 -35.98 -6.51 -21.47
C LEU D 75 -35.12 -5.87 -20.39
N THR D 76 -33.93 -6.41 -20.17
CA THR D 76 -33.10 -6.01 -19.05
C THR D 76 -31.70 -5.55 -19.45
N ASN D 77 -31.12 -6.13 -20.50
CA ASN D 77 -29.71 -5.89 -20.83
C ASN D 77 -29.60 -5.10 -22.13
N SER D 78 -30.68 -4.42 -22.51
CA SER D 78 -30.64 -3.54 -23.66
C SER D 78 -29.71 -2.36 -23.39
N PRO D 79 -29.06 -1.83 -24.44
CA PRO D 79 -28.09 -0.74 -24.23
C PRO D 79 -28.69 0.49 -23.56
N LYS D 80 -29.96 0.81 -23.84
CA LYS D 80 -30.58 1.99 -23.25
C LYS D 80 -30.67 1.86 -21.73
N VAL D 81 -30.99 0.66 -21.24
CA VAL D 81 -31.07 0.45 -19.79
C VAL D 81 -29.71 0.67 -19.15
N ARG D 82 -28.66 0.13 -19.75
CA ARG D 82 -27.31 0.32 -19.21
C ARG D 82 -26.90 1.78 -19.22
N GLU D 83 -27.22 2.50 -20.30
CA GLU D 83 -26.89 3.92 -20.37
C GLU D 83 -27.61 4.70 -19.28
N ALA D 84 -28.91 4.43 -19.09
CA ALA D 84 -29.65 5.11 -18.04
C ALA D 84 -29.08 4.80 -16.67
N ARG D 85 -28.71 3.53 -16.43
CA ARG D 85 -28.14 3.16 -15.15
C ARG D 85 -26.83 3.90 -14.88
N ARG D 86 -25.95 3.98 -15.88
CA ARG D 86 -24.67 4.63 -15.65
C ARG D 86 -24.85 6.14 -15.47
N VAL D 87 -25.77 6.74 -16.23
CA VAL D 87 -26.04 8.16 -16.05
C VAL D 87 -26.57 8.44 -14.64
N ASN D 88 -27.51 7.61 -14.17
CA ASN D 88 -28.02 7.80 -12.81
C ASN D 88 -26.94 7.60 -11.76
N LEU D 89 -26.06 6.61 -11.94
CA LEU D 89 -25.00 6.38 -10.97
C LEU D 89 -24.04 7.56 -10.92
N GLU D 90 -23.63 8.08 -12.08
CA GLU D 90 -22.69 9.20 -12.08
C GLU D 90 -23.37 10.48 -11.63
N LEU D 91 -24.69 10.57 -11.77
CA LEU D 91 -25.42 11.72 -11.26
C LEU D 91 -25.49 11.71 -9.74
N ILE D 92 -25.80 10.55 -9.15
CA ILE D 92 -25.84 10.44 -7.70
C ILE D 92 -24.44 10.60 -7.12
N LEU D 93 -23.42 10.07 -7.80
CA LEU D 93 -22.05 10.14 -7.30
C LEU D 93 -21.45 11.53 -7.42
N SER D 94 -22.18 12.47 -8.02
CA SER D 94 -21.63 13.81 -8.24
C SER D 94 -21.60 14.65 -6.97
N ASN D 95 -22.38 14.28 -5.94
CA ASN D 95 -22.38 14.99 -4.67
C ASN D 95 -21.67 14.24 -3.56
N HIS D 96 -21.53 12.92 -3.67
CA HIS D 96 -20.88 12.13 -2.65
C HIS D 96 -19.41 12.49 -2.54
N ASN D 97 -18.87 12.40 -1.32
CA ASN D 97 -17.42 12.49 -1.14
C ASN D 97 -16.79 11.18 -1.58
N ARG D 98 -15.85 11.26 -2.52
CA ARG D 98 -15.22 10.08 -3.10
C ARG D 98 -13.96 9.66 -2.35
N GLU D 99 -13.86 9.98 -1.07
CA GLU D 99 -12.71 9.60 -0.25
C GLU D 99 -12.89 8.21 0.34
N CYS D 100 -12.92 7.21 -0.54
CA CYS D 100 -13.06 5.81 -0.15
C CYS D 100 -11.90 5.33 0.72
N THR D 101 -10.75 6.01 0.67
CA THR D 101 -9.60 5.57 1.44
C THR D 101 -9.77 5.86 2.93
N THR D 102 -10.59 6.85 3.27
CA THR D 102 -10.72 7.32 4.65
C THR D 102 -12.16 7.13 5.15
N CYS D 103 -12.82 6.09 4.66
CA CYS D 103 -14.11 5.71 5.20
C CYS D 103 -13.99 4.49 6.09
N ILE D 104 -14.86 4.43 7.11
CA ILE D 104 -14.91 3.24 7.96
C ILE D 104 -15.54 2.08 7.20
N ARG D 105 -16.51 2.35 6.33
CA ARG D 105 -17.12 1.30 5.53
C ARG D 105 -16.11 0.74 4.52
N SER D 106 -15.65 1.59 3.59
CA SER D 106 -14.59 1.26 2.66
C SER D 106 -14.89 0.00 1.86
N GLU D 107 -14.62 -1.17 2.45
CA GLU D 107 -14.72 -2.42 1.69
C GLU D 107 -16.17 -2.80 1.41
N ASN D 108 -17.06 -2.63 2.40
CA ASN D 108 -18.42 -3.15 2.32
C ASN D 108 -19.47 -2.05 2.13
N CYS D 109 -19.18 -1.05 1.31
CA CYS D 109 -20.16 -0.02 1.01
C CYS D 109 -20.96 -0.40 -0.23
N GLU D 110 -22.24 -0.02 -0.27
CA GLU D 110 -23.08 -0.34 -1.41
C GLU D 110 -22.67 0.46 -2.64
N LEU D 111 -22.43 1.76 -2.47
CA LEU D 111 -22.11 2.62 -3.60
C LEU D 111 -20.80 2.23 -4.26
N GLN D 112 -19.79 1.86 -3.46
CA GLN D 112 -18.53 1.41 -4.03
C GLN D 112 -18.72 0.16 -4.89
N THR D 113 -19.48 -0.81 -4.37
CA THR D 113 -19.69 -2.05 -5.11
C THR D 113 -20.45 -1.79 -6.41
N LEU D 114 -21.49 -0.95 -6.35
CA LEU D 114 -22.24 -0.66 -7.57
C LEU D 114 -21.40 0.11 -8.58
N ALA D 115 -20.58 1.06 -8.11
CA ALA D 115 -19.72 1.80 -9.02
C ALA D 115 -18.69 0.89 -9.68
N THR D 116 -18.11 -0.05 -8.92
CA THR D 116 -17.17 -0.98 -9.51
C THR D 116 -17.86 -1.93 -10.49
N ASP D 117 -19.08 -2.37 -10.18
CA ASP D 117 -19.79 -3.29 -11.06
C ASP D 117 -20.17 -2.63 -12.37
N LEU D 118 -20.78 -1.45 -12.29
CA LEU D 118 -21.25 -0.75 -13.48
C LEU D 118 -20.12 -0.10 -14.28
N GLY D 119 -18.92 -0.06 -13.74
CA GLY D 119 -17.77 0.45 -14.49
C GLY D 119 -17.83 1.91 -14.86
N VAL D 120 -18.19 2.78 -13.93
CA VAL D 120 -18.19 4.22 -14.19
C VAL D 120 -16.75 4.70 -14.31
N SER D 121 -16.31 4.94 -15.54
CA SER D 121 -14.91 5.29 -15.80
C SER D 121 -14.56 6.70 -15.36
N ASP D 122 -15.41 7.67 -15.68
CA ASP D 122 -15.12 9.07 -15.43
C ASP D 122 -16.34 9.79 -14.87
N ILE D 123 -16.09 10.89 -14.17
CA ILE D 123 -17.16 11.73 -13.63
C ILE D 123 -17.17 13.03 -14.41
N PRO D 124 -18.10 13.21 -15.35
CA PRO D 124 -18.10 14.41 -16.18
C PRO D 124 -18.76 15.61 -15.52
N PHE D 125 -19.57 15.36 -14.49
CA PHE D 125 -20.37 16.40 -13.86
C PHE D 125 -19.62 16.94 -12.64
N GLU D 126 -19.32 18.23 -12.67
CA GLU D 126 -18.63 18.89 -11.56
C GLU D 126 -19.49 20.04 -11.02
N GLY D 127 -19.22 20.41 -9.77
CA GLY D 127 -20.00 21.47 -9.14
C GLY D 127 -19.67 21.53 -7.65
N GLU D 128 -20.70 21.87 -6.87
CA GLU D 128 -20.57 22.02 -5.43
C GLU D 128 -21.38 20.96 -4.70
N LYS D 129 -20.90 20.60 -3.52
CA LYS D 129 -21.56 19.59 -2.70
C LYS D 129 -22.59 20.24 -1.77
N SER D 130 -23.32 19.40 -1.06
CA SER D 130 -24.25 19.88 -0.05
C SER D 130 -23.52 20.13 1.27
N GLY D 131 -24.10 20.98 2.10
CA GLY D 131 -23.48 21.39 3.35
C GLY D 131 -23.10 20.24 4.25
N LYS D 132 -21.87 20.27 4.76
CA LYS D 132 -21.38 19.20 5.63
C LYS D 132 -21.18 19.70 7.05
N LEU D 133 -21.69 18.94 8.01
CA LEU D 133 -21.46 19.21 9.42
C LEU D 133 -21.69 17.91 10.19
N ILE D 134 -20.72 17.53 11.02
CA ILE D 134 -20.72 16.25 11.70
C ILE D 134 -21.24 16.46 13.12
N ASP D 135 -22.29 15.72 13.48
CA ASP D 135 -22.89 15.81 14.81
C ASP D 135 -22.17 14.83 15.75
N ASP D 136 -20.90 15.13 16.01
CA ASP D 136 -20.08 14.31 16.89
C ASP D 136 -20.23 14.80 18.33
N LEU D 137 -21.48 14.90 18.76
CA LEU D 137 -21.81 15.32 20.12
C LEU D 137 -22.65 14.33 20.90
N SER D 138 -23.38 13.43 20.24
CA SER D 138 -24.17 12.43 20.93
C SER D 138 -23.27 11.40 21.61
N THR D 139 -23.88 10.60 22.47
CA THR D 139 -23.10 9.65 23.27
C THR D 139 -22.66 8.44 22.45
N SER D 140 -23.51 7.96 21.55
CA SER D 140 -23.25 6.70 20.87
C SER D 140 -23.33 6.76 19.36
N VAL D 141 -24.12 7.66 18.80
CA VAL D 141 -24.37 7.71 17.36
C VAL D 141 -23.85 9.05 16.81
N VAL D 142 -23.30 9.00 15.61
CA VAL D 142 -22.75 10.18 14.93
C VAL D 142 -23.30 10.21 13.51
N ARG D 143 -23.83 11.36 13.11
CA ARG D 143 -24.36 11.55 11.75
C ARG D 143 -23.33 12.29 10.91
N ASP D 144 -23.17 11.85 9.67
CA ASP D 144 -22.25 12.45 8.70
C ASP D 144 -23.05 12.70 7.43
N GLU D 145 -23.76 13.82 7.37
CA GLU D 145 -24.66 14.08 6.26
C GLU D 145 -23.96 14.51 4.98
N SER D 146 -22.62 14.46 4.95
CA SER D 146 -21.92 14.67 3.69
C SER D 146 -21.92 13.43 2.83
N LYS D 147 -22.12 12.25 3.42
CA LYS D 147 -22.19 11.00 2.68
C LYS D 147 -23.61 10.56 2.37
N CYS D 148 -24.61 11.27 2.87
CA CYS D 148 -26.00 10.86 2.69
C CYS D 148 -26.39 10.90 1.21
N ILE D 149 -27.16 9.90 0.79
CA ILE D 149 -27.68 9.84 -0.57
C ILE D 149 -29.21 9.93 -0.59
N LEU D 150 -29.82 10.13 0.58
CA LEU D 150 -31.28 10.32 0.71
C LEU D 150 -32.06 9.13 0.17
N CYS D 151 -31.80 7.97 0.77
CA CYS D 151 -32.55 6.76 0.48
C CYS D 151 -33.73 6.56 1.44
N LYS D 152 -33.74 7.26 2.57
CA LYS D 152 -34.81 7.24 3.56
C LYS D 152 -34.97 5.89 4.25
N ARG D 153 -33.91 5.09 4.33
CA ARG D 153 -34.00 3.83 5.07
C ARG D 153 -33.97 4.05 6.57
N CYS D 154 -33.15 5.00 7.03
CA CYS D 154 -33.05 5.25 8.47
C CYS D 154 -34.36 5.79 9.03
N VAL D 155 -35.03 6.68 8.29
CA VAL D 155 -36.30 7.24 8.74
C VAL D 155 -37.34 6.13 8.88
N SER D 156 -37.44 5.26 7.88
CA SER D 156 -38.41 4.18 7.96
C SER D 156 -38.08 3.18 9.05
N VAL D 157 -36.79 2.91 9.28
CA VAL D 157 -36.41 2.00 10.35
C VAL D 157 -36.76 2.59 11.71
N CYS D 158 -36.45 3.87 11.93
CA CYS D 158 -36.77 4.50 13.21
C CYS D 158 -38.26 4.70 13.42
N ARG D 159 -39.05 4.80 12.35
CA ARG D 159 -40.48 5.03 12.51
C ARG D 159 -41.29 3.75 12.60
N ASP D 160 -40.96 2.74 11.79
CA ASP D 160 -41.80 1.55 11.69
C ASP D 160 -41.40 0.47 12.70
N VAL D 161 -40.15 0.00 12.64
CA VAL D 161 -39.78 -1.14 13.47
C VAL D 161 -39.27 -0.73 14.84
N GLN D 162 -39.19 0.57 15.13
CA GLN D 162 -38.75 1.02 16.45
C GLN D 162 -39.76 1.92 17.16
N SER D 163 -40.67 2.54 16.42
CA SER D 163 -41.74 3.36 17.00
C SER D 163 -41.20 4.47 17.89
N VAL D 164 -40.10 5.09 17.46
CA VAL D 164 -39.50 6.21 18.17
C VAL D 164 -39.72 7.52 17.41
N ALA D 165 -39.43 7.54 16.11
CA ALA D 165 -39.72 8.66 15.21
C ALA D 165 -39.03 9.95 15.69
N VAL D 166 -37.70 9.93 15.60
CA VAL D 166 -36.88 11.10 15.90
C VAL D 166 -36.08 11.54 14.68
N LEU D 167 -36.54 11.22 13.47
CA LEU D 167 -35.86 11.61 12.23
C LEU D 167 -36.91 12.08 11.22
N GLY D 168 -36.52 13.02 10.36
CA GLY D 168 -37.40 13.52 9.33
C GLY D 168 -36.59 14.15 8.21
N THR D 169 -37.31 14.66 7.21
CA THR D 169 -36.70 15.32 6.06
C THR D 169 -37.11 16.79 6.03
N VAL D 170 -36.17 17.65 5.65
CA VAL D 170 -36.41 19.09 5.60
C VAL D 170 -35.78 19.66 4.34
N GLY D 171 -36.40 20.71 3.80
CA GLY D 171 -35.83 21.44 2.68
C GLY D 171 -36.34 20.99 1.33
N ARG D 172 -35.86 21.70 0.30
CA ARG D 172 -36.21 21.42 -1.08
C ARG D 172 -34.95 21.44 -1.93
N GLY D 173 -34.96 20.67 -3.01
CA GLY D 173 -33.83 20.68 -3.93
C GLY D 173 -32.55 20.19 -3.25
N PHE D 174 -31.43 20.84 -3.59
CA PHE D 174 -30.13 20.49 -3.02
C PHE D 174 -30.08 20.66 -1.51
N THR D 175 -30.94 21.50 -0.93
CA THR D 175 -30.93 21.74 0.50
C THR D 175 -31.65 20.66 1.30
N SER D 176 -32.31 19.71 0.63
CA SER D 176 -33.05 18.66 1.33
C SER D 176 -32.07 17.79 2.12
N GLN D 177 -32.38 17.57 3.39
CA GLN D 177 -31.55 16.74 4.26
C GLN D 177 -32.41 16.01 5.26
N VAL D 178 -31.91 14.87 5.72
CA VAL D 178 -32.56 14.08 6.76
C VAL D 178 -31.91 14.45 8.09
N GLN D 179 -32.71 15.01 9.00
CA GLN D 179 -32.22 15.53 10.27
C GLN D 179 -33.20 15.19 11.38
N PRO D 180 -32.75 15.24 12.63
CA PRO D 180 -33.67 15.10 13.76
C PRO D 180 -34.59 16.32 13.86
N VAL D 181 -35.42 16.31 14.90
CA VAL D 181 -36.45 17.33 15.07
C VAL D 181 -35.83 18.64 15.54
N PHE D 182 -36.27 19.73 14.90
CA PHE D 182 -35.97 21.11 15.31
C PHE D 182 -34.48 21.42 15.33
N ASN D 183 -33.70 20.86 14.40
CA ASN D 183 -32.28 21.18 14.24
C ASN D 183 -31.49 20.97 15.53
N LYS D 184 -31.79 19.91 16.26
CA LYS D 184 -31.11 19.60 17.51
C LYS D 184 -30.16 18.42 17.31
N SER D 185 -29.56 17.95 18.40
CA SER D 185 -28.67 16.82 18.36
C SER D 185 -29.35 15.57 18.92
N LEU D 186 -28.88 14.41 18.48
CA LEU D 186 -29.50 13.15 18.87
C LEU D 186 -29.32 12.86 20.37
N ALA D 187 -28.40 13.55 21.04
CA ALA D 187 -28.30 13.43 22.48
C ALA D 187 -29.31 14.32 23.19
N ASP D 188 -29.97 15.22 22.47
CA ASP D 188 -30.89 16.18 23.05
C ASP D 188 -32.34 15.79 22.82
N VAL D 189 -32.61 14.81 21.96
CA VAL D 189 -33.97 14.44 21.61
C VAL D 189 -34.27 13.05 22.16
N GLY D 190 -35.51 12.59 21.98
CA GLY D 190 -35.96 11.34 22.55
C GLY D 190 -35.45 10.10 21.86
N CYS D 191 -34.14 10.01 21.68
CA CYS D 191 -33.53 8.81 21.12
C CYS D 191 -33.13 7.87 22.26
N ILE D 192 -33.24 6.57 21.99
CA ILE D 192 -32.95 5.55 22.98
C ILE D 192 -31.62 4.86 22.72
N ASN D 193 -30.85 5.35 21.73
CA ASN D 193 -29.50 4.84 21.43
C ASN D 193 -29.51 3.33 21.16
N CYS D 194 -30.57 2.85 20.50
CA CYS D 194 -30.64 1.43 20.18
C CYS D 194 -29.62 1.04 19.12
N GLY D 195 -29.50 1.84 18.07
CA GLY D 195 -28.49 1.62 17.05
C GLY D 195 -28.90 0.78 15.86
N GLN D 196 -30.19 0.78 15.49
CA GLN D 196 -30.62 0.02 14.33
C GLN D 196 -30.42 0.81 13.04
N CYS D 197 -30.61 2.12 13.10
CA CYS D 197 -30.39 2.96 11.93
C CYS D 197 -28.93 2.93 11.48
N ILE D 198 -28.01 2.63 12.39
CA ILE D 198 -26.61 2.50 12.01
C ILE D 198 -26.40 1.27 11.14
N ILE D 199 -27.03 0.15 11.50
CA ILE D 199 -26.83 -1.07 10.73
C ILE D 199 -27.79 -1.16 9.55
N ASN D 200 -28.71 -0.20 9.42
CA ASN D 200 -29.56 -0.12 8.24
C ASN D 200 -29.23 1.07 7.34
N CYS D 201 -27.96 1.40 7.16
CA CYS D 201 -27.56 2.48 6.26
C CYS D 201 -26.75 1.90 5.11
N PRO D 202 -26.95 2.34 3.87
CA PRO D 202 -26.25 1.75 2.72
C PRO D 202 -24.88 2.33 2.42
N VAL D 203 -24.58 3.56 2.82
CA VAL D 203 -23.34 4.22 2.42
C VAL D 203 -22.43 4.54 3.60
N GLY D 204 -22.97 4.74 4.79
CA GLY D 204 -22.11 5.06 5.92
C GLY D 204 -22.19 6.50 6.38
N ALA D 205 -23.37 7.12 6.30
CA ALA D 205 -23.57 8.45 6.88
C ALA D 205 -23.84 8.38 8.37
N LEU D 206 -24.01 7.20 8.93
CA LEU D 206 -24.23 6.99 10.34
C LEU D 206 -23.15 6.07 10.90
N LYS D 207 -22.55 6.47 12.01
CA LYS D 207 -21.46 5.70 12.60
C LYS D 207 -21.60 5.74 14.13
N GLU D 208 -20.70 5.02 14.79
CA GLU D 208 -20.72 5.00 16.25
C GLU D 208 -19.59 5.87 16.81
N LYS D 209 -19.72 6.20 18.09
CA LYS D 209 -18.68 6.97 18.76
C LYS D 209 -17.52 6.06 19.16
N SER D 210 -16.42 6.15 18.42
CA SER D 210 -15.28 5.26 18.61
C SER D 210 -14.56 5.62 19.91
N ASP D 211 -14.23 4.60 20.70
CA ASP D 211 -13.51 4.79 21.96
C ASP D 211 -12.26 3.91 22.03
N ILE D 212 -11.64 3.64 20.89
CA ILE D 212 -10.48 2.75 20.85
C ILE D 212 -9.25 3.41 21.48
N GLN D 213 -9.13 4.73 21.33
CA GLN D 213 -7.95 5.43 21.85
C GLN D 213 -7.86 5.32 23.36
N ARG D 214 -9.00 5.39 24.05
CA ARG D 214 -8.99 5.23 25.51
C ARG D 214 -8.47 3.85 25.90
N VAL D 215 -8.91 2.81 25.19
CA VAL D 215 -8.45 1.46 25.50
C VAL D 215 -6.95 1.35 25.25
N TRP D 216 -6.47 1.90 24.13
CA TRP D 216 -5.05 1.84 23.83
C TRP D 216 -4.21 2.56 24.87
N ASP D 217 -4.67 3.72 25.35
CA ASP D 217 -3.97 4.41 26.42
C ASP D 217 -4.00 3.60 27.71
N ALA D 218 -5.13 2.95 28.00
CA ALA D 218 -5.25 2.18 29.24
C ALA D 218 -4.32 0.98 29.24
N ILE D 219 -4.13 0.34 28.08
CA ILE D 219 -3.26 -0.83 28.03
C ILE D 219 -1.81 -0.45 28.31
N ALA D 220 -1.36 0.72 27.85
CA ALA D 220 0.04 1.08 27.94
C ALA D 220 0.41 1.71 29.28
N ASP D 221 -0.53 1.85 30.21
CA ASP D 221 -0.24 2.45 31.51
C ASP D 221 0.35 1.39 32.44
N PRO D 222 1.59 1.55 32.90
CA PRO D 222 2.19 0.51 33.76
C PRO D 222 1.59 0.43 35.16
N SER D 223 0.88 1.47 35.61
CA SER D 223 0.32 1.48 36.95
C SER D 223 -1.11 0.95 37.01
N LYS D 224 -1.70 0.61 35.87
CA LYS D 224 -3.09 0.18 35.81
C LYS D 224 -3.16 -1.30 35.40
N THR D 225 -4.11 -2.02 35.99
CA THR D 225 -4.40 -3.39 35.61
C THR D 225 -5.71 -3.43 34.85
N VAL D 226 -5.70 -4.08 33.67
CA VAL D 226 -6.80 -4.03 32.73
C VAL D 226 -7.53 -5.37 32.75
N ILE D 227 -8.85 -5.31 32.93
CA ILE D 227 -9.70 -6.50 32.95
C ILE D 227 -10.79 -6.30 31.91
N VAL D 228 -10.94 -7.29 31.02
CA VAL D 228 -11.91 -7.22 29.94
C VAL D 228 -13.05 -8.18 30.24
N GLN D 229 -14.25 -7.79 29.81
CA GLN D 229 -15.47 -8.57 29.99
C GLN D 229 -16.03 -8.91 28.62
N THR D 230 -16.39 -10.17 28.43
CA THR D 230 -16.87 -10.67 27.15
C THR D 230 -18.37 -10.97 27.22
N ALA D 231 -19.11 -10.44 26.25
CA ALA D 231 -20.54 -10.70 26.16
C ALA D 231 -20.78 -12.12 25.65
N PRO D 232 -21.97 -12.67 25.90
CA PRO D 232 -22.27 -14.03 25.41
C PRO D 232 -22.63 -14.08 23.94
N ALA D 233 -23.13 -12.98 23.36
CA ALA D 233 -23.53 -12.96 21.96
C ALA D 233 -22.48 -12.32 21.05
N VAL D 234 -21.28 -12.04 21.58
CA VAL D 234 -20.23 -11.50 20.73
C VAL D 234 -19.47 -12.64 20.04
N ARG D 235 -19.61 -13.86 20.56
CA ARG D 235 -18.98 -15.03 19.97
C ARG D 235 -19.90 -15.75 18.99
N ALA D 236 -21.08 -15.21 18.74
CA ALA D 236 -22.01 -15.82 17.79
C ALA D 236 -22.03 -15.10 16.45
N ALA D 237 -21.40 -13.94 16.33
CA ALA D 237 -21.41 -13.20 15.07
C ALA D 237 -20.09 -12.53 14.71
N LEU D 238 -19.02 -12.73 15.47
CA LEU D 238 -17.75 -12.10 15.15
C LEU D 238 -17.11 -12.71 13.91
N GLY D 239 -17.31 -14.01 13.67
CA GLY D 239 -16.67 -14.70 12.56
C GLY D 239 -16.92 -14.06 11.21
N GLU D 240 -18.01 -13.30 11.08
CA GLU D 240 -18.27 -12.57 9.84
C GLU D 240 -17.08 -11.75 9.40
N GLU D 241 -16.36 -11.13 10.33
CA GLU D 241 -15.26 -10.27 9.96
C GLU D 241 -14.04 -11.03 9.45
N PHE D 242 -14.03 -12.36 9.56
CA PHE D 242 -12.85 -13.13 9.22
C PHE D 242 -13.17 -14.31 8.30
N GLY D 243 -14.21 -14.19 7.49
CA GLY D 243 -14.50 -15.15 6.45
C GLY D 243 -15.13 -16.44 6.90
N TYR D 244 -15.51 -16.58 8.16
CA TYR D 244 -16.12 -17.80 8.64
C TYR D 244 -17.57 -17.90 8.17
N PRO D 245 -18.06 -19.11 7.93
CA PRO D 245 -19.50 -19.30 7.70
C PRO D 245 -20.27 -19.02 8.97
N MET D 246 -21.51 -18.58 8.80
CA MET D 246 -22.28 -18.10 9.95
C MET D 246 -22.78 -19.27 10.80
N GLY D 247 -23.06 -18.98 12.06
CA GLY D 247 -23.44 -20.01 13.00
C GLY D 247 -22.29 -20.75 13.64
N THR D 248 -21.08 -20.19 13.58
CA THR D 248 -19.89 -20.84 14.11
C THR D 248 -19.48 -20.20 15.42
N SER D 249 -19.20 -21.03 16.43
CA SER D 249 -18.72 -20.54 17.72
C SER D 249 -17.22 -20.30 17.64
N VAL D 250 -16.78 -19.14 18.11
CA VAL D 250 -15.37 -18.74 18.02
C VAL D 250 -14.82 -18.47 19.42
N THR D 251 -15.33 -19.19 20.42
CA THR D 251 -15.01 -18.88 21.81
C THR D 251 -13.51 -18.98 22.07
N GLY D 252 -12.90 -20.11 21.72
CA GLY D 252 -11.48 -20.29 21.98
C GLY D 252 -10.61 -19.31 21.21
N LYS D 253 -10.90 -19.12 19.92
CA LYS D 253 -10.14 -18.18 19.11
C LYS D 253 -10.28 -16.76 19.62
N MET D 254 -11.50 -16.36 20.00
CA MET D 254 -11.71 -15.03 20.53
C MET D 254 -10.96 -14.82 21.85
N ALA D 255 -10.99 -15.84 22.72
CA ALA D 255 -10.26 -15.75 23.98
C ALA D 255 -8.76 -15.62 23.73
N ALA D 256 -8.22 -16.42 22.81
CA ALA D 256 -6.80 -16.33 22.49
C ALA D 256 -6.45 -14.96 21.92
N ALA D 257 -7.30 -14.44 21.02
CA ALA D 257 -7.04 -13.14 20.43
C ALA D 257 -7.05 -12.04 21.48
N LEU D 258 -7.99 -12.10 22.42
CA LEU D 258 -8.03 -11.11 23.49
C LEU D 258 -6.83 -11.24 24.42
N ARG D 259 -6.35 -12.47 24.64
CA ARG D 259 -5.16 -12.65 25.48
C ARG D 259 -3.91 -12.13 24.79
N ARG D 260 -3.86 -12.21 23.46
CA ARG D 260 -2.68 -11.72 22.74
C ARG D 260 -2.64 -10.20 22.64
N LEU D 261 -3.76 -9.51 22.85
CA LEU D 261 -3.77 -8.06 22.76
C LEU D 261 -3.07 -7.38 23.92
N GLY D 262 -2.70 -8.13 24.96
CA GLY D 262 -2.07 -7.56 26.12
C GLY D 262 -2.98 -7.30 27.30
N PHE D 263 -4.22 -7.80 27.26
CA PHE D 263 -5.14 -7.62 28.37
C PHE D 263 -4.63 -8.39 29.59
N ASP D 264 -4.69 -7.76 30.76
CA ASP D 264 -4.17 -8.40 31.96
C ASP D 264 -5.09 -9.53 32.43
N LYS D 265 -6.40 -9.32 32.37
CA LYS D 265 -7.35 -10.37 32.75
C LYS D 265 -8.52 -10.39 31.78
N VAL D 266 -9.07 -11.59 31.57
CA VAL D 266 -10.20 -11.81 30.68
C VAL D 266 -11.27 -12.57 31.46
N PHE D 267 -12.51 -12.06 31.42
CA PHE D 267 -13.62 -12.67 32.13
C PHE D 267 -14.86 -12.64 31.26
N ASP D 268 -15.85 -13.45 31.64
CA ASP D 268 -17.10 -13.55 30.91
C ASP D 268 -18.24 -12.99 31.75
N THR D 269 -19.29 -12.54 31.06
CA THR D 269 -20.43 -11.91 31.72
C THR D 269 -21.35 -12.95 32.36
N ASP D 270 -21.19 -14.23 32.01
CA ASP D 270 -22.13 -15.26 32.43
C ASP D 270 -22.23 -15.37 33.96
N PHE D 271 -21.15 -15.04 34.68
CA PHE D 271 -21.21 -15.02 36.13
C PHE D 271 -22.23 -14.01 36.63
N GLY D 272 -22.17 -12.78 36.10
CA GLY D 272 -23.16 -11.79 36.43
C GLY D 272 -24.56 -12.18 36.00
N ALA D 273 -24.67 -12.91 34.88
CA ALA D 273 -25.97 -13.39 34.45
C ALA D 273 -26.57 -14.36 35.45
N ASP D 274 -25.75 -15.30 35.95
CA ASP D 274 -26.24 -16.24 36.95
C ASP D 274 -26.64 -15.51 38.24
N VAL D 275 -25.83 -14.56 38.67
CA VAL D 275 -26.16 -13.79 39.88
C VAL D 275 -27.48 -13.05 39.68
N CYS D 276 -27.66 -12.43 38.51
CA CYS D 276 -28.89 -11.71 38.22
C CYS D 276 -30.09 -12.65 38.20
N ILE D 277 -29.94 -13.84 37.62
CA ILE D 277 -31.04 -14.80 37.61
C ILE D 277 -31.43 -15.18 39.04
N MET D 278 -30.44 -15.44 39.89
CA MET D 278 -30.74 -15.79 41.29
C MET D 278 -31.46 -14.64 41.99
N GLU D 279 -30.98 -13.41 41.81
CA GLU D 279 -31.61 -12.26 42.46
C GLU D 279 -33.04 -12.05 41.97
N GLU D 280 -33.26 -12.18 40.66
CA GLU D 280 -34.61 -12.02 40.13
C GLU D 280 -35.55 -13.12 40.61
N GLY D 281 -35.06 -14.36 40.72
CA GLY D 281 -35.90 -15.41 41.27
C GLY D 281 -36.27 -15.16 42.72
N THR D 282 -35.30 -14.72 43.53
CA THR D 282 -35.59 -14.41 44.92
C THR D 282 -36.57 -13.25 45.04
N GLU D 283 -36.41 -12.22 44.20
CA GLU D 283 -37.34 -11.11 44.20
C GLU D 283 -38.74 -11.54 43.77
N LEU D 284 -38.84 -12.44 42.79
CA LEU D 284 -40.14 -12.95 42.39
C LEU D 284 -40.82 -13.67 43.55
N ILE D 285 -40.07 -14.52 44.25
CA ILE D 285 -40.64 -15.24 45.38
C ILE D 285 -41.09 -14.27 46.46
N GLY D 286 -40.26 -13.27 46.77
CA GLY D 286 -40.60 -12.30 47.79
C GLY D 286 -41.82 -11.47 47.44
N ARG D 287 -41.95 -11.08 46.17
CA ARG D 287 -43.09 -10.27 45.76
C ARG D 287 -44.37 -11.12 45.69
N VAL D 288 -44.25 -12.38 45.32
CA VAL D 288 -45.43 -13.26 45.26
C VAL D 288 -45.94 -13.56 46.67
N THR D 289 -45.03 -13.89 47.58
CA THR D 289 -45.43 -14.31 48.91
C THR D 289 -45.79 -13.15 49.83
N ASN D 290 -45.45 -11.91 49.46
CA ASN D 290 -45.73 -10.76 50.31
C ASN D 290 -46.59 -9.71 49.61
N GLY D 291 -47.28 -10.08 48.54
CA GLY D 291 -48.19 -9.16 47.87
C GLY D 291 -47.51 -7.94 47.28
N GLY D 292 -46.41 -8.15 46.57
CA GLY D 292 -45.68 -7.06 45.96
C GLY D 292 -46.35 -6.54 44.70
N VAL D 293 -45.61 -5.70 43.98
CA VAL D 293 -46.12 -5.13 42.74
C VAL D 293 -45.98 -6.16 41.62
N LEU D 294 -47.08 -6.44 40.94
CA LEU D 294 -47.11 -7.38 39.83
C LEU D 294 -47.72 -6.71 38.60
N PRO D 295 -47.27 -7.08 37.39
CA PRO D 295 -46.21 -8.06 37.10
C PRO D 295 -44.81 -7.51 37.34
N MET D 296 -43.84 -8.39 37.53
CA MET D 296 -42.44 -8.01 37.71
C MET D 296 -41.72 -8.08 36.37
N ILE D 297 -40.95 -7.04 36.07
CA ILE D 297 -40.28 -6.90 34.78
C ILE D 297 -38.78 -6.86 34.99
N THR D 298 -38.07 -7.73 34.27
CA THR D 298 -36.62 -7.72 34.26
C THR D 298 -36.12 -6.42 33.62
N SER D 299 -34.95 -5.95 34.05
CA SER D 299 -34.46 -4.63 33.65
C SER D 299 -32.98 -4.71 33.25
N CYS D 300 -32.64 -5.63 32.36
CA CYS D 300 -31.25 -5.83 31.96
C CYS D 300 -30.81 -4.91 30.82
N SER D 301 -31.64 -4.77 29.78
CA SER D 301 -31.20 -4.10 28.55
C SER D 301 -31.50 -2.60 28.61
N PRO D 302 -30.48 -1.75 28.42
CA PRO D 302 -30.67 -0.30 28.61
C PRO D 302 -31.64 0.34 27.63
N GLY D 303 -31.84 -0.24 26.46
CA GLY D 303 -32.63 0.40 25.41
C GLY D 303 -34.05 0.72 25.84
N TRP D 304 -34.84 -0.31 26.14
CA TRP D 304 -36.20 -0.04 26.57
C TRP D 304 -36.26 0.57 27.96
N ILE D 305 -35.19 0.48 28.75
CA ILE D 305 -35.17 1.22 30.01
C ILE D 305 -35.17 2.71 29.74
N LYS D 306 -34.34 3.19 28.81
CA LYS D 306 -34.41 4.58 28.38
C LYS D 306 -35.77 4.87 27.75
N PHE D 307 -36.29 3.92 26.99
CA PHE D 307 -37.60 4.09 26.35
C PHE D 307 -38.70 4.33 27.39
N ILE D 308 -38.71 3.54 28.46
CA ILE D 308 -39.77 3.63 29.46
C ILE D 308 -39.55 4.84 30.37
N GLU D 309 -38.28 5.18 30.65
CA GLU D 309 -38.01 6.39 31.42
C GLU D 309 -38.42 7.64 30.65
N THR D 310 -38.35 7.60 29.31
CA THR D 310 -38.71 8.76 28.52
C THR D 310 -40.20 8.84 28.24
N TYR D 311 -40.83 7.70 27.93
CA TYR D 311 -42.18 7.68 27.38
C TYR D 311 -43.24 7.23 28.36
N TYR D 312 -42.94 6.26 29.24
CA TYR D 312 -43.92 5.70 30.17
C TYR D 312 -43.38 5.77 31.60
N PRO D 313 -43.39 6.95 32.21
CA PRO D 313 -42.91 7.06 33.60
C PRO D 313 -43.92 6.55 34.62
N GLU D 314 -45.15 6.24 34.21
CA GLU D 314 -46.18 5.83 35.16
C GLU D 314 -45.91 4.46 35.77
N ALA D 315 -45.32 3.54 35.01
CA ALA D 315 -45.14 2.16 35.47
C ALA D 315 -43.71 1.87 35.90
N ILE D 316 -42.93 2.89 36.26
CA ILE D 316 -41.54 2.65 36.69
C ILE D 316 -41.47 1.90 38.02
N PRO D 317 -42.50 1.91 38.88
CA PRO D 317 -42.50 0.97 40.01
C PRO D 317 -42.20 -0.48 39.63
N HIS D 318 -42.71 -0.95 38.49
CA HIS D 318 -42.70 -2.38 38.16
C HIS D 318 -41.31 -2.93 37.86
N LEU D 319 -40.32 -2.09 37.60
CA LEU D 319 -39.01 -2.57 37.20
C LEU D 319 -38.29 -3.25 38.35
N SER D 320 -37.51 -4.27 38.01
CA SER D 320 -36.70 -4.98 38.98
C SER D 320 -35.56 -4.09 39.47
N SER D 321 -35.11 -4.35 40.70
CA SER D 321 -34.09 -3.50 41.31
C SER D 321 -32.67 -3.97 41.00
N CYS D 322 -32.51 -5.06 40.26
CA CYS D 322 -31.17 -5.60 40.00
C CYS D 322 -30.52 -4.87 38.83
N LYS D 323 -29.20 -5.03 38.73
CA LYS D 323 -28.42 -4.43 37.66
C LYS D 323 -28.34 -5.37 36.46
N SER D 324 -27.81 -4.86 35.36
CA SER D 324 -27.48 -5.71 34.23
C SER D 324 -26.29 -6.61 34.59
N PRO D 325 -26.20 -7.79 33.98
CA PRO D 325 -25.15 -8.74 34.38
C PRO D 325 -23.74 -8.19 34.27
N GLN D 326 -23.45 -7.39 33.24
CA GLN D 326 -22.10 -6.84 33.12
C GLN D 326 -21.80 -5.82 34.22
N ASN D 327 -22.82 -5.07 34.64
CA ASN D 327 -22.65 -4.19 35.79
C ASN D 327 -22.40 -4.98 37.07
N ILE D 328 -23.09 -6.12 37.22
CA ILE D 328 -22.85 -6.98 38.37
C ILE D 328 -21.40 -7.46 38.37
N THR D 329 -20.92 -7.93 37.22
CA THR D 329 -19.54 -8.41 37.14
C THR D 329 -18.55 -7.29 37.41
N GLY D 330 -18.80 -6.10 36.87
CA GLY D 330 -17.90 -4.99 37.09
C GLY D 330 -17.83 -4.57 38.54
N ALA D 331 -19.00 -4.43 39.19
CA ALA D 331 -19.02 -4.06 40.61
C ALA D 331 -18.36 -5.13 41.46
N LEU D 332 -18.60 -6.40 41.16
CA LEU D 332 -17.97 -7.48 41.91
C LEU D 332 -16.46 -7.44 41.76
N LEU D 333 -15.96 -7.24 40.53
CA LEU D 333 -14.52 -7.12 40.34
C LEU D 333 -13.97 -5.90 41.06
N LYS D 334 -14.71 -4.80 41.08
CA LYS D 334 -14.23 -3.56 41.68
C LYS D 334 -14.22 -3.63 43.21
N ASN D 335 -15.05 -4.49 43.81
CA ASN D 335 -15.11 -4.56 45.26
C ASN D 335 -14.51 -5.85 45.83
N HIS D 336 -15.08 -7.02 45.49
CA HIS D 336 -14.62 -8.27 46.10
C HIS D 336 -13.28 -8.71 45.54
N TYR D 337 -13.12 -8.65 44.21
CA TYR D 337 -11.85 -9.01 43.60
C TYR D 337 -10.75 -8.06 44.03
N ALA D 338 -11.07 -6.76 44.13
CA ALA D 338 -10.10 -5.78 44.60
C ALA D 338 -9.67 -6.06 46.04
N GLN D 339 -10.63 -6.37 46.92
CA GLN D 339 -10.28 -6.69 48.30
C GLN D 339 -9.43 -7.95 48.37
N THR D 340 -9.78 -8.96 47.58
CA THR D 340 -9.05 -10.23 47.63
C THR D 340 -7.63 -10.07 47.10
N ASN D 341 -7.43 -9.30 46.04
CA ASN D 341 -6.17 -9.24 45.34
C ASN D 341 -5.28 -8.07 45.74
N ASN D 342 -5.66 -7.31 46.78
CA ASN D 342 -4.87 -6.20 47.29
C ASN D 342 -4.58 -5.16 46.20
N ILE D 343 -5.57 -4.90 45.37
CA ILE D 343 -5.46 -3.93 44.29
C ILE D 343 -6.43 -2.79 44.56
N ASP D 344 -5.95 -1.56 44.46
CA ASP D 344 -6.77 -0.40 44.77
C ASP D 344 -7.96 -0.31 43.82
N PRO D 345 -9.15 0.00 44.32
CA PRO D 345 -10.32 0.09 43.42
C PRO D 345 -10.16 1.15 42.33
N LYS D 346 -9.37 2.18 42.57
CA LYS D 346 -9.14 3.21 41.56
C LYS D 346 -7.92 2.92 40.68
N ASP D 347 -7.18 1.86 40.97
CA ASP D 347 -5.99 1.51 40.20
C ASP D 347 -6.23 0.35 39.24
N MET D 348 -7.47 0.08 38.87
CA MET D 348 -7.80 -0.90 37.85
C MET D 348 -8.77 -0.30 36.84
N VAL D 349 -8.68 -0.76 35.60
CA VAL D 349 -9.57 -0.35 34.53
C VAL D 349 -10.25 -1.59 33.99
N VAL D 350 -11.58 -1.56 33.93
CA VAL D 350 -12.37 -2.66 33.39
C VAL D 350 -13.06 -2.16 32.13
N VAL D 351 -12.93 -2.92 31.05
CA VAL D 351 -13.55 -2.61 29.77
C VAL D 351 -14.45 -3.77 29.36
N SER D 352 -15.62 -3.45 28.83
CA SER D 352 -16.60 -4.45 28.44
C SER D 352 -16.78 -4.43 26.93
N ILE D 353 -16.94 -5.61 26.34
CA ILE D 353 -17.14 -5.76 24.91
C ILE D 353 -18.53 -6.32 24.69
N MET D 354 -19.46 -5.47 24.27
CA MET D 354 -20.85 -5.88 24.16
C MET D 354 -21.38 -5.46 22.79
N PRO D 355 -22.28 -6.26 22.21
CA PRO D 355 -22.83 -5.92 20.89
C PRO D 355 -23.79 -4.75 20.88
N CYS D 356 -23.98 -4.07 22.01
CA CYS D 356 -24.94 -2.98 22.10
C CYS D 356 -24.23 -1.63 22.03
N THR D 357 -24.93 -0.66 21.44
CA THR D 357 -24.46 0.72 21.43
C THR D 357 -25.15 1.59 22.47
N ALA D 358 -26.09 1.04 23.23
CA ALA D 358 -26.69 1.79 24.33
C ALA D 358 -25.94 1.60 25.63
N LYS D 359 -24.99 0.67 25.69
CA LYS D 359 -24.18 0.52 26.90
C LYS D 359 -23.11 1.59 27.01
N LYS D 360 -22.76 2.25 25.90
CA LYS D 360 -21.86 3.39 25.99
C LYS D 360 -22.46 4.49 26.86
N TYR D 361 -23.76 4.75 26.70
CA TYR D 361 -24.46 5.68 27.57
C TYR D 361 -24.78 5.05 28.93
N GLU D 362 -25.02 3.74 28.96
CA GLU D 362 -25.36 3.06 30.20
C GLU D 362 -24.23 3.14 31.21
N VAL D 363 -22.99 2.91 30.78
CA VAL D 363 -21.86 3.01 31.72
C VAL D 363 -21.61 4.46 32.12
N GLN D 364 -21.89 5.40 31.23
CA GLN D 364 -21.62 6.82 31.48
C GLN D 364 -22.51 7.41 32.57
N ARG D 365 -23.63 6.77 32.90
CA ARG D 365 -24.56 7.33 33.88
C ARG D 365 -23.89 7.47 35.24
N GLU D 366 -24.18 8.57 35.94
CA GLU D 366 -23.52 8.88 37.19
C GLU D 366 -24.06 8.10 38.38
N GLU D 367 -25.25 7.50 38.25
CA GLU D 367 -25.86 6.78 39.35
C GLU D 367 -25.30 5.37 39.54
N LEU D 368 -24.88 4.71 38.45
CA LEU D 368 -24.42 3.33 38.52
C LEU D 368 -22.95 3.27 38.95
N CYS D 369 -22.69 3.78 40.15
CA CYS D 369 -21.36 3.81 40.72
C CYS D 369 -21.39 3.19 42.11
N THR D 370 -20.31 2.50 42.46
CA THR D 370 -20.17 1.84 43.76
C THR D 370 -19.01 2.46 44.53
N ASP D 371 -19.31 2.95 45.73
CA ASP D 371 -18.30 3.53 46.62
C ASP D 371 -17.52 4.66 45.93
N GLY D 372 -18.22 5.49 45.18
CA GLY D 372 -17.59 6.61 44.49
C GLY D 372 -16.76 6.24 43.28
N ASN D 373 -16.83 5.00 42.81
CA ASN D 373 -16.07 4.53 41.66
C ASN D 373 -17.02 4.02 40.58
N ALA D 374 -16.64 4.22 39.33
CA ALA D 374 -17.44 3.73 38.22
C ALA D 374 -17.33 2.22 38.11
N ASP D 375 -18.47 1.55 37.96
CA ASP D 375 -18.48 0.09 37.85
C ASP D 375 -17.76 -0.37 36.59
N VAL D 376 -18.10 0.22 35.44
CA VAL D 376 -17.44 -0.05 34.17
C VAL D 376 -16.93 1.26 33.60
N ASP D 377 -15.68 1.25 33.15
CA ASP D 377 -15.02 2.45 32.67
C ASP D 377 -15.21 2.67 31.17
N ILE D 378 -14.95 1.65 30.35
CA ILE D 378 -14.98 1.79 28.90
C ILE D 378 -15.80 0.64 28.33
N SER D 379 -16.57 0.93 27.28
CA SER D 379 -17.36 -0.07 26.58
C SER D 379 -17.14 0.06 25.08
N ILE D 380 -16.84 -1.05 24.43
CA ILE D 380 -16.59 -1.09 22.99
C ILE D 380 -17.45 -2.17 22.36
N THR D 381 -17.83 -1.95 21.10
CA THR D 381 -18.73 -2.85 20.39
C THR D 381 -17.93 -4.01 19.78
N THR D 382 -18.63 -4.85 19.02
CA THR D 382 -17.97 -5.95 18.32
C THR D 382 -17.17 -5.45 17.12
N ARG D 383 -17.73 -4.48 16.40
CA ARG D 383 -17.03 -3.90 15.26
C ARG D 383 -15.72 -3.26 15.69
N GLU D 384 -15.72 -2.59 16.84
CA GLU D 384 -14.48 -2.00 17.34
C GLU D 384 -13.48 -3.08 17.75
N LEU D 385 -13.97 -4.22 18.26
CA LEU D 385 -13.07 -5.34 18.53
C LEU D 385 -12.42 -5.83 17.24
N ALA D 386 -13.21 -5.98 16.18
CA ALA D 386 -12.65 -6.43 14.91
C ALA D 386 -11.64 -5.42 14.37
N ARG D 387 -11.95 -4.14 14.49
CA ARG D 387 -11.02 -3.10 14.04
C ARG D 387 -9.72 -3.13 14.85
N MET D 388 -9.83 -3.36 16.16
CA MET D 388 -8.63 -3.47 16.99
C MET D 388 -7.79 -4.69 16.62
N ILE D 389 -8.44 -5.82 16.35
CA ILE D 389 -7.70 -7.02 15.93
C ILE D 389 -7.00 -6.77 14.61
N LYS D 390 -7.69 -6.14 13.66
CA LYS D 390 -7.05 -5.84 12.38
C LYS D 390 -5.90 -4.85 12.52
N GLU D 391 -6.04 -3.85 13.40
CA GLU D 391 -4.97 -2.89 13.60
C GLU D 391 -3.76 -3.54 14.27
N ALA D 392 -3.98 -4.41 15.25
CA ALA D 392 -2.88 -5.17 15.82
C ALA D 392 -2.36 -6.19 14.82
N ARG D 393 -3.21 -6.62 13.89
CA ARG D 393 -2.85 -7.50 12.77
C ARG D 393 -2.26 -8.82 13.27
N ILE D 394 -3.13 -9.59 13.92
CA ILE D 394 -2.85 -10.97 14.29
C ILE D 394 -3.74 -11.86 13.44
N LEU D 395 -3.18 -13.00 12.99
CA LEU D 395 -3.91 -13.90 12.11
C LEU D 395 -4.96 -14.64 12.94
N PHE D 396 -6.23 -14.32 12.71
CA PHE D 396 -7.31 -14.86 13.51
C PHE D 396 -7.76 -16.24 13.04
N ASN D 397 -7.37 -16.65 11.83
CA ASN D 397 -7.83 -17.93 11.29
C ASN D 397 -6.96 -19.10 11.73
N LYS D 398 -5.80 -18.86 12.34
CA LYS D 398 -4.89 -19.93 12.72
C LYS D 398 -4.66 -19.98 14.23
N LEU D 399 -5.45 -19.25 15.00
CA LEU D 399 -5.28 -19.23 16.45
C LEU D 399 -5.76 -20.54 17.07
N PRO D 400 -5.08 -21.01 18.12
CA PRO D 400 -5.54 -22.20 18.83
C PRO D 400 -6.70 -21.88 19.75
N ASP D 401 -7.10 -22.87 20.53
CA ASP D 401 -8.19 -22.72 21.49
C ASP D 401 -7.64 -22.63 22.90
N GLU D 402 -8.13 -21.63 23.65
CA GLU D 402 -7.68 -21.39 25.01
C GLU D 402 -8.89 -21.24 25.93
N ASP D 403 -8.64 -21.38 27.23
CA ASP D 403 -9.68 -21.36 28.23
C ASP D 403 -9.75 -19.99 28.90
N PHE D 404 -10.91 -19.69 29.47
CA PHE D 404 -11.09 -18.46 30.23
C PHE D 404 -10.42 -18.58 31.59
N ASP D 405 -10.36 -17.46 32.30
CA ASP D 405 -9.72 -17.45 33.60
C ASP D 405 -10.74 -17.60 34.73
N ASP D 406 -10.24 -17.96 35.91
CA ASP D 406 -11.05 -18.21 37.08
C ASP D 406 -11.17 -16.94 37.92
N TYR D 407 -12.29 -16.79 38.63
CA TYR D 407 -13.38 -17.77 38.67
C TYR D 407 -14.60 -17.29 37.90
N TYR D 408 -14.54 -16.07 37.37
CA TYR D 408 -15.64 -15.49 36.60
C TYR D 408 -15.75 -16.06 35.19
N GLY D 409 -14.96 -17.08 34.87
CA GLY D 409 -15.02 -17.71 33.57
C GLY D 409 -15.93 -18.91 33.52
N GLU D 410 -16.38 -19.39 34.68
CA GLU D 410 -17.31 -20.51 34.71
C GLU D 410 -18.66 -20.09 34.11
N SER D 411 -19.18 -20.94 33.24
CA SER D 411 -20.37 -20.62 32.46
C SER D 411 -21.37 -21.77 32.52
N THR D 412 -22.65 -21.41 32.42
CA THR D 412 -23.74 -22.37 32.29
C THR D 412 -24.61 -21.96 31.10
N GLY D 413 -25.27 -22.97 30.51
CA GLY D 413 -26.10 -22.73 29.34
C GLY D 413 -27.27 -21.81 29.62
N ALA D 414 -27.70 -21.72 30.88
CA ALA D 414 -28.72 -20.76 31.26
C ALA D 414 -28.26 -19.32 31.04
N ALA D 415 -26.95 -19.08 31.05
CA ALA D 415 -26.39 -17.76 30.75
C ALA D 415 -25.84 -17.66 29.34
N VAL D 416 -25.87 -18.76 28.58
CA VAL D 416 -25.49 -18.70 27.17
C VAL D 416 -26.72 -18.47 26.30
N ILE D 417 -27.87 -19.01 26.72
CA ILE D 417 -29.13 -18.75 26.03
C ILE D 417 -29.58 -17.34 26.38
N PHE D 418 -28.87 -16.73 27.34
CA PHE D 418 -29.25 -15.41 27.85
C PHE D 418 -29.20 -14.35 26.76
N GLY D 419 -28.22 -14.42 25.86
CA GLY D 419 -28.11 -13.42 24.80
C GLY D 419 -29.27 -13.42 23.83
N ALA D 420 -29.70 -14.60 23.37
CA ALA D 420 -30.82 -14.71 22.45
C ALA D 420 -32.13 -14.38 23.16
N THR D 421 -33.14 -14.07 22.35
CA THR D 421 -34.45 -13.72 22.89
C THR D 421 -35.07 -14.93 23.60
N GLY D 422 -35.77 -14.67 24.69
CA GLY D 422 -36.43 -15.72 25.45
C GLY D 422 -35.55 -16.52 26.38
N GLY D 423 -34.25 -16.23 26.41
CA GLY D 423 -33.35 -16.98 27.27
C GLY D 423 -33.39 -16.57 28.72
N VAL D 424 -33.59 -15.28 29.00
CA VAL D 424 -33.64 -14.82 30.38
C VAL D 424 -34.80 -15.47 31.10
N MET D 425 -35.99 -15.46 30.48
CA MET D 425 -37.15 -16.08 31.10
C MET D 425 -37.00 -17.59 31.15
N GLU D 426 -36.38 -18.18 30.14
CA GLU D 426 -36.10 -19.62 30.18
C GLU D 426 -35.32 -19.99 31.42
N ALA D 427 -34.19 -19.30 31.64
CA ALA D 427 -33.36 -19.60 32.80
C ALA D 427 -34.08 -19.29 34.10
N ALA D 428 -34.83 -18.18 34.14
CA ALA D 428 -35.55 -17.82 35.36
C ALA D 428 -36.58 -18.88 35.72
N VAL D 429 -37.36 -19.35 34.74
CA VAL D 429 -38.35 -20.38 35.00
C VAL D 429 -37.69 -21.69 35.44
N ARG D 430 -36.61 -22.08 34.76
CA ARG D 430 -35.91 -23.30 35.17
C ARG D 430 -35.44 -23.20 36.62
N THR D 431 -34.78 -22.10 36.97
CA THR D 431 -34.24 -21.96 38.33
C THR D 431 -35.36 -21.91 39.37
N VAL D 432 -36.42 -21.15 39.10
CA VAL D 432 -37.48 -21.03 40.10
C VAL D 432 -38.23 -22.35 40.26
N ALA D 433 -38.46 -23.08 39.16
CA ALA D 433 -39.12 -24.37 39.28
C ALA D 433 -38.26 -25.35 40.06
N ASP D 434 -36.95 -25.38 39.79
CA ASP D 434 -36.08 -26.28 40.53
C ASP D 434 -36.04 -25.92 42.01
N VAL D 435 -35.99 -24.62 42.34
CA VAL D 435 -35.91 -24.22 43.74
C VAL D 435 -37.22 -24.53 44.47
N LEU D 436 -38.35 -24.29 43.81
CA LEU D 436 -39.64 -24.35 44.49
C LEU D 436 -40.28 -25.74 44.49
N ASN D 437 -39.99 -26.58 43.50
CA ASN D 437 -40.59 -27.91 43.44
C ASN D 437 -39.63 -29.01 43.03
N LYS D 438 -38.37 -28.68 42.71
CA LYS D 438 -37.47 -29.63 42.03
C LYS D 438 -38.09 -30.11 40.72
N LYS D 439 -38.91 -29.26 40.11
CA LYS D 439 -39.57 -29.57 38.85
C LYS D 439 -38.61 -29.27 37.70
N ASP D 440 -38.23 -30.30 36.95
CA ASP D 440 -37.20 -30.20 35.93
C ASP D 440 -37.87 -29.94 34.59
N ILE D 441 -37.72 -28.71 34.10
CA ILE D 441 -38.18 -28.32 32.77
C ILE D 441 -36.96 -27.95 31.93
N GLN D 442 -37.06 -28.12 30.62
CA GLN D 442 -35.95 -27.86 29.72
C GLN D 442 -36.29 -26.90 28.60
N GLU D 443 -37.54 -26.88 28.14
CA GLU D 443 -37.98 -25.95 27.11
C GLU D 443 -39.41 -25.54 27.38
N ILE D 444 -39.77 -24.34 26.93
CA ILE D 444 -41.10 -23.78 27.13
C ILE D 444 -41.69 -23.49 25.75
N ASP D 445 -42.91 -23.96 25.52
CA ASP D 445 -43.62 -23.71 24.27
C ASP D 445 -44.28 -22.34 24.34
N TYR D 446 -43.97 -21.49 23.36
CA TYR D 446 -44.49 -20.13 23.31
C TYR D 446 -45.55 -20.02 22.22
N GLN D 447 -46.68 -19.41 22.57
CA GLN D 447 -47.82 -19.28 21.67
C GLN D 447 -47.60 -18.11 20.72
N ILE D 448 -47.86 -18.32 19.44
CA ILE D 448 -47.81 -17.25 18.45
C ILE D 448 -49.16 -16.55 18.43
N VAL D 449 -49.14 -15.24 18.65
CA VAL D 449 -50.37 -14.46 18.72
C VAL D 449 -50.73 -13.96 17.32
N ARG D 450 -52.00 -14.12 16.95
CA ARG D 450 -52.46 -13.68 15.65
C ARG D 450 -52.55 -12.14 15.62
N GLY D 451 -52.14 -11.56 14.50
CA GLY D 451 -52.19 -10.13 14.29
C GLY D 451 -50.90 -9.40 14.56
N VAL D 452 -50.19 -9.74 15.63
CA VAL D 452 -48.90 -9.13 15.97
C VAL D 452 -47.88 -10.25 16.07
N ASP D 453 -46.81 -10.14 15.28
CA ASP D 453 -45.76 -11.14 15.25
C ASP D 453 -44.57 -10.67 16.08
N GLY D 454 -44.00 -11.58 16.87
CA GLY D 454 -42.87 -11.27 17.71
C GLY D 454 -43.18 -11.20 19.19
N ILE D 455 -44.45 -11.04 19.56
CA ILE D 455 -44.86 -11.06 20.96
C ILE D 455 -45.27 -12.48 21.33
N LYS D 456 -44.80 -12.94 22.47
CA LYS D 456 -44.95 -14.33 22.87
C LYS D 456 -45.64 -14.41 24.23
N LYS D 457 -46.46 -15.45 24.40
CA LYS D 457 -47.18 -15.69 25.65
C LYS D 457 -47.08 -17.16 26.01
N ALA D 458 -46.91 -17.43 27.31
CA ALA D 458 -46.81 -18.80 27.79
C ALA D 458 -47.33 -18.85 29.22
N SER D 459 -47.64 -20.07 29.67
CA SER D 459 -48.16 -20.30 31.02
C SER D 459 -47.70 -21.68 31.47
N VAL D 460 -46.72 -21.73 32.35
CA VAL D 460 -46.19 -22.97 32.90
C VAL D 460 -46.64 -23.08 34.36
N GLU D 461 -47.09 -24.27 34.75
CA GLU D 461 -47.59 -24.52 36.10
C GLU D 461 -46.40 -24.79 37.02
N VAL D 462 -46.00 -23.78 37.79
CA VAL D 462 -44.89 -23.97 38.72
C VAL D 462 -45.29 -24.91 39.85
N THR D 463 -46.25 -24.51 40.66
CA THR D 463 -46.78 -25.35 41.73
C THR D 463 -48.23 -25.65 41.43
N PRO D 464 -48.76 -26.75 41.97
CA PRO D 464 -50.21 -26.97 41.86
C PRO D 464 -51.03 -25.84 42.45
N ASP D 465 -50.45 -25.05 43.36
CA ASP D 465 -51.11 -23.89 43.93
C ASP D 465 -50.81 -22.59 43.18
N LEU D 466 -49.88 -22.60 42.23
CA LEU D 466 -49.50 -21.36 41.55
C LEU D 466 -49.06 -21.66 40.13
N THR D 467 -49.85 -21.20 39.16
CA THR D 467 -49.48 -21.19 37.76
C THR D 467 -49.09 -19.76 37.37
N VAL D 468 -47.97 -19.61 36.68
CA VAL D 468 -47.41 -18.31 36.37
C VAL D 468 -47.67 -17.97 34.91
N ASN D 469 -48.06 -16.72 34.65
CA ASN D 469 -48.27 -16.25 33.30
C ASN D 469 -47.05 -15.46 32.83
N LEU D 470 -46.68 -15.68 31.56
CA LEU D 470 -45.42 -15.17 31.02
C LEU D 470 -45.70 -14.42 29.73
N VAL D 471 -44.95 -13.33 29.51
CA VAL D 471 -45.01 -12.56 28.27
C VAL D 471 -43.58 -12.21 27.85
N VAL D 472 -43.25 -12.44 26.59
CA VAL D 472 -41.95 -12.11 26.02
C VAL D 472 -42.18 -11.25 24.79
N ALA D 473 -41.43 -10.15 24.68
CA ALA D 473 -41.59 -9.24 23.54
C ALA D 473 -40.25 -8.62 23.18
N HIS D 474 -39.98 -8.52 21.88
CA HIS D 474 -38.79 -7.83 21.39
C HIS D 474 -39.20 -6.94 20.22
N GLY D 475 -38.52 -5.80 20.09
CA GLY D 475 -38.85 -4.83 19.07
C GLY D 475 -39.57 -3.62 19.63
N GLY D 476 -39.36 -2.45 19.01
CA GLY D 476 -39.96 -1.24 19.53
C GLY D 476 -41.46 -1.23 19.49
N ALA D 477 -42.05 -1.66 18.38
CA ALA D 477 -43.50 -1.64 18.24
C ALA D 477 -44.16 -2.66 19.18
N ASN D 478 -43.52 -3.82 19.37
CA ASN D 478 -44.06 -4.80 20.30
C ASN D 478 -44.05 -4.27 21.72
N ILE D 479 -42.97 -3.60 22.13
CA ILE D 479 -42.91 -3.00 23.46
C ILE D 479 -43.97 -1.92 23.60
N ARG D 480 -44.14 -1.09 22.56
CA ARG D 480 -45.18 -0.07 22.58
C ARG D 480 -46.55 -0.69 22.81
N GLU D 481 -46.88 -1.74 22.05
CA GLU D 481 -48.20 -2.36 22.16
C GLU D 481 -48.40 -3.01 23.53
N VAL D 482 -47.38 -3.72 24.02
CA VAL D 482 -47.54 -4.41 25.30
C VAL D 482 -47.64 -3.41 26.44
N MET D 483 -46.89 -2.31 26.39
CA MET D 483 -47.01 -1.29 27.43
C MET D 483 -48.37 -0.60 27.36
N GLU D 484 -48.88 -0.37 26.15
CA GLU D 484 -50.20 0.23 26.02
C GLU D 484 -51.28 -0.68 26.60
N GLN D 485 -51.22 -1.98 26.32
CA GLN D 485 -52.23 -2.88 26.86
C GLN D 485 -52.06 -3.08 28.37
N LEU D 486 -50.82 -3.00 28.87
CA LEU D 486 -50.61 -3.04 30.31
C LEU D 486 -51.23 -1.83 30.99
N LYS D 487 -51.03 -0.64 30.41
CA LYS D 487 -51.65 0.56 30.97
C LYS D 487 -53.17 0.51 30.86
N ALA D 488 -53.70 -0.10 29.81
CA ALA D 488 -55.14 -0.24 29.65
C ALA D 488 -55.76 -1.15 30.71
N GLY D 489 -54.96 -1.98 31.36
CA GLY D 489 -55.48 -2.86 32.41
C GLY D 489 -55.85 -4.25 31.96
N GLU D 490 -55.41 -4.68 30.78
CA GLU D 490 -55.74 -6.01 30.28
C GLU D 490 -54.78 -7.08 30.75
N LEU D 491 -53.69 -6.72 31.41
CA LEU D 491 -52.66 -7.66 31.82
C LEU D 491 -52.61 -7.83 33.34
N ALA D 492 -53.79 -7.91 33.97
CA ALA D 492 -53.83 -8.09 35.42
C ALA D 492 -53.37 -9.48 35.83
N ASP D 493 -53.49 -10.47 34.94
CA ASP D 493 -53.15 -11.84 35.27
C ASP D 493 -51.68 -12.19 34.98
N THR D 494 -50.94 -11.28 34.36
CA THR D 494 -49.56 -11.56 33.98
C THR D 494 -48.66 -11.58 35.21
N HIS D 495 -47.63 -12.43 35.17
CA HIS D 495 -46.62 -12.51 36.21
C HIS D 495 -45.27 -12.02 35.74
N PHE D 496 -44.76 -12.55 34.63
CA PHE D 496 -43.50 -12.12 34.04
C PHE D 496 -43.73 -11.35 32.75
N ILE D 497 -43.02 -10.24 32.60
CA ILE D 497 -42.94 -9.53 31.33
C ILE D 497 -41.48 -9.28 31.03
N GLU D 498 -40.99 -9.83 29.91
CA GLU D 498 -39.63 -9.62 29.45
C GLU D 498 -39.68 -8.81 28.16
N LEU D 499 -38.90 -7.74 28.10
CA LEU D 499 -38.91 -6.82 26.97
C LEU D 499 -37.48 -6.58 26.49
N MET D 500 -37.29 -6.66 25.18
CA MET D 500 -36.01 -6.39 24.54
C MET D 500 -36.21 -5.30 23.51
N ALA D 501 -35.24 -4.38 23.41
CA ALA D 501 -35.38 -3.25 22.49
C ALA D 501 -35.14 -3.68 21.05
N CYS D 502 -33.98 -4.26 20.77
CA CYS D 502 -33.64 -4.64 19.41
C CYS D 502 -34.44 -5.87 19.00
N PRO D 503 -35.13 -5.83 17.86
CA PRO D 503 -35.84 -7.03 17.39
C PRO D 503 -34.90 -8.22 17.24
N GLY D 504 -35.36 -9.38 17.70
CA GLY D 504 -34.58 -10.59 17.64
C GLY D 504 -33.62 -10.81 18.79
N GLY D 505 -33.53 -9.87 19.73
CA GLY D 505 -32.64 -10.00 20.86
C GLY D 505 -31.29 -9.36 20.63
N CYS D 506 -30.36 -9.67 21.52
CA CYS D 506 -29.02 -9.09 21.44
C CYS D 506 -28.16 -9.73 20.35
N VAL D 507 -28.63 -10.81 19.72
CA VAL D 507 -27.92 -11.34 18.56
C VAL D 507 -28.09 -10.43 17.36
N ASN D 508 -29.03 -9.49 17.42
CA ASN D 508 -29.28 -8.52 16.36
C ASN D 508 -29.13 -7.10 16.89
N GLY D 509 -28.05 -6.85 17.64
CA GLY D 509 -27.83 -5.56 18.26
C GLY D 509 -27.24 -4.55 17.30
N GLY D 510 -26.98 -3.36 17.84
CA GLY D 510 -26.47 -2.27 17.03
C GLY D 510 -24.98 -2.32 16.77
N GLY D 511 -24.24 -3.13 17.52
CA GLY D 511 -22.82 -3.25 17.34
C GLY D 511 -22.37 -4.48 16.60
N GLN D 512 -23.28 -5.21 15.98
CA GLN D 512 -22.92 -6.40 15.22
C GLN D 512 -22.49 -6.00 13.81
N PRO D 513 -21.70 -6.86 13.14
CA PRO D 513 -21.29 -6.55 11.77
C PRO D 513 -22.47 -6.40 10.83
N ILE D 514 -22.31 -5.51 9.86
CA ILE D 514 -23.41 -5.15 8.98
C ILE D 514 -23.38 -6.04 7.74
N VAL D 515 -24.54 -6.59 7.37
CA VAL D 515 -24.68 -7.39 6.18
C VAL D 515 -25.61 -6.67 5.21
N SER D 516 -25.39 -6.88 3.92
CA SER D 516 -26.18 -6.23 2.89
C SER D 516 -27.49 -6.97 2.67
N ALA D 517 -28.26 -6.48 1.69
CA ALA D 517 -29.53 -7.14 1.36
C ALA D 517 -29.31 -8.47 0.66
N LYS D 518 -28.21 -8.60 -0.10
CA LYS D 518 -27.93 -9.85 -0.79
C LYS D 518 -27.78 -11.01 0.19
N ASP D 519 -26.91 -10.85 1.19
CA ASP D 519 -26.75 -11.87 2.22
C ASP D 519 -27.96 -11.96 3.14
N LYS D 520 -28.83 -10.95 3.14
CA LYS D 520 -29.98 -10.96 4.03
C LYS D 520 -31.15 -11.73 3.44
N MET D 521 -31.29 -11.71 2.11
CA MET D 521 -32.38 -12.42 1.46
C MET D 521 -32.22 -13.93 1.51
N ASP D 522 -31.00 -14.44 1.45
CA ASP D 522 -30.78 -15.88 1.42
C ASP D 522 -31.14 -16.54 2.75
N ILE D 523 -30.65 -15.99 3.85
CA ILE D 523 -30.81 -16.58 5.17
C ILE D 523 -31.29 -15.51 6.14
N ASP D 524 -32.29 -15.86 6.95
CA ASP D 524 -32.66 -15.03 8.09
C ASP D 524 -31.57 -15.12 9.14
N ILE D 525 -30.89 -14.00 9.42
CA ILE D 525 -29.66 -14.06 10.19
C ILE D 525 -29.94 -14.28 11.68
N ARG D 526 -31.01 -13.67 12.20
CA ARG D 526 -31.31 -13.79 13.62
C ARG D 526 -31.64 -15.23 14.00
N THR D 527 -32.42 -15.92 13.16
CA THR D 527 -32.84 -17.28 13.46
C THR D 527 -31.64 -18.22 13.56
N GLU D 528 -30.71 -18.12 12.61
CA GLU D 528 -29.57 -19.03 12.62
C GLU D 528 -28.52 -18.63 13.65
N ARG D 529 -28.42 -17.34 13.99
CA ARG D 529 -27.60 -16.95 15.14
C ARG D 529 -28.14 -17.55 16.43
N ALA D 530 -29.47 -17.47 16.63
CA ALA D 530 -30.07 -18.10 17.80
C ALA D 530 -29.89 -19.61 17.77
N LYS D 531 -29.94 -20.21 16.58
CA LYS D 531 -29.68 -21.64 16.44
C LYS D 531 -28.27 -22.00 16.87
N ALA D 532 -27.29 -21.17 16.49
CA ALA D 532 -25.92 -21.40 16.94
C ALA D 532 -25.80 -21.27 18.45
N LEU D 533 -26.48 -20.29 19.04
CA LEU D 533 -26.47 -20.16 20.50
C LEU D 533 -27.08 -21.39 21.16
N TYR D 534 -28.19 -21.89 20.63
CA TYR D 534 -28.80 -23.09 21.18
C TYR D 534 -27.91 -24.31 21.02
N ASP D 535 -27.21 -24.43 19.90
CA ASP D 535 -26.28 -25.53 19.69
C ASP D 535 -25.13 -25.46 20.70
N GLU D 536 -24.62 -24.26 20.97
CA GLU D 536 -23.61 -24.11 22.01
C GLU D 536 -24.17 -24.49 23.37
N ASP D 537 -25.45 -24.17 23.61
CA ASP D 537 -26.10 -24.62 24.84
C ASP D 537 -26.12 -26.14 24.92
N ALA D 538 -26.37 -26.80 23.78
CA ALA D 538 -26.40 -28.26 23.76
C ALA D 538 -25.00 -28.88 23.82
N ASN D 539 -23.95 -28.08 23.64
CA ASN D 539 -22.57 -28.55 23.74
C ASN D 539 -21.94 -28.26 25.09
N VAL D 540 -22.67 -27.66 26.02
CA VAL D 540 -22.15 -27.45 27.37
C VAL D 540 -22.47 -28.68 28.21
N LEU D 541 -21.45 -29.45 28.54
CA LEU D 541 -21.61 -30.74 29.19
C LEU D 541 -21.33 -30.71 30.68
N THR D 542 -21.21 -29.53 31.29
CA THR D 542 -20.88 -29.43 32.70
C THR D 542 -22.07 -29.09 33.58
N TYR D 543 -22.82 -28.03 33.27
CA TYR D 543 -23.93 -27.60 34.11
C TYR D 543 -24.88 -26.76 33.27
N ARG D 544 -26.15 -27.14 33.24
CA ARG D 544 -27.15 -26.46 32.43
C ARG D 544 -28.06 -25.54 33.23
N LYS D 545 -27.81 -25.36 34.53
CA LYS D 545 -28.62 -24.50 35.36
C LYS D 545 -27.74 -23.49 36.10
N SER D 546 -28.33 -22.33 36.39
CA SER D 546 -27.56 -21.21 36.93
C SER D 546 -27.11 -21.49 38.37
N HIS D 547 -28.02 -21.97 39.21
CA HIS D 547 -27.72 -22.13 40.62
C HIS D 547 -26.80 -23.31 40.91
N GLN D 548 -26.51 -24.16 39.92
CA GLN D 548 -25.59 -25.27 40.10
C GLN D 548 -24.14 -24.87 39.84
N ASN D 549 -23.88 -23.62 39.50
CA ASN D 549 -22.51 -23.19 39.25
C ASN D 549 -21.76 -23.13 40.58
N PRO D 550 -20.64 -23.85 40.72
CA PRO D 550 -19.88 -23.78 41.98
C PRO D 550 -19.38 -22.39 42.32
N SER D 551 -19.09 -21.56 41.32
CA SER D 551 -18.55 -20.22 41.57
C SER D 551 -19.57 -19.35 42.32
N VAL D 552 -20.82 -19.34 41.85
CA VAL D 552 -21.83 -18.52 42.53
C VAL D 552 -22.15 -19.09 43.90
N ILE D 553 -22.11 -20.41 44.06
CA ILE D 553 -22.33 -21.02 45.37
C ILE D 553 -21.24 -20.57 46.34
N ARG D 554 -19.98 -20.60 45.92
CA ARG D 554 -18.89 -20.13 46.77
C ARG D 554 -19.03 -18.64 47.08
N LEU D 555 -19.42 -17.85 46.07
CA LEU D 555 -19.62 -16.42 46.29
C LEU D 555 -20.67 -16.14 47.34
N TYR D 556 -21.81 -16.83 47.27
CA TYR D 556 -22.87 -16.61 48.25
C TYR D 556 -22.49 -17.19 49.61
N GLU D 557 -21.68 -18.24 49.62
CA GLU D 557 -21.26 -18.84 50.88
C GLU D 557 -20.23 -18.00 51.61
N GLU D 558 -19.41 -17.25 50.88
CA GLU D 558 -18.29 -16.53 51.49
C GLU D 558 -18.55 -15.04 51.66
N TYR D 559 -19.19 -14.39 50.68
CA TYR D 559 -19.25 -12.93 50.69
C TYR D 559 -20.69 -12.40 50.73
N LEU D 560 -21.57 -12.97 49.92
CA LEU D 560 -22.92 -12.42 49.76
C LEU D 560 -23.94 -13.06 50.70
N GLU D 561 -23.53 -14.02 51.53
CA GLU D 561 -24.40 -14.63 52.53
C GLU D 561 -25.63 -15.27 51.89
N GLU D 562 -26.75 -14.54 51.86
CA GLU D 562 -27.98 -15.06 51.28
C GLU D 562 -28.46 -14.11 50.19
N PRO D 563 -29.24 -14.60 49.23
CA PRO D 563 -29.81 -13.71 48.22
C PRO D 563 -30.68 -12.63 48.85
N ASN D 564 -30.63 -11.43 48.25
CA ASN D 564 -31.36 -10.26 48.74
C ASN D 564 -30.98 -9.92 50.18
N SER D 565 -29.71 -10.12 50.51
CA SER D 565 -29.19 -9.70 51.80
C SER D 565 -28.97 -8.19 51.80
N PRO D 566 -28.86 -7.57 52.97
CA PRO D 566 -28.57 -6.13 53.01
C PRO D 566 -27.30 -5.75 52.25
N LYS D 567 -26.26 -6.58 52.31
CA LYS D 567 -25.07 -6.34 51.49
C LYS D 567 -25.39 -6.45 50.01
N ALA D 568 -26.16 -7.47 49.63
CA ALA D 568 -26.56 -7.62 48.23
C ALA D 568 -27.42 -6.45 47.78
N HIS D 569 -28.34 -5.99 48.64
CA HIS D 569 -29.16 -4.84 48.29
C HIS D 569 -28.31 -3.58 48.15
N HIS D 570 -27.28 -3.43 48.98
CA HIS D 570 -26.42 -2.25 48.91
C HIS D 570 -25.53 -2.26 47.66
N ILE D 571 -25.06 -3.43 47.26
CA ILE D 571 -24.07 -3.50 46.19
C ILE D 571 -24.71 -3.70 44.82
N LEU D 572 -25.62 -4.67 44.68
CA LEU D 572 -26.11 -5.08 43.37
C LEU D 572 -27.47 -4.50 43.01
N HIS D 573 -27.97 -3.51 43.74
CA HIS D 573 -29.27 -2.93 43.46
C HIS D 573 -29.16 -1.42 43.25
N THR D 574 -29.95 -0.92 42.31
CA THR D 574 -29.98 0.51 42.00
C THR D 574 -31.43 0.93 41.73
N LYS D 575 -31.66 2.23 41.77
CA LYS D 575 -32.97 2.81 41.51
C LYS D 575 -33.00 3.48 40.15
N TYR D 576 -34.21 3.81 39.69
CA TYR D 576 -34.41 4.41 38.37
C TYR D 576 -35.22 5.69 38.51
N SER D 577 -34.92 6.66 37.65
CA SER D 577 -35.60 7.95 37.65
C SER D 577 -36.03 8.33 36.24
N ALA D 578 -37.09 9.12 36.15
CA ALA D 578 -37.61 9.53 34.85
C ALA D 578 -36.72 10.59 34.22
N LYS D 579 -36.64 10.54 32.88
CA LYS D 579 -35.88 11.49 32.09
C LYS D 579 -36.80 12.35 31.25
N PRO D 580 -36.58 13.66 31.19
CA PRO D 580 -37.43 14.52 30.34
C PRO D 580 -37.20 14.24 28.87
N LYS D 581 -38.24 14.50 28.07
CA LYS D 581 -38.20 14.31 26.64
C LYS D 581 -38.28 15.65 25.91
N LEU D 582 -37.53 15.77 24.82
CA LEU D 582 -37.52 16.97 23.97
C LEU D 582 -37.68 16.51 22.52
N VAL D 583 -38.91 16.33 22.08
CA VAL D 583 -39.19 15.90 20.72
C VAL D 583 -39.98 16.97 19.98
#